data_6PWV
#
_entry.id   6PWV
#
_cell.length_a   1.00
_cell.length_b   1.00
_cell.length_c   1.00
_cell.angle_alpha   90.00
_cell.angle_beta   90.00
_cell.angle_gamma   90.00
#
_symmetry.space_group_name_H-M   'P 1'
#
loop_
_entity.id
_entity.type
_entity.pdbx_description
1 polymer 'Retinoblastoma-binding protein 5'
2 polymer 'WD repeat-containing protein 5'
3 polymer 'Histone-lysine N-methyltransferase 2A'
4 polymer 'Histone H3.2'
5 polymer 'Histone H4'
6 polymer 'Histone H2A type 1'
7 polymer 'Histone H2B 1.1'
8 polymer 'DNA (147-MER)'
9 polymer 'DNA (147-MER)'
10 polymer 'Protein dpy-30 homolog'
11 polymer 'Set1/Ash2 histone methyltransferase complex subunit ASH2'
12 non-polymer S-ADENOSYL-L-HOMOCYSTEINE
13 non-polymer 'ZINC ION'
#
loop_
_entity_poly.entity_id
_entity_poly.type
_entity_poly.pdbx_seq_one_letter_code
_entity_poly.pdbx_strand_id
1 'polypeptide(L)'
;SNLELLESFGQNYPEEADGTLDCISMALTCTFNRWGTLLAVGCNDGRIVIWDFLTRGIAKIISAHIHPVCSLCWSRDGHK
LVSASTDNIVSQWDVLSGDCDQRFRFPSPILKVQYHPRDQNKVLVCPMKSAPVMLTLSDSKHVVLPVDDDSDLNVVASFD
RRGEYIYTGNAKGKILVLKTDSQDLVASFRVTTGTSNTTAIKSIEFARKGSCFLINTADRIIRVYDGREILTCGRDGEPE
PMQKLQDLVNRTPWKKCCFSGDGEYIVAGSARQHALYIWEKSIGNLVKILHGTRGELLLDVAWHPVRPIIASISSGVVSI
WAQNQVENWSAFAPDFKELDENVEYEERESEFDIEDEDKSEPEQTGADAAEDEEVDVTSVDPIAAFCSSDEELEDSKALL
YLPIAPEVEDPEENPYGPPPDAVQTSLMDEGASSEKKRQSSADGSQPPKKKPKTTNIELQGVPNDEVHPLLGVKGDGKSK
KKQAGRPKGSKGKEKDSPFKPKLYKGDRGLPLEGSAKGKVQAELSQPLTAGGAISELL
;
A
2 'polypeptide(L)'
;SATQSKPTPVKPNYALKFTLAGHTKAVSSVKFSPNGEWLASSSADKLIKIWGAYDGKFEKTISGHKLGISDVAWSSDSNL
LVSASDDKTLKIWDVSSGKCLKTLKGHSNYVFCCNFNPQSNLIVSGSFDESVRIWDVKTGKCLKTLPAHSDPVSAVHFNR
DGSLIVSSSYDGLCRIWDTASGQCLKTLIDDDNPPVSFVKFSPNGKYILAATLDNTLKLWDYSKGKCLKTYTGHKNEKYC
IFANFSVTGGKWIVSGSEDNLVYIWNLQTKEIVQKLQGHTDVVISTACHPTENIIASAALENDKTIKLWKSDC
;
B
3 'polypeptide(L)'
;SGSARAEVHLRKSAFDMFNFLASKHRQPPEYNPNDEEEEEVQLKSARRATSMDLPMPMRFRHLKKTSKEAVGVYRSPIHG
RGLFCKRNIDAGEMVIEYAGIVIRSILTDKREKYYDSKGIGCYMFRIDDSEVVDATMHGNAARFINHSCEPNCYSRVINI
DGQKHIVIFAMRKIYRGEELTYDYKFPIEDASNKLPCNCGAKKCRKFLN
;
C
4 'polypeptide(L)'
;MARTKQTARKSTGGKAPRKQLATKAARKSAPATGGVKKPHRYRPGTVALREIRRYQKSTELLIRKLPFQRLVREIAQDFK
TDLRFQSSAVMALQEASEAYLVALFEDTNLCAIHAKRVTIMPKDIQLARRIRGERA
;
G,K
5 'polypeptide(L)'
;MSGRGKGGKGLGKGGAKRHRKVLRDNIQGITKPAIRRLARRGGVKRISGLIYEETRGVLKVFLENVIRDAVTYTEHAKRK
TVTAMDVVYALKRQGRTLYGFGG
;
H,L
6 'polypeptide(L)'
;SGRGKQGGKTRAKAKTRSSRAGLQFPVGRVHRLLRKGNYAERVGAGAPVYLAAVLEYLTAEILELAGNAARDNKKTRIIP
RHLQLAVRNDEELNKLLGRVTIAQGGVLPNIQSVLLPKKTESSKSAKSK
;
I,M
7 'polypeptide(L)'
;AKSAPAPKKGSKKAVTKTQKKDGKKRRKTRKESYAIYVYKVLKQVHPDTGISSKAMSIMNSFVNDVFERIAGEASRLAHY
NKRSTITSREIQTAVRLLLPGELAKHAVSEGTKAVTKYTSAK
;
J,N
8 'polydeoxyribonucleotide'
;(DA)(DT)(DC)(DG)(DA)(DG)(DA)(DA)(DT)(DC)(DC)(DC)(DG)(DG)(DT)(DG)(DC)(DC)(DG)(DA)
(DG)(DG)(DC)(DC)(DG)(DC)(DT)(DC)(DA)(DA)(DT)(DT)(DG)(DG)(DT)(DC)(DG)(DT)(DA)(DG)
(DA)(DC)(DA)(DG)(DC)(DT)(DC)(DT)(DA)(DG)(DC)(DA)(DC)(DC)(DG)(DC)(DT)(DT)(DA)(DA)
(DA)(DC)(DG)(DC)(DA)(DC)(DG)(DT)(DA)(DC)(DG)(DC)(DG)(DC)(DT)(DG)(DT)(DC)(DC)(DC)
(DC)(DC)(DG)(DC)(DG)(DT)(DT)(DT)(DT)(DA)(DA)(DC)(DC)(DG)(DC)(DC)(DA)(DA)(DG)(DG)
(DG)(DG)(DA)(DT)(DT)(DA)(DC)(DT)(DC)(DC)(DC)(DT)(DA)(DG)(DT)(DC)(DT)(DC)(DC)(DA)
(DG)(DG)(DC)(DA)(DC)(DG)(DT)(DG)(DT)(DC)(DA)(DG)(DA)(DT)(DA)(DT)(DA)(DT)(DA)(DC)
(DA)(DT)(DC)(DC)(DG)(DA)(DT)
;
O
9 'polydeoxyribonucleotide'
;(DA)(DT)(DC)(DG)(DG)(DA)(DT)(DG)(DT)(DA)(DT)(DA)(DT)(DA)(DT)(DC)(DT)(DG)(DA)(DC)
(DA)(DC)(DG)(DT)(DG)(DC)(DC)(DT)(DG)(DG)(DA)(DG)(DA)(DC)(DT)(DA)(DG)(DG)(DG)(DA)
(DG)(DT)(DA)(DA)(DT)(DC)(DC)(DC)(DC)(DT)(DT)(DG)(DG)(DC)(DG)(DG)(DT)(DT)(DA)(DA)
(DA)(DA)(DC)(DG)(DC)(DG)(DG)(DG)(DG)(DG)(DA)(DC)(DA)(DG)(DC)(DG)(DC)(DG)(DT)(DA)
(DC)(DG)(DT)(DG)(DC)(DG)(DT)(DT)(DT)(DA)(DA)(DG)(DC)(DG)(DG)(DT)(DG)(DC)(DT)(DA)
(DG)(DA)(DG)(DC)(DT)(DG)(DT)(DC)(DT)(DA)(DC)(DG)(DA)(DC)(DC)(DA)(DA)(DT)(DT)(DG)
(DA)(DG)(DC)(DG)(DG)(DC)(DC)(DT)(DC)(DG)(DG)(DC)(DA)(DC)(DC)(DG)(DG)(DG)(DA)(DT)
(DT)(DC)(DT)(DC)(DG)(DA)(DT)
;
P
10 'polypeptide(L)'
;SGSMEPEQMLEGQTQVAENPHSEYGLTDNVERIVENEKINAEKSSKQKVDLQSLPTRAYLDQTVVPILLQGLAVLAKERP
PNPIEFLASYLLKNKAQFEDRN
;
E,F
11 'polypeptide(L)'
;SDTQAGSVDEENGRQLGEVELQCGICTKWFTADTFGIDTSSCLPFMTNYSFHCNVCHHSGNTYFLRKQANLKEMCLSALA
NLTWQSRTQDEHPKTMFSKDKDIIPFIDKYWECMTTRQRPGKMTWPNNIVKTMSKERDVFLVKEHPDPGSKDPEEDYPKF
GLLDQDLSNIGPAYDNQKQSSAVSTSGNLNGGIAAGSSGKGRGAKRKQQDGGTTGTTKKARSDPLFSAQRLPPHGYPLEH
PFNKDGYRYILAEPDPHAPDPEKLELDCWAGKPIPGDLYRACLYERVLLALHDRAPQLKISDDRLTVVGEKGYSMVRASH
GVRKGAWYFEITVDEMPPDTAARLGWSQPLGNLQAPLGYDKFSYSWRSKKGTKFHQSIGKHYSSGYGQGDVLGFYINLPE
DTETAKSLPDTYKDKALIKFKSYLYFEEKDFVDKAEKSLKQTPHSEIIFYKNGVNQGVAYKDIFEGVYFPAISLYKSCTV
SINFGPCFKYPPKDLTYRPMSDMGWGAVVEHTLADVLYHVETEVDGRRSPPWEP
;
D
#
loop_
_chem_comp.id
_chem_comp.type
_chem_comp.name
_chem_comp.formula
DA DNA linking 2'-DEOXYADENOSINE-5'-MONOPHOSPHATE 'C10 H14 N5 O6 P'
DC DNA linking 2'-DEOXYCYTIDINE-5'-MONOPHOSPHATE 'C9 H14 N3 O7 P'
DG DNA linking 2'-DEOXYGUANOSINE-5'-MONOPHOSPHATE 'C10 H14 N5 O7 P'
DT DNA linking THYMIDINE-5'-MONOPHOSPHATE 'C10 H15 N2 O8 P'
ZN non-polymer 'ZINC ION' 'Zn 2'
#
# COMPACT_ATOMS: atom_id res chain seq x y z
N ASP A 18 24.24 20.39 8.45
CA ASP A 18 24.89 19.16 8.03
C ASP A 18 26.38 19.39 7.88
N GLY A 19 26.90 20.38 8.60
CA GLY A 19 28.31 20.74 8.51
C GLY A 19 28.53 22.13 8.00
N THR A 20 29.06 23.00 8.85
CA THR A 20 29.35 24.39 8.51
C THR A 20 30.85 24.67 8.68
N LEU A 21 31.24 25.90 8.35
CA LEU A 21 32.62 26.34 8.42
C LEU A 21 32.69 27.61 9.24
N ASP A 22 33.48 27.58 10.32
CA ASP A 22 33.65 28.75 11.17
C ASP A 22 34.72 29.71 10.64
N CYS A 23 35.58 29.24 9.74
CA CYS A 23 36.76 29.99 9.34
C CYS A 23 36.45 31.12 8.37
N ILE A 24 35.25 31.17 7.81
CA ILE A 24 34.86 32.23 6.88
C ILE A 24 33.69 32.99 7.48
N SER A 25 33.67 34.30 7.27
CA SER A 25 32.60 35.15 7.74
C SER A 25 32.06 35.98 6.59
N MET A 26 30.84 36.49 6.77
CA MET A 26 30.19 37.36 5.79
C MET A 26 30.00 36.66 4.44
N ALA A 27 29.79 35.35 4.46
CA ALA A 27 29.56 34.62 3.23
C ALA A 27 28.38 35.23 2.47
N LEU A 28 28.61 35.59 1.22
CA LEU A 28 27.59 36.22 0.40
C LEU A 28 27.31 35.47 -0.89
N THR A 29 28.36 35.01 -1.57
CA THR A 29 28.20 34.26 -2.80
C THR A 29 29.38 33.31 -2.94
N CYS A 30 29.11 32.11 -3.44
CA CYS A 30 30.13 31.09 -3.58
C CYS A 30 30.04 30.50 -4.98
N THR A 31 31.11 29.81 -5.38
CA THR A 31 31.17 29.21 -6.70
C THR A 31 32.17 28.06 -6.69
N PHE A 32 31.72 26.88 -7.12
CA PHE A 32 32.60 25.73 -7.22
C PHE A 32 33.57 25.91 -8.39
N ASN A 33 34.75 25.32 -8.24
CA ASN A 33 35.69 25.27 -9.34
C ASN A 33 35.18 24.24 -10.35
N ARG A 34 36.00 23.97 -11.37
CA ARG A 34 35.55 23.07 -12.43
C ARG A 34 35.39 21.63 -11.91
N TRP A 35 36.21 21.22 -10.95
CA TRP A 35 36.17 19.87 -10.44
C TRP A 35 35.61 19.76 -9.04
N GLY A 36 35.03 20.82 -8.50
CA GLY A 36 34.50 20.75 -7.16
C GLY A 36 35.55 20.45 -6.11
N THR A 37 36.69 21.12 -6.19
CA THR A 37 37.75 20.98 -5.20
C THR A 37 37.92 22.23 -4.36
N LEU A 38 37.64 23.40 -4.91
CA LEU A 38 37.76 24.67 -4.22
C LEU A 38 36.44 25.44 -4.30
N LEU A 39 36.27 26.37 -3.38
CA LEU A 39 35.06 27.18 -3.29
C LEU A 39 35.47 28.62 -3.01
N ALA A 40 35.24 29.51 -3.96
CA ALA A 40 35.49 30.93 -3.77
C ALA A 40 34.23 31.59 -3.27
N VAL A 41 34.26 32.10 -2.04
CA VAL A 41 33.11 32.76 -1.43
C VAL A 41 33.44 34.24 -1.25
N GLY A 42 32.48 35.10 -1.61
CA GLY A 42 32.64 36.52 -1.36
C GLY A 42 32.22 36.90 0.05
N CYS A 43 32.84 37.94 0.57
CA CYS A 43 32.51 38.41 1.90
C CYS A 43 32.11 39.89 1.86
N ASN A 44 31.43 40.32 2.93
CA ASN A 44 30.93 41.68 2.98
C ASN A 44 32.06 42.70 2.94
N ASP A 45 33.20 42.37 3.52
CA ASP A 45 34.36 43.24 3.38
C ASP A 45 34.80 43.40 1.95
N GLY A 46 34.29 42.58 1.04
CA GLY A 46 34.75 42.58 -0.33
C GLY A 46 35.94 41.69 -0.58
N ARG A 47 36.12 40.65 0.23
CA ARG A 47 37.24 39.73 0.10
C ARG A 47 36.77 38.41 -0.51
N ILE A 48 37.67 37.79 -1.26
CA ILE A 48 37.49 36.43 -1.76
C ILE A 48 38.16 35.49 -0.78
N VAL A 49 37.39 34.53 -0.28
CA VAL A 49 37.92 33.44 0.52
C VAL A 49 37.80 32.17 -0.31
N ILE A 50 38.92 31.68 -0.81
CA ILE A 50 38.95 30.41 -1.54
C ILE A 50 39.26 29.33 -0.53
N TRP A 51 38.26 28.50 -0.25
CA TRP A 51 38.31 27.48 0.77
C TRP A 51 38.34 26.11 0.10
N ASP A 52 39.13 25.18 0.65
CA ASP A 52 39.30 23.88 0.04
C ASP A 52 38.46 22.82 0.73
N PHE A 53 37.93 21.90 -0.06
CA PHE A 53 37.04 20.86 0.45
C PHE A 53 37.82 19.75 1.12
N LEU A 54 38.90 19.30 0.49
CA LEU A 54 39.62 18.14 1.00
C LEU A 54 40.33 18.48 2.30
N THR A 55 41.23 19.46 2.26
CA THR A 55 41.88 19.90 3.49
C THR A 55 40.89 20.56 4.43
N ARG A 56 39.70 20.89 3.94
CA ARG A 56 38.67 21.54 4.74
C ARG A 56 39.20 22.82 5.37
N GLY A 57 39.92 23.60 4.57
CA GLY A 57 40.47 24.86 5.05
C GLY A 57 40.53 25.88 3.92
N ILE A 58 40.77 27.13 4.32
CA ILE A 58 40.87 28.21 3.36
C ILE A 58 42.17 28.08 2.57
N ALA A 59 42.07 28.17 1.25
CA ALA A 59 43.26 28.08 0.40
C ALA A 59 43.83 29.43 0.03
N LYS A 60 43.02 30.49 0.02
CA LYS A 60 43.49 31.79 -0.44
C LYS A 60 42.57 32.87 0.09
N ILE A 61 43.14 34.07 0.27
CA ILE A 61 42.39 35.26 0.61
C ILE A 61 42.82 36.37 -0.34
N ILE A 62 41.87 36.94 -1.06
CA ILE A 62 42.12 37.98 -2.05
C ILE A 62 41.40 39.25 -1.63
N SER A 63 42.12 40.36 -1.58
CA SER A 63 41.53 41.67 -1.36
C SER A 63 40.92 42.12 -2.68
N ALA A 64 39.68 41.72 -2.92
CA ALA A 64 39.02 42.01 -4.19
C ALA A 64 38.54 43.45 -4.25
N HIS A 65 37.61 43.80 -3.37
CA HIS A 65 37.02 45.13 -3.36
C HIS A 65 36.81 45.57 -1.92
N ILE A 66 36.58 46.88 -1.76
CA ILE A 66 36.09 47.36 -0.47
C ILE A 66 34.62 47.05 -0.33
N HIS A 67 33.90 46.94 -1.45
CA HIS A 67 32.51 46.62 -1.68
C HIS A 67 32.32 45.11 -1.69
N PRO A 68 31.25 44.61 -1.09
CA PRO A 68 31.00 43.17 -1.11
C PRO A 68 30.88 42.66 -2.53
N VAL A 69 31.20 41.38 -2.71
CA VAL A 69 31.17 40.74 -4.02
C VAL A 69 29.87 39.94 -4.12
N CYS A 70 29.13 40.17 -5.22
CA CYS A 70 27.84 39.52 -5.43
C CYS A 70 27.82 38.58 -6.62
N SER A 71 28.94 38.45 -7.35
CA SER A 71 28.98 37.56 -8.50
C SER A 71 30.39 37.05 -8.66
N LEU A 72 30.53 35.73 -8.76
CA LEU A 72 31.82 35.07 -8.77
C LEU A 72 31.78 33.87 -9.71
N CYS A 73 32.78 33.76 -10.59
CA CYS A 73 32.83 32.63 -11.50
C CYS A 73 34.27 32.18 -11.72
N TRP A 74 34.46 30.87 -11.76
CA TRP A 74 35.76 30.25 -12.02
C TRP A 74 36.02 30.18 -13.52
N SER A 75 37.30 30.11 -13.87
CA SER A 75 37.67 29.82 -15.24
C SER A 75 37.69 28.32 -15.47
N ARG A 76 37.66 27.93 -16.74
CA ARG A 76 37.67 26.51 -17.08
C ARG A 76 38.94 25.85 -16.56
N ASP A 77 40.09 26.43 -16.87
CA ASP A 77 41.34 25.97 -16.28
C ASP A 77 41.38 26.20 -14.78
N GLY A 78 40.44 26.99 -14.25
CA GLY A 78 40.40 27.30 -12.84
C GLY A 78 41.40 28.33 -12.38
N HIS A 79 42.24 28.84 -13.27
CA HIS A 79 43.28 29.80 -12.89
C HIS A 79 42.78 31.23 -12.88
N LYS A 80 41.55 31.48 -13.33
CA LYS A 80 40.97 32.82 -13.35
C LYS A 80 39.61 32.80 -12.67
N LEU A 81 39.33 33.87 -11.93
CA LEU A 81 38.04 34.08 -11.31
C LEU A 81 37.58 35.49 -11.62
N VAL A 82 36.37 35.62 -12.14
CA VAL A 82 35.76 36.92 -12.36
C VAL A 82 34.89 37.24 -11.15
N SER A 83 35.05 38.46 -10.63
CA SER A 83 34.34 38.91 -9.45
C SER A 83 33.68 40.25 -9.75
N ALA A 84 32.50 40.47 -9.17
CA ALA A 84 31.76 41.71 -9.34
C ALA A 84 31.51 42.31 -7.96
N SER A 85 31.98 43.53 -7.76
CA SER A 85 31.68 44.24 -6.53
C SER A 85 30.31 44.88 -6.61
N THR A 86 29.83 45.37 -5.48
CA THR A 86 28.65 46.21 -5.48
C THR A 86 28.96 47.63 -5.93
N ASP A 87 30.23 47.96 -6.11
CA ASP A 87 30.64 49.25 -6.65
C ASP A 87 30.64 49.27 -8.16
N ASN A 88 29.90 48.35 -8.79
CA ASN A 88 29.88 48.19 -10.24
C ASN A 88 31.28 47.94 -10.78
N ILE A 89 32.13 47.33 -9.97
CA ILE A 89 33.52 47.07 -10.32
C ILE A 89 33.68 45.58 -10.55
N VAL A 90 33.98 45.20 -11.78
CA VAL A 90 34.27 43.81 -12.13
C VAL A 90 35.77 43.68 -12.27
N SER A 91 36.30 42.54 -11.84
CA SER A 91 37.75 42.33 -11.85
C SER A 91 38.05 40.85 -12.00
N GLN A 92 39.06 40.56 -12.81
CA GLN A 92 39.57 39.20 -12.99
C GLN A 92 40.80 39.00 -12.13
N TRP A 93 40.88 37.84 -11.50
CA TRP A 93 41.94 37.54 -10.55
C TRP A 93 42.51 36.16 -10.84
N ASP A 94 43.83 36.06 -10.86
CA ASP A 94 44.49 34.76 -10.94
C ASP A 94 44.39 34.07 -9.59
N VAL A 95 43.96 32.81 -9.59
CA VAL A 95 43.72 32.12 -8.33
C VAL A 95 45.02 31.82 -7.61
N LEU A 96 46.11 31.65 -8.35
CA LEU A 96 47.38 31.37 -7.69
C LEU A 96 47.93 32.63 -7.01
N SER A 97 47.86 33.77 -7.68
CA SER A 97 48.44 35.00 -7.17
C SER A 97 47.44 35.90 -6.47
N GLY A 98 46.21 35.99 -6.97
CA GLY A 98 45.25 36.92 -6.41
C GLY A 98 45.34 38.32 -6.95
N ASP A 99 46.06 38.53 -8.05
CA ASP A 99 46.18 39.86 -8.65
C ASP A 99 44.94 40.20 -9.46
N CYS A 100 44.63 41.48 -9.53
CA CYS A 100 43.53 41.95 -10.37
C CYS A 100 44.02 41.98 -11.81
N ASP A 101 43.74 40.91 -12.55
CA ASP A 101 44.20 40.81 -13.93
C ASP A 101 43.64 41.97 -14.77
N GLN A 102 42.33 42.15 -14.73
CA GLN A 102 41.68 43.26 -15.40
C GLN A 102 40.60 43.82 -14.50
N ARG A 103 40.22 45.07 -14.75
CA ARG A 103 39.20 45.72 -13.95
C ARG A 103 38.41 46.69 -14.82
N PHE A 104 37.10 46.62 -14.71
CA PHE A 104 36.19 47.46 -15.48
C PHE A 104 35.07 47.97 -14.58
N ARG A 105 34.41 49.03 -15.03
CA ARG A 105 33.29 49.61 -14.31
C ARG A 105 32.24 50.07 -15.30
N PHE A 106 30.98 50.03 -14.86
CA PHE A 106 29.85 50.30 -15.76
C PHE A 106 28.80 51.14 -15.05
N PRO A 107 27.77 51.60 -15.76
CA PRO A 107 26.55 52.07 -15.09
C PRO A 107 25.58 50.91 -14.89
N SER A 108 24.51 51.20 -14.16
CA SER A 108 23.45 50.21 -13.91
C SER A 108 24.07 48.98 -13.23
N PRO A 109 24.37 49.05 -11.92
CA PRO A 109 25.26 48.08 -11.27
C PRO A 109 25.09 46.64 -11.69
N ILE A 110 26.20 45.91 -11.78
CA ILE A 110 26.19 44.58 -12.38
C ILE A 110 25.41 43.62 -11.51
N LEU A 111 24.50 42.87 -12.13
CA LEU A 111 23.79 41.82 -11.43
C LEU A 111 24.54 40.50 -11.45
N LYS A 112 25.28 40.22 -12.52
CA LYS A 112 25.92 38.92 -12.65
C LYS A 112 27.06 39.00 -13.65
N VAL A 113 28.05 38.14 -13.46
CA VAL A 113 29.09 37.89 -14.44
C VAL A 113 29.07 36.40 -14.76
N GLN A 114 29.66 36.05 -15.90
CA GLN A 114 29.71 34.65 -16.31
C GLN A 114 30.81 34.47 -17.34
N TYR A 115 31.88 33.78 -16.98
CA TYR A 115 32.89 33.38 -17.96
C TYR A 115 32.22 32.60 -19.09
N HIS A 116 32.79 32.71 -20.28
CA HIS A 116 32.34 31.82 -21.33
C HIS A 116 32.93 30.44 -21.11
N PRO A 117 32.11 29.39 -21.11
CA PRO A 117 32.62 28.07 -20.69
C PRO A 117 33.70 27.52 -21.59
N ARG A 118 33.70 27.87 -22.88
CA ARG A 118 34.68 27.37 -23.81
C ARG A 118 35.64 28.44 -24.30
N ASP A 119 35.56 29.65 -23.75
CA ASP A 119 36.52 30.70 -24.05
C ASP A 119 36.59 31.62 -22.85
N GLN A 120 37.57 31.39 -21.98
CA GLN A 120 37.70 32.20 -20.77
C GLN A 120 38.07 33.65 -21.06
N ASN A 121 38.57 33.95 -22.27
CA ASN A 121 38.79 35.34 -22.64
C ASN A 121 37.49 36.11 -22.65
N LYS A 122 36.39 35.48 -23.03
CA LYS A 122 35.09 36.12 -23.10
C LYS A 122 34.33 35.92 -21.80
N VAL A 123 33.54 36.93 -21.44
CA VAL A 123 32.72 36.90 -20.24
C VAL A 123 31.50 37.77 -20.47
N LEU A 124 30.32 37.21 -20.19
CA LEU A 124 29.08 37.95 -20.26
C LEU A 124 28.81 38.61 -18.91
N VAL A 125 28.13 39.75 -18.96
CA VAL A 125 27.81 40.52 -17.77
C VAL A 125 26.36 40.98 -17.86
N CYS A 126 25.57 40.64 -16.86
CA CYS A 126 24.20 41.12 -16.74
C CYS A 126 24.19 42.29 -15.76
N PRO A 127 23.99 43.51 -16.23
CA PRO A 127 23.88 44.65 -15.32
C PRO A 127 22.46 44.79 -14.79
N MET A 128 22.27 45.77 -13.91
CA MET A 128 20.96 45.97 -13.30
C MET A 128 19.96 46.48 -14.31
N LYS A 129 20.19 47.67 -14.85
CA LYS A 129 19.20 48.34 -15.68
C LYS A 129 19.51 48.25 -17.17
N SER A 130 20.74 47.96 -17.54
CA SER A 130 21.14 47.90 -18.94
C SER A 130 21.16 46.46 -19.43
N ALA A 131 21.30 46.32 -20.74
CA ALA A 131 21.32 45.01 -21.35
C ALA A 131 22.62 44.29 -21.00
N PRO A 132 22.61 42.96 -20.95
CA PRO A 132 23.85 42.22 -20.75
C PRO A 132 24.82 42.45 -21.91
N VAL A 133 26.10 42.56 -21.57
CA VAL A 133 27.14 42.85 -22.53
C VAL A 133 28.22 41.78 -22.40
N MET A 134 28.73 41.31 -23.53
CA MET A 134 29.77 40.30 -23.54
C MET A 134 31.11 40.97 -23.88
N LEU A 135 32.06 40.89 -22.95
CA LEU A 135 33.37 41.49 -23.11
C LEU A 135 34.41 40.39 -23.31
N THR A 136 35.60 40.82 -23.73
CA THR A 136 36.76 39.95 -23.78
C THR A 136 37.85 40.52 -22.91
N LEU A 137 38.74 39.64 -22.44
CA LEU A 137 39.84 40.08 -21.60
C LEU A 137 41.05 40.49 -22.43
N SER A 138 41.33 39.75 -23.52
CA SER A 138 42.42 40.12 -24.41
C SER A 138 42.28 41.56 -24.88
N ASP A 139 41.15 41.87 -25.51
CA ASP A 139 40.81 43.22 -25.91
C ASP A 139 39.66 43.72 -25.06
N SER A 140 39.79 44.93 -24.53
CA SER A 140 38.77 45.52 -23.66
C SER A 140 37.60 46.04 -24.49
N LYS A 141 37.06 45.16 -25.32
CA LYS A 141 35.89 45.46 -26.13
C LYS A 141 34.64 44.90 -25.47
N HIS A 142 33.49 45.22 -26.05
CA HIS A 142 32.22 44.78 -25.48
C HIS A 142 31.17 44.76 -26.57
N VAL A 143 30.33 43.73 -26.55
CA VAL A 143 29.23 43.57 -27.49
C VAL A 143 27.93 43.60 -26.69
N VAL A 144 27.12 44.60 -26.94
CA VAL A 144 25.84 44.73 -26.26
C VAL A 144 24.84 43.78 -26.91
N LEU A 145 24.31 42.88 -26.12
CA LEU A 145 23.36 41.91 -26.66
C LEU A 145 22.00 42.58 -26.87
N PRO A 146 21.26 42.17 -27.89
CA PRO A 146 19.98 42.82 -28.19
C PRO A 146 18.94 42.55 -27.11
N VAL A 147 17.92 43.42 -27.10
CA VAL A 147 16.80 43.32 -26.18
C VAL A 147 15.51 43.33 -27.01
N ASP A 148 14.63 42.37 -26.75
CA ASP A 148 13.43 42.22 -27.56
C ASP A 148 12.52 43.43 -27.40
N ASP A 149 12.06 43.69 -26.18
CA ASP A 149 11.02 44.66 -25.94
C ASP A 149 11.55 46.08 -25.74
N ASP A 150 12.86 46.24 -25.63
CA ASP A 150 13.51 47.55 -25.56
C ASP A 150 13.17 48.29 -24.27
N SER A 151 12.38 47.66 -23.40
CA SER A 151 11.98 48.31 -22.15
C SER A 151 11.97 47.34 -20.97
N ASP A 152 12.73 46.25 -21.05
CA ASP A 152 12.74 45.29 -19.94
C ASP A 152 13.45 45.87 -18.73
N LEU A 153 14.65 46.41 -18.93
CA LEU A 153 15.47 47.03 -17.88
C LEU A 153 15.95 45.99 -16.89
N ASN A 154 15.48 44.75 -17.03
CA ASN A 154 15.91 43.66 -16.15
C ASN A 154 15.85 42.37 -16.97
N VAL A 155 16.99 42.00 -17.53
CA VAL A 155 17.12 40.80 -18.34
C VAL A 155 18.29 39.99 -17.79
N VAL A 156 18.01 38.78 -17.37
CA VAL A 156 19.06 37.86 -16.98
C VAL A 156 19.54 37.14 -18.24
N ALA A 157 20.80 36.73 -18.26
CA ALA A 157 21.36 36.08 -19.43
C ALA A 157 22.38 35.04 -19.00
N SER A 158 22.56 34.02 -19.84
CA SER A 158 23.47 32.93 -19.49
C SER A 158 23.95 32.23 -20.75
N PHE A 159 25.20 31.77 -20.72
CA PHE A 159 25.67 30.85 -21.73
C PHE A 159 25.01 29.49 -21.54
N ASP A 160 24.97 28.70 -22.61
CA ASP A 160 24.55 27.32 -22.52
C ASP A 160 25.72 26.48 -22.00
N ARG A 161 25.57 25.15 -22.05
CA ARG A 161 26.60 24.29 -21.46
C ARG A 161 27.93 24.42 -22.20
N ARG A 162 27.89 24.62 -23.51
CA ARG A 162 29.10 24.74 -24.31
C ARG A 162 29.46 26.18 -24.67
N GLY A 163 28.64 27.15 -24.27
CA GLY A 163 28.91 28.51 -24.66
C GLY A 163 28.62 28.82 -26.11
N GLU A 164 27.72 28.06 -26.74
CA GLU A 164 27.38 28.29 -28.14
C GLU A 164 26.19 29.20 -28.32
N TYR A 165 25.33 29.32 -27.32
CA TYR A 165 24.16 30.18 -27.40
C TYR A 165 24.02 30.96 -26.10
N ILE A 166 23.29 32.07 -26.18
CA ILE A 166 23.04 32.95 -25.06
C ILE A 166 21.53 32.99 -24.84
N TYR A 167 21.11 32.67 -23.62
CA TYR A 167 19.71 32.66 -23.25
C TYR A 167 19.44 33.86 -22.38
N THR A 168 18.55 34.74 -22.85
CA THR A 168 18.22 35.98 -22.17
C THR A 168 16.74 36.01 -21.85
N GLY A 169 16.42 36.19 -20.58
CA GLY A 169 15.05 36.26 -20.13
C GLY A 169 14.74 37.59 -19.47
N ASN A 170 13.63 38.22 -19.88
CA ASN A 170 13.29 39.55 -19.41
C ASN A 170 12.32 39.48 -18.24
N ALA A 171 12.09 40.65 -17.64
CA ALA A 171 11.06 40.74 -16.62
C ALA A 171 9.66 40.48 -17.16
N LYS A 172 9.49 40.47 -18.48
CA LYS A 172 8.20 40.24 -19.11
C LYS A 172 8.10 38.86 -19.73
N GLY A 173 8.76 37.87 -19.14
CA GLY A 173 8.66 36.48 -19.56
C GLY A 173 9.17 36.17 -20.93
N LYS A 174 9.70 37.15 -21.67
CA LYS A 174 10.20 36.89 -23.00
C LYS A 174 11.60 36.29 -22.92
N ILE A 175 11.85 35.30 -23.78
CA ILE A 175 13.05 34.48 -23.76
C ILE A 175 13.63 34.50 -25.15
N LEU A 176 14.85 35.03 -25.27
CA LEU A 176 15.58 35.08 -26.53
C LEU A 176 16.77 34.16 -26.47
N VAL A 177 16.96 33.36 -27.51
CA VAL A 177 18.13 32.52 -27.65
C VAL A 177 18.90 33.08 -28.83
N LEU A 178 20.06 33.66 -28.53
CA LEU A 178 20.95 34.22 -29.53
C LEU A 178 22.13 33.28 -29.72
N LYS A 179 22.86 33.46 -30.81
CA LYS A 179 24.12 32.76 -30.98
C LYS A 179 25.24 33.62 -30.42
N THR A 180 26.13 32.97 -29.67
CA THR A 180 27.11 33.70 -28.87
C THR A 180 28.04 34.55 -29.73
N ASP A 181 28.24 34.18 -30.98
CA ASP A 181 29.19 34.89 -31.83
C ASP A 181 28.56 36.05 -32.56
N SER A 182 27.36 35.85 -33.11
CA SER A 182 26.71 36.85 -33.94
C SER A 182 25.62 37.61 -33.19
N GLN A 183 25.24 37.17 -32.00
CA GLN A 183 24.12 37.74 -31.26
C GLN A 183 22.83 37.71 -32.07
N ASP A 184 22.75 36.83 -33.06
CA ASP A 184 21.58 36.73 -33.90
C ASP A 184 20.51 35.89 -33.21
N LEU A 185 19.26 36.28 -33.38
CA LEU A 185 18.14 35.62 -32.71
C LEU A 185 17.94 34.25 -33.31
N VAL A 186 18.38 33.21 -32.62
CA VAL A 186 18.22 31.85 -33.13
C VAL A 186 16.96 31.18 -32.61
N ALA A 187 16.37 31.69 -31.54
CA ALA A 187 15.10 31.17 -31.03
C ALA A 187 14.46 32.21 -30.14
N SER A 188 13.16 32.07 -29.93
CA SER A 188 12.44 33.01 -29.07
C SER A 188 11.12 32.41 -28.64
N PHE A 189 10.69 32.78 -27.44
CA PHE A 189 9.35 32.45 -26.93
C PHE A 189 9.15 33.15 -25.61
N ARG A 190 7.90 33.46 -25.30
CA ARG A 190 7.55 34.06 -24.02
C ARG A 190 6.91 33.00 -23.13
N VAL A 191 7.37 32.91 -21.90
CA VAL A 191 6.77 31.99 -20.94
C VAL A 191 5.48 32.61 -20.41
N THR A 192 4.56 31.75 -19.97
CA THR A 192 3.26 32.19 -19.50
C THR A 192 3.07 31.87 -18.03
N THR A 193 2.24 32.67 -17.38
CA THR A 193 1.74 32.37 -16.04
C THR A 193 0.55 31.43 -16.06
N GLY A 194 0.40 30.68 -17.15
CA GLY A 194 -0.75 29.83 -17.33
C GLY A 194 -1.85 30.51 -18.13
N THR A 195 -2.50 31.50 -17.52
CA THR A 195 -3.66 32.11 -18.17
C THR A 195 -3.32 32.89 -19.43
N SER A 196 -2.76 34.10 -19.25
CA SER A 196 -2.23 34.87 -20.37
C SER A 196 -1.07 35.79 -19.99
N ASN A 197 -0.60 35.78 -18.75
CA ASN A 197 0.28 36.82 -18.25
C ASN A 197 1.75 36.42 -18.29
N THR A 198 2.61 37.42 -18.26
CA THR A 198 4.05 37.22 -18.18
C THR A 198 4.49 37.17 -16.72
N THR A 199 5.75 36.81 -16.53
CA THR A 199 6.34 36.73 -15.19
C THR A 199 7.80 37.14 -15.29
N ALA A 200 8.30 37.79 -14.25
CA ALA A 200 9.68 38.23 -14.24
C ALA A 200 10.62 37.03 -14.21
N ILE A 201 11.46 36.90 -15.23
CA ILE A 201 12.41 35.80 -15.28
C ILE A 201 13.45 36.05 -14.20
N LYS A 202 13.37 35.28 -13.10
CA LYS A 202 14.31 35.51 -12.00
C LYS A 202 15.71 35.09 -12.39
N SER A 203 15.85 33.94 -13.06
CA SER A 203 17.17 33.42 -13.37
C SER A 203 17.07 32.31 -14.40
N ILE A 204 18.16 32.10 -15.14
CA ILE A 204 18.32 31.02 -16.10
C ILE A 204 19.52 30.20 -15.69
N GLU A 205 19.33 28.89 -15.51
CA GLU A 205 20.43 28.00 -15.20
C GLU A 205 20.48 26.89 -16.23
N PHE A 206 21.67 26.33 -16.42
CA PHE A 206 21.90 25.26 -17.37
C PHE A 206 22.54 24.08 -16.66
N ALA A 207 22.55 22.94 -17.33
CA ALA A 207 23.21 21.75 -16.82
C ALA A 207 24.63 21.64 -17.38
N ARG A 208 25.58 21.37 -16.49
CA ARG A 208 26.96 21.13 -16.92
C ARG A 208 27.10 19.85 -17.71
N LYS A 209 26.05 19.03 -17.75
CA LYS A 209 26.04 17.80 -18.53
C LYS A 209 24.72 17.71 -19.28
N GLY A 210 24.81 17.48 -20.59
CA GLY A 210 23.61 17.35 -21.40
C GLY A 210 23.11 18.67 -21.96
N SER A 211 21.79 18.82 -22.04
CA SER A 211 21.22 20.05 -22.58
C SER A 211 20.00 20.56 -21.81
N CYS A 212 19.61 19.91 -20.73
CA CYS A 212 18.46 20.37 -19.95
C CYS A 212 18.86 21.61 -19.17
N PHE A 213 17.95 22.59 -19.15
CA PHE A 213 18.18 23.83 -18.41
C PHE A 213 16.90 24.19 -17.67
N LEU A 214 17.02 25.12 -16.74
CA LEU A 214 15.91 25.52 -15.88
C LEU A 214 15.77 27.03 -15.87
N ILE A 215 14.56 27.48 -15.56
CA ILE A 215 14.25 28.89 -15.41
C ILE A 215 13.54 29.07 -14.09
N ASN A 216 14.07 29.97 -13.25
CA ASN A 216 13.35 30.46 -12.09
C ASN A 216 12.65 31.75 -12.46
N THR A 217 11.37 31.84 -12.14
CA THR A 217 10.53 32.95 -12.53
C THR A 217 9.84 33.53 -11.31
N ALA A 218 9.20 34.68 -11.51
CA ALA A 218 8.50 35.34 -10.41
C ALA A 218 7.27 34.58 -9.96
N ASP A 219 6.76 33.66 -10.77
CA ASP A 219 5.60 32.88 -10.34
C ASP A 219 5.94 31.84 -9.32
N ARG A 220 7.17 31.82 -8.82
CA ARG A 220 7.68 30.79 -7.91
C ARG A 220 7.62 29.40 -8.52
N ILE A 221 7.55 29.31 -9.85
CA ILE A 221 7.46 28.03 -10.54
C ILE A 221 8.70 27.89 -11.41
N ILE A 222 9.48 26.86 -11.14
CA ILE A 222 10.65 26.56 -11.95
C ILE A 222 10.21 25.78 -13.17
N ARG A 223 10.72 26.18 -14.33
CA ARG A 223 10.36 25.55 -15.59
C ARG A 223 11.60 24.94 -16.21
N VAL A 224 11.58 23.63 -16.40
CA VAL A 224 12.72 22.89 -16.93
C VAL A 224 12.44 22.59 -18.39
N TYR A 225 13.38 22.93 -19.26
CA TYR A 225 13.28 22.71 -20.69
C TYR A 225 14.52 21.98 -21.18
N ASP A 226 14.47 21.57 -22.45
CA ASP A 226 15.62 21.04 -23.17
C ASP A 226 15.91 21.98 -24.33
N GLY A 227 17.11 22.56 -24.34
CA GLY A 227 17.42 23.63 -25.28
C GLY A 227 17.26 23.23 -26.74
N ARG A 228 17.47 21.95 -27.05
CA ARG A 228 17.25 21.48 -28.41
C ARG A 228 15.82 21.71 -28.84
N GLU A 229 14.88 21.53 -27.90
CA GLU A 229 13.48 21.73 -28.22
C GLU A 229 13.17 23.20 -28.46
N ILE A 230 13.90 24.11 -27.81
CA ILE A 230 13.73 25.53 -28.09
C ILE A 230 14.34 25.87 -29.44
N LEU A 231 15.49 25.28 -29.75
CA LEU A 231 16.12 25.53 -31.04
C LEU A 231 15.24 25.06 -32.19
N THR A 232 14.63 23.88 -32.04
CA THR A 232 13.71 23.37 -33.06
C THR A 232 12.35 24.05 -33.00
N CYS A 233 12.02 24.69 -31.87
CA CYS A 233 10.79 25.46 -31.78
C CYS A 233 10.88 26.74 -32.58
N GLY A 234 12.08 27.24 -32.85
CA GLY A 234 12.26 28.43 -33.63
C GLY A 234 11.87 29.68 -32.86
N ARG A 235 11.85 30.79 -33.60
CA ARG A 235 11.50 32.08 -33.03
C ARG A 235 9.99 32.17 -32.82
N ASP A 236 9.61 32.72 -31.66
CA ASP A 236 8.20 33.00 -31.34
C ASP A 236 7.36 31.72 -31.44
N GLY A 237 7.78 30.71 -30.68
CA GLY A 237 7.04 29.47 -30.65
C GLY A 237 6.47 29.17 -29.28
N GLU A 238 5.89 27.98 -29.13
CA GLU A 238 5.26 27.55 -27.87
C GLU A 238 5.97 26.28 -27.39
N PRO A 239 7.17 26.40 -26.84
CA PRO A 239 7.86 25.20 -26.34
C PRO A 239 7.37 24.86 -24.94
N GLU A 240 7.03 23.62 -24.76
CA GLU A 240 6.59 23.28 -23.41
C GLU A 240 7.79 22.92 -22.54
N PRO A 241 7.68 23.07 -21.23
CA PRO A 241 8.79 22.71 -20.35
C PRO A 241 8.94 21.21 -20.25
N MET A 242 10.18 20.77 -20.03
CA MET A 242 10.42 19.40 -19.63
C MET A 242 9.70 19.10 -18.32
N GLN A 243 9.66 20.08 -17.41
CA GLN A 243 9.06 19.88 -16.10
C GLN A 243 8.61 21.21 -15.54
N LYS A 244 7.64 21.13 -14.63
CA LYS A 244 7.16 22.27 -13.86
C LYS A 244 7.30 21.92 -12.39
N LEU A 245 7.96 22.78 -11.62
CA LEU A 245 8.36 22.44 -10.27
C LEU A 245 8.01 23.59 -9.34
N GLN A 246 7.36 23.28 -8.23
CA GLN A 246 6.95 24.31 -7.29
C GLN A 246 6.61 23.66 -5.96
N ASP A 247 6.45 24.52 -4.94
CA ASP A 247 5.95 24.10 -3.64
C ASP A 247 4.45 24.33 -3.64
N LEU A 248 3.72 23.33 -4.15
CA LEU A 248 2.27 23.38 -4.15
C LEU A 248 1.69 23.53 -2.75
N VAL A 249 2.48 23.28 -1.71
CA VAL A 249 1.99 23.34 -0.34
C VAL A 249 2.12 24.75 0.23
N ASN A 250 3.30 25.35 0.09
CA ASN A 250 3.56 26.65 0.69
C ASN A 250 3.59 27.79 -0.31
N ARG A 251 3.74 27.50 -1.60
CA ARG A 251 3.86 28.54 -2.63
C ARG A 251 4.98 29.52 -2.28
N THR A 252 6.17 28.97 -2.17
CA THR A 252 7.36 29.66 -1.71
C THR A 252 8.20 30.16 -2.87
N PRO A 253 8.69 31.39 -2.81
CA PRO A 253 9.63 31.86 -3.82
C PRO A 253 10.97 31.13 -3.71
N TRP A 254 11.79 31.31 -4.72
CA TRP A 254 13.07 30.63 -4.84
C TRP A 254 14.15 31.68 -5.07
N LYS A 255 14.96 31.91 -4.04
CA LYS A 255 16.04 32.89 -4.17
C LYS A 255 17.12 32.40 -5.12
N LYS A 256 17.41 31.10 -5.09
CA LYS A 256 18.45 30.53 -5.92
C LYS A 256 18.23 29.04 -6.07
N CYS A 257 18.41 28.53 -7.29
CA CYS A 257 18.24 27.12 -7.59
C CYS A 257 19.42 26.64 -8.41
N CYS A 258 19.60 25.32 -8.44
CA CYS A 258 20.64 24.77 -9.30
C CYS A 258 20.41 23.28 -9.54
N PHE A 259 20.93 22.81 -10.67
CA PHE A 259 20.88 21.40 -11.01
C PHE A 259 21.81 20.60 -10.10
N SER A 260 21.78 19.29 -10.26
CA SER A 260 22.84 18.45 -9.73
C SER A 260 24.00 18.43 -10.72
N GLY A 261 25.13 17.88 -10.27
CA GLY A 261 26.28 17.78 -11.14
C GLY A 261 26.00 16.97 -12.39
N ASP A 262 25.31 15.84 -12.22
CA ASP A 262 24.92 15.04 -13.37
C ASP A 262 23.82 15.73 -14.18
N GLY A 263 22.92 16.43 -13.50
CA GLY A 263 21.78 17.03 -14.15
C GLY A 263 20.48 16.26 -14.01
N GLU A 264 20.37 15.35 -13.05
CA GLU A 264 19.13 14.62 -12.82
C GLU A 264 18.48 14.97 -11.50
N TYR A 265 19.04 15.92 -10.76
CA TYR A 265 18.44 16.39 -9.52
C TYR A 265 18.50 17.90 -9.49
N ILE A 266 17.44 18.52 -9.00
CA ILE A 266 17.30 19.97 -9.02
C ILE A 266 16.95 20.43 -7.61
N VAL A 267 17.62 21.49 -7.15
CA VAL A 267 17.40 22.01 -5.81
C VAL A 267 16.99 23.47 -5.91
N ALA A 268 16.11 23.87 -5.00
CA ALA A 268 15.60 25.22 -4.88
C ALA A 268 15.77 25.68 -3.44
N GLY A 269 16.12 26.95 -3.27
CA GLY A 269 16.30 27.50 -1.96
C GLY A 269 15.15 28.40 -1.53
N SER A 270 14.34 27.91 -0.61
CA SER A 270 13.24 28.68 -0.04
C SER A 270 13.83 29.64 0.99
N ALA A 271 14.14 30.85 0.54
CA ALA A 271 14.59 31.88 1.48
C ALA A 271 13.45 32.37 2.36
N ARG A 272 12.20 32.13 1.95
CA ARG A 272 11.07 32.50 2.79
C ARG A 272 11.10 31.75 4.11
N GLN A 273 11.39 30.45 4.08
CA GLN A 273 11.50 29.64 5.29
C GLN A 273 12.85 28.97 5.43
N HIS A 274 13.85 29.36 4.64
CA HIS A 274 15.20 28.86 4.74
C HIS A 274 15.22 27.33 4.68
N ALA A 275 14.72 26.82 3.57
CA ALA A 275 14.68 25.38 3.33
C ALA A 275 15.22 25.10 1.94
N LEU A 276 15.41 23.82 1.64
CA LEU A 276 15.96 23.39 0.37
C LEU A 276 15.10 22.25 -0.16
N TYR A 277 14.51 22.47 -1.32
CA TYR A 277 13.70 21.45 -1.97
C TYR A 277 14.52 20.76 -3.04
N ILE A 278 14.37 19.44 -3.15
CA ILE A 278 15.14 18.63 -4.07
C ILE A 278 14.17 17.76 -4.85
N TRP A 279 14.05 18.02 -6.14
CA TRP A 279 13.26 17.24 -7.08
C TRP A 279 14.18 16.48 -8.02
N GLU A 280 13.59 15.59 -8.81
CA GLU A 280 14.29 14.93 -9.88
C GLU A 280 14.06 15.66 -11.20
N LYS A 281 14.73 15.18 -12.26
CA LYS A 281 14.56 15.78 -13.57
C LYS A 281 13.52 15.04 -14.41
N SER A 282 13.74 13.73 -14.61
CA SER A 282 12.85 12.97 -15.48
C SER A 282 11.44 12.90 -14.90
N ILE A 283 11.30 12.30 -13.72
CA ILE A 283 10.01 12.26 -13.07
C ILE A 283 9.64 13.64 -12.56
N GLY A 284 10.58 14.29 -11.89
CA GLY A 284 10.31 15.57 -11.29
C GLY A 284 9.76 15.51 -9.88
N ASN A 285 9.62 14.30 -9.32
CA ASN A 285 9.13 14.18 -7.95
C ASN A 285 10.17 14.72 -6.98
N LEU A 286 9.69 15.27 -5.88
CA LEU A 286 10.58 15.84 -4.88
C LEU A 286 11.41 14.74 -4.24
N VAL A 287 12.73 14.81 -4.44
CA VAL A 287 13.63 13.90 -3.73
C VAL A 287 13.47 14.08 -2.22
N LYS A 288 13.65 15.31 -1.75
CA LYS A 288 13.72 15.52 -0.31
C LYS A 288 13.65 17.01 0.01
N ILE A 289 13.77 17.31 1.30
CA ILE A 289 13.79 18.67 1.82
C ILE A 289 14.83 18.74 2.93
N LEU A 290 15.61 19.80 2.93
CA LEU A 290 16.57 20.08 4.00
C LEU A 290 16.18 21.37 4.69
N HIS A 291 16.11 21.33 6.02
CA HIS A 291 15.68 22.46 6.82
C HIS A 291 16.89 23.08 7.51
N GLY A 292 17.06 24.39 7.33
CA GLY A 292 18.10 25.13 8.00
C GLY A 292 17.61 25.82 9.25
N THR A 293 18.47 26.68 9.79
CA THR A 293 18.11 27.44 10.98
C THR A 293 16.95 28.36 10.65
N ARG A 294 15.84 28.19 11.38
CA ARG A 294 14.65 28.98 11.12
C ARG A 294 14.94 30.47 11.20
N GLY A 295 15.96 30.86 11.96
CA GLY A 295 16.35 32.26 12.05
C GLY A 295 17.30 32.75 10.98
N GLU A 296 17.82 31.86 10.15
CA GLU A 296 18.77 32.24 9.10
C GLU A 296 18.04 32.64 7.82
N LEU A 297 18.53 33.70 7.19
CA LEU A 297 17.98 34.16 5.92
C LEU A 297 18.81 33.55 4.79
N LEU A 298 18.18 32.66 4.01
CA LEU A 298 18.88 31.97 2.94
C LEU A 298 19.23 32.94 1.82
N LEU A 299 20.49 32.89 1.37
CA LEU A 299 20.99 33.81 0.36
C LEU A 299 21.47 33.11 -0.91
N ASP A 300 22.36 32.13 -0.78
CA ASP A 300 23.04 31.54 -1.92
C ASP A 300 23.00 30.01 -1.84
N VAL A 301 22.97 29.38 -3.02
CA VAL A 301 22.83 27.93 -3.14
C VAL A 301 23.74 27.45 -4.27
N ALA A 302 24.42 26.34 -4.03
CA ALA A 302 25.24 25.72 -5.07
C ALA A 302 25.36 24.24 -4.80
N TRP A 303 25.61 23.48 -5.87
CA TRP A 303 25.78 22.03 -5.78
C TRP A 303 27.21 21.67 -6.16
N HIS A 304 27.78 20.70 -5.45
CA HIS A 304 29.07 20.16 -5.85
C HIS A 304 28.95 19.54 -7.24
N PRO A 305 29.84 19.89 -8.17
CA PRO A 305 29.65 19.43 -9.55
C PRO A 305 29.84 17.94 -9.74
N VAL A 306 30.56 17.27 -8.85
CA VAL A 306 30.80 15.84 -9.01
C VAL A 306 30.55 15.10 -7.70
N ARG A 307 29.84 15.74 -6.79
CA ARG A 307 29.52 15.12 -5.51
C ARG A 307 28.09 15.44 -5.11
N PRO A 308 27.44 14.57 -4.32
CA PRO A 308 26.14 14.89 -3.71
C PRO A 308 26.29 15.86 -2.54
N ILE A 309 27.11 16.90 -2.75
CA ILE A 309 27.41 17.89 -1.73
C ILE A 309 26.83 19.22 -2.18
N ILE A 310 26.24 19.94 -1.24
CA ILE A 310 25.50 21.15 -1.54
C ILE A 310 25.95 22.22 -0.56
N ALA A 311 26.38 23.36 -1.09
CA ALA A 311 26.82 24.49 -0.30
C ALA A 311 25.70 25.52 -0.21
N SER A 312 25.49 26.03 0.99
CA SER A 312 24.45 27.01 1.26
C SER A 312 25.05 28.19 1.98
N ILE A 313 24.65 29.39 1.60
CA ILE A 313 25.09 30.62 2.23
C ILE A 313 23.84 31.32 2.78
N SER A 314 23.83 31.51 4.10
CA SER A 314 22.68 32.09 4.78
C SER A 314 23.17 32.89 5.97
N SER A 315 22.77 34.16 6.03
CA SER A 315 23.15 35.06 7.12
C SER A 315 24.68 35.12 7.27
N GLY A 316 25.37 35.07 6.14
CA GLY A 316 26.82 35.13 6.11
C GLY A 316 27.52 33.86 6.51
N VAL A 317 26.79 32.77 6.74
CA VAL A 317 27.37 31.51 7.19
C VAL A 317 27.11 30.45 6.13
N VAL A 318 28.13 29.63 5.87
CA VAL A 318 28.04 28.57 4.88
C VAL A 318 27.79 27.24 5.58
N SER A 319 26.92 26.42 4.98
CA SER A 319 26.64 25.08 5.44
C SER A 319 26.83 24.10 4.29
N ILE A 320 27.19 22.88 4.65
CA ILE A 320 27.50 21.83 3.69
C ILE A 320 26.53 20.67 3.90
N TRP A 321 26.03 20.11 2.81
CA TRP A 321 25.06 19.03 2.85
C TRP A 321 25.54 17.92 1.94
N ALA A 322 26.08 16.86 2.53
CA ALA A 322 26.55 15.71 1.77
C ALA A 322 25.51 14.62 1.79
N GLN A 323 25.81 13.53 1.09
CA GLN A 323 24.91 12.39 1.02
C GLN A 323 25.77 11.14 0.89
N ASN A 324 25.72 10.27 1.91
CA ASN A 324 26.56 9.09 1.97
C ASN A 324 25.78 7.83 1.62
N GLN A 325 26.53 6.76 1.33
CA GLN A 325 25.95 5.48 0.92
C GLN A 325 25.59 4.65 2.14
N VAL A 326 25.28 3.37 1.93
CA VAL A 326 24.88 2.50 3.04
C VAL A 326 26.06 2.15 3.93
N GLU A 327 27.27 2.14 3.37
CA GLU A 327 28.47 1.75 4.10
C GLU A 327 28.96 2.89 4.99
N ASN A 328 30.22 2.81 5.39
CA ASN A 328 30.93 3.57 6.41
C ASN A 328 30.63 3.03 7.81
N TRP A 329 29.64 2.15 7.97
CA TRP A 329 29.69 1.14 9.03
C TRP A 329 29.10 -0.20 8.63
N SER A 330 28.31 -0.28 7.56
CA SER A 330 27.55 -1.47 7.23
C SER A 330 28.32 -2.45 6.33
N ALA A 331 29.63 -2.29 6.21
CA ALA A 331 30.43 -3.21 5.41
C ALA A 331 31.58 -3.78 6.23
N PHE A 336 30.96 -10.41 7.50
CA PHE A 336 29.85 -11.10 6.88
C PHE A 336 29.38 -10.37 5.63
N LYS A 337 28.25 -10.81 5.07
CA LYS A 337 27.62 -10.16 3.93
C LYS A 337 26.32 -9.54 4.43
N GLU A 338 26.27 -8.21 4.44
CA GLU A 338 25.12 -7.50 4.99
C GLU A 338 23.88 -7.71 4.12
N LEU A 339 22.79 -8.10 4.76
CA LEU A 339 21.48 -8.18 4.11
C LEU A 339 20.49 -7.30 4.86
N ASP A 340 19.37 -7.01 4.20
CA ASP A 340 18.32 -6.16 4.76
C ASP A 340 17.14 -6.96 5.31
N GLU A 341 16.69 -7.98 4.60
CA GLU A 341 15.49 -8.73 4.97
C GLU A 341 15.86 -10.20 5.07
N ASN A 342 15.09 -10.93 5.88
CA ASN A 342 15.38 -12.34 6.12
C ASN A 342 15.34 -13.15 4.83
N VAL A 343 16.20 -14.16 4.77
CA VAL A 343 16.39 -14.95 3.55
C VAL A 343 16.07 -16.40 3.86
N GLU A 344 15.05 -16.94 3.21
CA GLU A 344 14.74 -18.36 3.36
C GLU A 344 15.82 -19.19 2.67
N TYR A 345 16.45 -20.08 3.42
CA TYR A 345 17.49 -20.91 2.84
C TYR A 345 16.91 -21.87 1.82
N GLU A 346 17.53 -21.93 0.64
CA GLU A 346 17.10 -22.82 -0.43
C GLU A 346 17.78 -24.16 -0.23
N GLU A 347 17.04 -25.14 0.28
CA GLU A 347 17.60 -26.47 0.51
C GLU A 347 17.76 -27.22 -0.81
N ARG A 348 18.82 -28.01 -0.90
CA ARG A 348 19.17 -28.71 -2.12
C ARG A 348 18.67 -30.16 -2.09
N GLU A 349 18.87 -30.84 -3.22
CA GLU A 349 18.56 -32.26 -3.29
C GLU A 349 19.49 -33.07 -2.40
N SER A 350 20.80 -32.85 -2.53
CA SER A 350 21.79 -33.49 -1.68
C SER A 350 22.06 -32.69 -0.41
N GLU A 351 21.09 -31.88 0.03
CA GLU A 351 21.29 -31.03 1.20
C GLU A 351 21.56 -31.85 2.45
N PHE A 352 20.94 -33.03 2.57
CA PHE A 352 21.18 -33.93 3.68
C PHE A 352 22.08 -35.10 3.29
N ASP A 353 22.41 -35.23 2.01
CA ASP A 353 23.27 -36.33 1.57
C ASP A 353 24.69 -36.15 2.08
N ILE A 354 25.43 -37.25 2.09
CA ILE A 354 26.83 -37.22 2.47
C ILE A 354 27.64 -36.55 1.37
N LYS B 11 65.50 -10.20 -17.81
CA LYS B 11 65.74 -10.31 -16.38
C LYS B 11 66.79 -9.30 -15.92
N PRO B 12 66.61 -8.74 -14.74
CA PRO B 12 67.53 -7.71 -14.25
C PRO B 12 68.87 -8.29 -13.84
N ASN B 13 69.86 -7.42 -13.81
CA ASN B 13 71.23 -7.74 -13.43
C ASN B 13 71.74 -6.72 -12.42
N TYR B 14 70.93 -6.47 -11.40
CA TYR B 14 71.27 -5.47 -10.39
C TYR B 14 72.56 -5.83 -9.68
N ALA B 15 73.52 -4.91 -9.70
CA ALA B 15 74.79 -5.08 -9.03
C ALA B 15 74.96 -3.99 -7.98
N LEU B 16 75.62 -4.33 -6.88
CA LEU B 16 75.86 -3.38 -5.82
C LEU B 16 76.79 -2.27 -6.30
N LYS B 17 76.37 -1.03 -6.10
CA LYS B 17 77.12 0.16 -6.50
C LYS B 17 77.52 1.01 -5.32
N PHE B 18 76.65 1.15 -4.31
CA PHE B 18 76.94 1.97 -3.15
C PHE B 18 76.31 1.33 -1.91
N THR B 19 77.09 1.26 -0.84
CA THR B 19 76.62 0.77 0.44
C THR B 19 76.55 1.93 1.41
N LEU B 20 75.41 2.08 2.06
CA LEU B 20 75.11 3.23 2.90
C LEU B 20 74.80 2.74 4.31
N ALA B 21 75.26 3.48 5.31
CA ALA B 21 75.07 3.08 6.70
C ALA B 21 75.30 4.29 7.59
N GLY B 22 74.92 4.15 8.85
CA GLY B 22 75.07 5.23 9.79
C GLY B 22 73.98 5.31 10.84
N HIS B 23 72.85 4.65 10.60
CA HIS B 23 71.79 4.61 11.60
C HIS B 23 72.23 3.75 12.78
N THR B 24 72.26 4.35 13.97
CA THR B 24 72.72 3.65 15.16
C THR B 24 71.81 2.51 15.56
N LYS B 25 70.60 2.44 15.01
CA LYS B 25 69.65 1.42 15.39
C LYS B 25 69.03 0.78 14.16
N ALA B 26 68.02 -0.06 14.37
CA ALA B 26 67.42 -0.81 13.27
C ALA B 26 66.70 0.12 12.31
N VAL B 27 67.07 0.04 11.03
CA VAL B 27 66.41 0.82 9.99
C VAL B 27 64.99 0.30 9.82
N SER B 28 64.03 1.22 9.67
CA SER B 28 62.63 0.87 9.51
C SER B 28 62.07 1.20 8.15
N SER B 29 62.67 2.15 7.41
CA SER B 29 62.16 2.51 6.10
C SER B 29 63.22 3.29 5.33
N VAL B 30 63.29 3.04 4.03
CA VAL B 30 64.09 3.82 3.11
C VAL B 30 63.24 4.12 1.88
N LYS B 31 63.25 5.38 1.44
CA LYS B 31 62.39 5.82 0.36
C LYS B 31 63.17 6.72 -0.59
N PHE B 32 63.01 6.47 -1.89
CA PHE B 32 63.58 7.34 -2.90
C PHE B 32 62.75 8.60 -3.05
N SER B 33 63.42 9.73 -3.19
CA SER B 33 62.71 10.96 -3.48
C SER B 33 62.06 10.85 -4.86
N PRO B 34 60.86 11.40 -5.05
CA PRO B 34 60.20 11.28 -6.36
C PRO B 34 61.02 11.80 -7.52
N ASN B 35 61.84 12.82 -7.31
CA ASN B 35 62.78 13.24 -8.33
C ASN B 35 63.99 12.31 -8.42
N GLY B 36 64.10 11.34 -7.52
CA GLY B 36 65.26 10.48 -7.51
C GLY B 36 66.53 11.14 -7.05
N GLU B 37 66.44 12.28 -6.38
CA GLU B 37 67.62 13.02 -5.96
C GLU B 37 68.16 12.58 -4.61
N TRP B 38 67.29 12.16 -3.71
CA TRP B 38 67.71 11.80 -2.36
C TRP B 38 67.12 10.45 -1.97
N LEU B 39 67.67 9.91 -0.89
CA LEU B 39 67.17 8.71 -0.26
C LEU B 39 66.98 9.00 1.22
N ALA B 40 65.75 8.90 1.69
CA ALA B 40 65.42 9.13 3.09
C ALA B 40 65.37 7.80 3.81
N SER B 41 66.10 7.69 4.92
CA SER B 41 66.19 6.47 5.69
C SER B 41 65.78 6.76 7.11
N SER B 42 64.73 6.11 7.58
CA SER B 42 64.26 6.23 8.95
C SER B 42 64.70 5.02 9.75
N SER B 43 64.85 5.20 11.05
CA SER B 43 65.25 4.10 11.92
C SER B 43 64.68 4.35 13.32
N ALA B 44 64.82 3.33 14.17
CA ALA B 44 64.37 3.44 15.55
C ALA B 44 65.26 4.33 16.40
N ASP B 45 66.30 4.94 15.82
CA ASP B 45 67.22 5.79 16.55
C ASP B 45 66.76 7.24 16.63
N LYS B 46 65.48 7.51 16.36
CA LYS B 46 64.91 8.85 16.37
C LYS B 46 65.57 9.77 15.35
N LEU B 47 66.28 9.19 14.39
CA LEU B 47 67.00 9.96 13.37
C LEU B 47 66.51 9.58 11.99
N ILE B 48 66.48 10.57 11.11
CA ILE B 48 66.27 10.34 9.69
C ILE B 48 67.56 10.73 8.99
N LYS B 49 67.86 10.05 7.89
CA LYS B 49 69.08 10.34 7.14
C LYS B 49 68.76 10.53 5.68
N ILE B 50 69.02 11.72 5.17
CA ILE B 50 68.97 12.01 3.74
C ILE B 50 70.33 11.71 3.16
N TRP B 51 70.35 10.96 2.07
CA TRP B 51 71.57 10.60 1.37
C TRP B 51 71.42 10.92 -0.10
N GLY B 52 72.56 11.05 -0.79
CA GLY B 52 72.54 11.21 -2.23
C GLY B 52 72.06 9.94 -2.89
N ALA B 53 71.12 10.09 -3.84
CA ALA B 53 70.48 8.92 -4.43
C ALA B 53 71.31 8.26 -5.53
N TYR B 54 72.35 8.93 -6.03
CA TYR B 54 73.15 8.37 -7.11
C TYR B 54 74.59 8.05 -6.74
N ASP B 55 75.12 8.66 -5.68
CA ASP B 55 76.50 8.41 -5.27
C ASP B 55 76.61 7.83 -3.87
N GLY B 56 75.49 7.64 -3.17
CA GLY B 56 75.56 7.23 -1.78
C GLY B 56 76.12 8.27 -0.85
N LYS B 57 76.08 9.54 -1.24
CA LYS B 57 76.63 10.62 -0.43
C LYS B 57 75.63 11.00 0.66
N PHE B 58 76.05 10.86 1.91
CA PHE B 58 75.21 11.20 3.05
C PHE B 58 74.91 12.69 3.04
N GLU B 59 73.65 13.06 2.77
CA GLU B 59 73.29 14.46 2.72
C GLU B 59 73.26 15.07 4.11
N LYS B 60 72.42 14.55 5.00
CA LYS B 60 72.33 15.09 6.35
C LYS B 60 71.50 14.14 7.22
N THR B 61 71.45 14.46 8.50
CA THR B 61 70.58 13.77 9.46
C THR B 61 69.61 14.77 10.05
N ILE B 62 68.34 14.40 10.09
CA ILE B 62 67.27 15.21 10.65
C ILE B 62 66.75 14.49 11.88
N SER B 63 66.91 15.12 13.04
CA SER B 63 66.38 14.61 14.29
C SER B 63 65.30 15.53 14.80
N GLY B 64 64.67 15.13 15.91
CA GLY B 64 63.60 15.90 16.50
C GLY B 64 62.50 15.01 17.01
N HIS B 65 62.38 13.82 16.45
CA HIS B 65 61.43 12.84 16.96
C HIS B 65 61.93 12.28 18.29
N LYS B 66 60.98 12.00 19.18
CA LYS B 66 61.29 11.61 20.55
C LYS B 66 61.47 10.12 20.74
N LEU B 67 60.95 9.30 19.83
CA LEU B 67 61.06 7.85 19.95
C LEU B 67 61.45 7.28 18.59
N GLY B 68 61.49 5.95 18.49
CA GLY B 68 61.86 5.31 17.25
C GLY B 68 60.92 5.68 16.12
N ILE B 69 61.45 5.68 14.91
CA ILE B 69 60.70 6.06 13.72
C ILE B 69 60.34 4.78 12.97
N SER B 70 59.04 4.61 12.68
CA SER B 70 58.57 3.41 12.01
C SER B 70 58.30 3.60 10.53
N ASP B 71 58.18 4.85 10.07
CA ASP B 71 57.93 5.12 8.66
C ASP B 71 58.27 6.57 8.35
N VAL B 72 58.61 6.80 7.08
CA VAL B 72 58.83 8.14 6.55
C VAL B 72 58.39 8.15 5.10
N ALA B 73 57.83 9.27 4.65
CA ALA B 73 57.32 9.35 3.29
C ALA B 73 57.62 10.72 2.70
N TRP B 74 57.98 10.72 1.42
CA TRP B 74 58.36 11.93 0.70
C TRP B 74 57.12 12.71 0.29
N SER B 75 57.35 13.99 -0.01
CA SER B 75 56.35 14.78 -0.71
C SER B 75 56.51 14.59 -2.22
N SER B 76 55.41 14.84 -2.95
CA SER B 76 55.43 14.67 -4.39
C SER B 76 56.39 15.63 -5.08
N ASP B 77 56.49 16.86 -4.58
CA ASP B 77 57.41 17.85 -5.11
C ASP B 77 58.83 17.68 -4.59
N SER B 78 59.10 16.59 -3.88
CA SER B 78 60.40 16.35 -3.28
C SER B 78 60.82 17.49 -2.37
N ASN B 79 59.85 18.11 -1.70
CA ASN B 79 60.13 19.23 -0.81
C ASN B 79 59.80 18.95 0.65
N LEU B 80 58.96 17.97 0.94
CA LEU B 80 58.55 17.68 2.31
C LEU B 80 58.70 16.19 2.59
N LEU B 81 58.84 15.88 3.86
CA LEU B 81 58.95 14.50 4.32
C LEU B 81 58.15 14.34 5.61
N VAL B 82 57.23 13.40 5.61
CA VAL B 82 56.45 13.07 6.81
C VAL B 82 57.14 11.91 7.50
N SER B 83 57.30 12.03 8.81
CA SER B 83 57.98 11.03 9.62
C SER B 83 57.03 10.54 10.70
N ALA B 84 56.65 9.28 10.63
CA ALA B 84 55.79 8.66 11.63
C ALA B 84 56.66 7.92 12.63
N SER B 85 56.65 8.35 13.88
CA SER B 85 57.55 7.77 14.85
C SER B 85 56.77 7.04 15.94
N ASP B 86 57.51 6.23 16.70
CA ASP B 86 56.94 5.52 17.84
C ASP B 86 56.58 6.45 18.99
N ASP B 87 56.87 7.74 18.87
CA ASP B 87 56.48 8.72 19.88
C ASP B 87 55.01 9.12 19.75
N LYS B 88 54.22 8.35 19.00
CA LYS B 88 52.82 8.62 18.71
C LYS B 88 52.64 9.88 17.88
N THR B 89 53.72 10.40 17.29
CA THR B 89 53.64 11.66 16.56
C THR B 89 54.10 11.46 15.12
N LEU B 90 53.49 12.24 14.25
CA LEU B 90 54.03 12.49 12.93
C LEU B 90 54.83 13.79 12.99
N LYS B 91 55.66 14.00 11.98
CA LYS B 91 56.40 15.25 11.87
C LYS B 91 56.66 15.54 10.41
N ILE B 92 56.15 16.68 9.93
CA ILE B 92 56.36 17.12 8.57
C ILE B 92 57.56 18.04 8.53
N TRP B 93 58.51 17.72 7.68
CA TRP B 93 59.78 18.42 7.57
C TRP B 93 59.95 18.97 6.17
N ASP B 94 60.55 20.16 6.09
CA ASP B 94 61.06 20.66 4.82
C ASP B 94 62.37 19.95 4.52
N VAL B 95 62.43 19.25 3.39
CA VAL B 95 63.61 18.44 3.09
C VAL B 95 64.82 19.34 2.83
N SER B 96 64.59 20.58 2.40
CA SER B 96 65.70 21.46 2.07
C SER B 96 66.32 22.08 3.30
N SER B 97 65.50 22.46 4.28
CA SER B 97 66.00 23.09 5.50
C SER B 97 66.08 22.13 6.68
N GLY B 98 65.40 21.00 6.62
CA GLY B 98 65.37 20.12 7.77
C GLY B 98 64.54 20.65 8.92
N LYS B 99 63.71 21.65 8.67
CA LYS B 99 62.91 22.25 9.72
C LYS B 99 61.66 21.43 10.01
N CYS B 100 61.37 21.25 11.30
CA CYS B 100 60.13 20.60 11.72
C CYS B 100 59.00 21.59 11.49
N LEU B 101 58.51 21.62 10.25
CA LEU B 101 57.41 22.52 9.93
C LEU B 101 56.17 22.16 10.75
N LYS B 102 55.92 20.87 10.96
CA LYS B 102 54.76 20.48 11.75
C LYS B 102 55.08 19.25 12.57
N THR B 103 54.40 19.12 13.71
CA THR B 103 54.43 17.92 14.53
C THR B 103 52.99 17.51 14.81
N LEU B 104 52.58 16.37 14.28
CA LEU B 104 51.20 15.92 14.29
C LEU B 104 50.98 15.06 15.53
N LYS B 105 50.14 15.54 16.44
CA LYS B 105 49.78 14.87 17.68
C LYS B 105 48.31 14.45 17.62
N GLY B 106 48.02 13.30 18.21
CA GLY B 106 46.64 12.83 18.21
C GLY B 106 46.52 11.32 18.13
N HIS B 107 47.51 10.66 17.55
CA HIS B 107 47.57 9.21 17.62
C HIS B 107 47.83 8.77 19.05
N SER B 108 46.96 7.91 19.57
CA SER B 108 47.05 7.50 20.96
C SER B 108 48.11 6.43 21.20
N ASN B 109 48.79 5.96 20.16
CA ASN B 109 49.80 4.93 20.35
C ASN B 109 50.82 5.03 19.22
N TYR B 110 51.70 4.03 19.12
CA TYR B 110 52.82 4.08 18.19
C TYR B 110 52.34 4.23 16.76
N VAL B 111 52.81 5.27 16.08
CA VAL B 111 52.48 5.50 14.68
C VAL B 111 53.48 4.71 13.83
N PHE B 112 52.96 3.87 12.95
CA PHE B 112 53.78 2.94 12.19
C PHE B 112 53.94 3.28 10.73
N CYS B 113 52.95 3.92 10.10
CA CYS B 113 53.04 4.22 8.70
C CYS B 113 52.47 5.61 8.43
N CYS B 114 52.86 6.17 7.30
CA CYS B 114 52.45 7.52 6.91
C CYS B 114 52.66 7.69 5.42
N ASN B 115 51.75 8.42 4.78
CA ASN B 115 51.82 8.63 3.34
C ASN B 115 51.10 9.91 2.98
N PHE B 116 51.61 10.61 1.97
CA PHE B 116 50.99 11.81 1.44
C PHE B 116 49.94 11.46 0.40
N ASN B 117 49.01 12.39 0.19
CA ASN B 117 48.07 12.26 -0.90
C ASN B 117 48.78 12.54 -2.22
N PRO B 118 48.23 12.05 -3.34
CA PRO B 118 48.84 12.34 -4.64
C PRO B 118 49.05 13.82 -4.92
N GLN B 119 48.26 14.70 -4.30
CA GLN B 119 48.49 16.13 -4.42
C GLN B 119 49.30 16.68 -3.25
N SER B 120 49.90 15.83 -2.44
CA SER B 120 50.88 16.18 -1.40
C SER B 120 50.34 17.12 -0.35
N ASN B 121 49.06 17.46 -0.39
CA ASN B 121 48.46 18.39 0.54
C ASN B 121 47.78 17.72 1.72
N LEU B 122 47.86 16.38 1.81
CA LEU B 122 47.15 15.65 2.84
C LEU B 122 47.99 14.45 3.24
N ILE B 123 47.76 13.97 4.46
CA ILE B 123 48.52 12.86 5.02
C ILE B 123 47.57 11.80 5.55
N VAL B 124 47.90 10.54 5.31
CA VAL B 124 47.24 9.41 5.95
C VAL B 124 48.24 8.80 6.92
N SER B 125 47.74 8.32 8.06
CA SER B 125 48.63 7.80 9.09
C SER B 125 47.97 6.61 9.78
N GLY B 126 48.73 5.55 9.97
CA GLY B 126 48.31 4.40 10.73
C GLY B 126 49.14 4.28 11.99
N SER B 127 48.50 3.87 13.08
CA SER B 127 49.19 3.77 14.35
C SER B 127 48.84 2.45 15.03
N PHE B 128 49.53 2.19 16.14
CA PHE B 128 49.22 1.02 16.96
C PHE B 128 47.81 1.09 17.54
N ASP B 129 47.24 2.30 17.63
CA ASP B 129 45.91 2.49 18.19
C ASP B 129 44.84 1.82 17.35
N GLU B 130 45.25 1.18 16.25
CA GLU B 130 44.38 0.46 15.33
C GLU B 130 43.35 1.39 14.69
N SER B 131 43.63 2.69 14.69
CA SER B 131 42.80 3.69 14.04
C SER B 131 43.64 4.49 13.07
N VAL B 132 43.07 4.77 11.90
CA VAL B 132 43.76 5.51 10.85
C VAL B 132 43.34 6.96 10.93
N ARG B 133 44.32 7.85 11.01
CA ARG B 133 44.07 9.28 11.11
C ARG B 133 44.41 9.96 9.79
N ILE B 134 43.58 10.92 9.42
CA ILE B 134 43.69 11.65 8.17
C ILE B 134 43.93 13.11 8.53
N TRP B 135 44.98 13.69 7.95
CA TRP B 135 45.64 14.87 8.46
C TRP B 135 45.78 15.94 7.38
N ASP B 136 45.63 17.18 7.79
CA ASP B 136 46.02 18.31 6.97
C ASP B 136 47.54 18.42 6.93
N VAL B 137 48.04 19.05 5.87
CA VAL B 137 49.45 19.35 5.73
C VAL B 137 49.75 20.81 6.11
N LYS B 138 49.02 21.76 5.53
CA LYS B 138 49.36 23.16 5.73
C LYS B 138 49.05 23.64 7.14
N THR B 139 48.08 23.03 7.82
CA THR B 139 47.88 23.27 9.24
C THR B 139 48.26 22.07 10.10
N GLY B 140 48.57 20.93 9.49
CA GLY B 140 48.91 19.75 10.25
C GLY B 140 47.79 19.26 11.14
N LYS B 141 46.55 19.56 10.80
CA LYS B 141 45.41 19.23 11.64
C LYS B 141 44.79 17.92 11.22
N CYS B 142 44.46 17.10 12.21
CA CYS B 142 43.78 15.84 11.96
C CYS B 142 42.36 16.12 11.53
N LEU B 143 42.02 15.75 10.30
CA LEU B 143 40.69 15.99 9.78
C LEU B 143 39.75 14.80 9.95
N LYS B 144 40.29 13.59 10.05
CA LYS B 144 39.45 12.42 10.23
C LYS B 144 40.19 11.39 11.08
N THR B 145 39.42 10.51 11.71
CA THR B 145 40.00 9.42 12.49
C THR B 145 39.03 8.25 12.46
N LEU B 146 39.54 7.07 12.12
CA LEU B 146 38.68 5.94 11.80
C LEU B 146 39.13 4.72 12.59
N PRO B 147 38.22 4.06 13.33
CA PRO B 147 38.58 2.77 13.92
C PRO B 147 38.72 1.72 12.82
N ALA B 148 39.84 1.78 12.10
CA ALA B 148 39.96 1.05 10.84
C ALA B 148 40.04 -0.44 11.06
N HIS B 149 40.93 -0.89 11.95
CA HIS B 149 41.23 -2.30 12.10
C HIS B 149 41.13 -2.72 13.56
N SER B 150 41.14 -4.04 13.75
CA SER B 150 41.15 -4.64 15.08
C SER B 150 42.57 -5.00 15.52
N ASP B 151 43.58 -4.45 14.84
CA ASP B 151 44.97 -4.67 15.20
C ASP B 151 45.78 -3.48 14.72
N PRO B 152 46.96 -3.25 15.29
CA PRO B 152 47.77 -2.10 14.88
C PRO B 152 47.95 -2.05 13.37
N VAL B 153 47.82 -0.84 12.82
CA VAL B 153 47.92 -0.65 11.38
C VAL B 153 49.37 -0.81 10.94
N SER B 154 49.57 -1.53 9.85
CA SER B 154 50.89 -1.78 9.29
C SER B 154 51.25 -0.81 8.17
N ALA B 155 50.36 -0.62 7.20
CA ALA B 155 50.66 0.21 6.05
C ALA B 155 49.39 0.88 5.55
N VAL B 156 49.50 2.18 5.25
CA VAL B 156 48.43 2.92 4.62
C VAL B 156 49.00 3.62 3.39
N HIS B 157 48.16 3.80 2.37
CA HIS B 157 48.63 4.37 1.12
C HIS B 157 47.45 4.93 0.34
N PHE B 158 47.75 5.91 -0.51
CA PHE B 158 46.77 6.54 -1.37
C PHE B 158 46.68 5.85 -2.71
N ASN B 159 45.56 6.05 -3.39
CA ASN B 159 45.42 5.60 -4.77
C ASN B 159 46.13 6.60 -5.68
N ARG B 160 45.90 6.48 -6.99
CA ARG B 160 46.62 7.33 -7.93
C ARG B 160 46.23 8.80 -7.79
N ASP B 161 45.00 9.08 -7.34
CA ASP B 161 44.50 10.43 -7.31
C ASP B 161 44.24 10.97 -5.90
N GLY B 162 44.11 10.10 -4.91
CA GLY B 162 43.73 10.53 -3.58
C GLY B 162 42.28 10.36 -3.25
N SER B 163 41.52 9.60 -4.05
CA SER B 163 40.12 9.33 -3.74
C SER B 163 39.94 8.13 -2.83
N LEU B 164 40.91 7.21 -2.80
CA LEU B 164 40.80 5.98 -2.03
C LEU B 164 42.02 5.86 -1.13
N ILE B 165 41.80 5.31 0.07
CA ILE B 165 42.89 5.02 0.98
C ILE B 165 42.86 3.54 1.31
N VAL B 166 43.95 2.85 1.01
CA VAL B 166 44.06 1.44 1.34
C VAL B 166 44.77 1.32 2.68
N SER B 167 44.34 0.35 3.49
CA SER B 167 44.90 0.17 4.81
C SER B 167 45.10 -1.32 5.07
N SER B 168 46.26 -1.65 5.64
CA SER B 168 46.58 -2.99 6.08
C SER B 168 46.92 -2.95 7.56
N SER B 169 46.73 -4.08 8.23
CA SER B 169 47.06 -4.17 9.65
C SER B 169 47.34 -5.62 10.00
N TYR B 170 47.81 -5.83 11.23
CA TYR B 170 48.18 -7.16 11.67
C TYR B 170 46.98 -8.10 11.77
N ASP B 171 45.76 -7.56 11.84
CA ASP B 171 44.59 -8.43 11.89
C ASP B 171 44.31 -9.11 10.55
N GLY B 172 45.15 -8.88 9.54
CA GLY B 172 45.01 -9.57 8.29
C GLY B 172 44.03 -8.96 7.30
N LEU B 173 43.47 -7.80 7.62
CA LEU B 173 42.47 -7.16 6.78
C LEU B 173 43.11 -6.11 5.88
N CYS B 174 42.67 -6.08 4.63
CA CYS B 174 43.03 -5.05 3.67
C CYS B 174 41.76 -4.29 3.32
N ARG B 175 41.63 -3.07 3.82
CA ARG B 175 40.40 -2.32 3.70
C ARG B 175 40.63 -1.06 2.87
N ILE B 176 39.79 -0.88 1.85
CA ILE B 176 39.79 0.32 1.03
C ILE B 176 38.69 1.23 1.54
N TRP B 177 39.05 2.47 1.83
CA TRP B 177 38.15 3.45 2.41
C TRP B 177 38.01 4.65 1.49
N ASP B 178 36.82 5.25 1.49
CA ASP B 178 36.61 6.50 0.80
C ASP B 178 37.34 7.63 1.51
N THR B 179 37.93 8.53 0.74
CA THR B 179 38.65 9.64 1.35
C THR B 179 37.70 10.76 1.77
N ALA B 180 36.79 11.15 0.88
CA ALA B 180 35.92 12.28 1.17
C ALA B 180 34.99 11.99 2.35
N SER B 181 34.69 10.73 2.60
CA SER B 181 33.71 10.37 3.62
C SER B 181 34.22 9.38 4.65
N GLY B 182 35.40 8.81 4.47
CA GLY B 182 35.84 7.75 5.36
C GLY B 182 35.10 6.45 5.18
N GLN B 183 34.38 6.30 4.07
CA GLN B 183 33.53 5.14 3.87
C GLN B 183 34.38 3.90 3.59
N CYS B 184 34.16 2.84 4.38
CA CYS B 184 34.90 1.60 4.20
C CYS B 184 34.41 0.92 2.92
N LEU B 185 35.06 1.23 1.81
CA LEU B 185 34.57 0.80 0.50
C LEU B 185 34.63 -0.72 0.36
N LYS B 186 35.80 -1.30 0.59
CA LYS B 186 35.98 -2.72 0.33
C LYS B 186 36.82 -3.35 1.43
N THR B 187 36.67 -4.67 1.57
CA THR B 187 37.44 -5.45 2.52
C THR B 187 37.86 -6.73 1.82
N LEU B 188 39.16 -6.87 1.55
CA LEU B 188 39.68 -8.01 0.80
C LEU B 188 40.06 -9.14 1.75
N ILE B 189 39.53 -10.33 1.49
CA ILE B 189 39.73 -11.50 2.32
C ILE B 189 40.21 -12.64 1.43
N ASP B 190 41.17 -13.41 1.94
CA ASP B 190 41.75 -14.52 1.20
C ASP B 190 41.54 -15.85 1.93
N ASP B 191 40.31 -16.07 2.43
CA ASP B 191 39.86 -17.34 2.97
C ASP B 191 40.57 -17.67 4.28
N ASP B 192 41.51 -16.81 4.70
CA ASP B 192 42.19 -16.99 5.98
C ASP B 192 42.41 -15.59 6.56
N ASN B 193 43.19 -15.54 7.65
CA ASN B 193 43.53 -14.28 8.32
C ASN B 193 45.04 -14.12 8.32
N PRO B 194 45.65 -13.85 7.17
CA PRO B 194 47.09 -13.71 7.11
C PRO B 194 47.51 -12.30 7.49
N PRO B 195 48.37 -12.16 8.49
CA PRO B 195 48.76 -10.81 8.95
C PRO B 195 49.39 -10.02 7.83
N VAL B 196 48.70 -8.97 7.40
CA VAL B 196 49.14 -8.15 6.28
C VAL B 196 50.03 -7.05 6.83
N SER B 197 51.31 -7.09 6.47
CA SER B 197 52.30 -6.15 6.97
C SER B 197 52.55 -4.98 6.04
N PHE B 198 52.13 -5.07 4.79
CA PHE B 198 52.32 -3.99 3.83
C PHE B 198 51.17 -3.99 2.84
N VAL B 199 50.87 -2.80 2.32
CA VAL B 199 49.85 -2.67 1.29
C VAL B 199 50.10 -1.37 0.54
N LYS B 200 49.75 -1.35 -0.74
CA LYS B 200 49.86 -0.16 -1.56
C LYS B 200 49.10 -0.39 -2.87
N PHE B 201 48.75 0.72 -3.51
CA PHE B 201 48.06 0.70 -4.78
C PHE B 201 49.03 0.40 -5.91
N SER B 202 48.48 0.05 -7.07
CA SER B 202 49.27 -0.08 -8.27
C SER B 202 49.52 1.29 -8.88
N PRO B 203 50.58 1.43 -9.67
CA PRO B 203 50.84 2.72 -10.33
C PRO B 203 49.65 3.21 -11.14
N ASN B 204 48.95 2.32 -11.82
CA ASN B 204 47.73 2.66 -12.53
C ASN B 204 46.52 2.73 -11.62
N GLY B 205 46.69 2.53 -10.31
CA GLY B 205 45.57 2.52 -9.40
C GLY B 205 44.60 1.38 -9.60
N LYS B 206 44.93 0.43 -10.47
CA LYS B 206 44.03 -0.66 -10.79
C LYS B 206 44.24 -1.88 -9.91
N TYR B 207 45.43 -2.04 -9.35
CA TYR B 207 45.78 -3.22 -8.56
C TYR B 207 46.34 -2.78 -7.22
N ILE B 208 46.50 -3.77 -6.33
CA ILE B 208 46.98 -3.54 -4.98
C ILE B 208 47.96 -4.64 -4.61
N LEU B 209 49.14 -4.25 -4.14
CA LEU B 209 50.15 -5.20 -3.68
C LEU B 209 50.13 -5.23 -2.16
N ALA B 210 49.91 -6.41 -1.59
CA ALA B 210 49.85 -6.59 -0.14
C ALA B 210 50.72 -7.76 0.25
N ALA B 211 51.58 -7.56 1.25
CA ALA B 211 52.45 -8.60 1.77
C ALA B 211 51.83 -9.19 3.03
N THR B 212 51.78 -10.52 3.10
CA THR B 212 51.30 -11.19 4.29
C THR B 212 52.47 -11.92 4.96
N LEU B 213 52.40 -12.05 6.28
CA LEU B 213 53.53 -12.56 7.04
C LEU B 213 53.60 -14.08 6.98
N ASP B 214 53.60 -14.62 5.76
CA ASP B 214 53.74 -16.05 5.51
C ASP B 214 54.61 -16.31 4.29
N ASN B 215 55.53 -15.39 4.01
CA ASN B 215 56.36 -15.44 2.81
C ASN B 215 55.50 -15.43 1.54
N THR B 216 54.62 -14.43 1.46
CA THR B 216 53.69 -14.34 0.35
C THR B 216 53.34 -12.89 0.06
N LEU B 217 53.37 -12.54 -1.23
CA LEU B 217 52.93 -11.25 -1.73
C LEU B 217 51.74 -11.48 -2.66
N LYS B 218 50.78 -10.56 -2.64
CA LYS B 218 49.55 -10.76 -3.39
C LYS B 218 49.17 -9.48 -4.11
N LEU B 219 48.99 -9.58 -5.42
CA LEU B 219 48.47 -8.49 -6.24
C LEU B 219 47.01 -8.76 -6.53
N TRP B 220 46.15 -7.86 -6.10
CA TRP B 220 44.71 -7.95 -6.26
C TRP B 220 44.22 -6.93 -7.27
N ASP B 221 43.15 -7.27 -7.97
CA ASP B 221 42.42 -6.31 -8.78
C ASP B 221 41.47 -5.52 -7.88
N TYR B 222 41.44 -4.20 -8.05
CA TYR B 222 40.51 -3.42 -7.24
C TYR B 222 39.08 -3.54 -7.77
N SER B 223 38.90 -3.39 -9.07
CA SER B 223 37.56 -3.50 -9.65
C SER B 223 37.00 -4.90 -9.48
N LYS B 224 37.86 -5.91 -9.38
CA LYS B 224 37.42 -7.28 -9.16
C LYS B 224 37.42 -7.69 -7.70
N GLY B 225 38.23 -7.04 -6.86
CA GLY B 225 38.31 -7.41 -5.46
C GLY B 225 38.90 -8.77 -5.20
N LYS B 226 39.60 -9.34 -6.17
CA LYS B 226 40.18 -10.67 -6.05
C LYS B 226 41.68 -10.60 -6.34
N CYS B 227 42.43 -11.47 -5.68
CA CYS B 227 43.86 -11.55 -5.91
C CYS B 227 44.13 -12.02 -7.33
N LEU B 228 44.94 -11.24 -8.06
CA LEU B 228 45.31 -11.60 -9.42
C LEU B 228 46.56 -12.45 -9.48
N LYS B 229 47.59 -12.09 -8.71
CA LYS B 229 48.86 -12.77 -8.77
C LYS B 229 49.41 -12.99 -7.37
N THR B 230 50.24 -14.02 -7.23
CA THR B 230 50.89 -14.33 -5.97
C THR B 230 52.38 -14.50 -6.20
N TYR B 231 53.16 -14.17 -5.18
CA TYR B 231 54.62 -14.15 -5.27
C TYR B 231 55.20 -14.77 -4.00
N THR B 232 55.96 -15.83 -4.17
CA THR B 232 56.59 -16.50 -3.04
C THR B 232 58.07 -16.73 -3.30
N GLY B 233 58.73 -17.51 -2.45
CA GLY B 233 60.14 -17.75 -2.52
C GLY B 233 60.95 -16.95 -1.53
N HIS B 234 60.44 -15.79 -1.12
CA HIS B 234 61.11 -14.97 -0.13
C HIS B 234 60.77 -15.50 1.26
N LYS B 235 61.21 -14.79 2.29
CA LYS B 235 60.89 -15.14 3.68
C LYS B 235 60.46 -13.86 4.39
N ASN B 236 59.20 -13.82 4.83
CA ASN B 236 58.69 -12.69 5.59
C ASN B 236 57.53 -13.18 6.44
N GLU B 237 57.75 -13.23 7.77
CA GLU B 237 56.72 -13.70 8.69
C GLU B 237 56.57 -12.86 9.94
N LYS B 238 57.50 -11.96 10.25
CA LYS B 238 57.39 -11.17 11.46
C LYS B 238 57.47 -9.67 11.22
N TYR B 239 58.34 -9.23 10.32
CA TYR B 239 58.65 -7.81 10.17
C TYR B 239 57.90 -7.21 8.99
N CYS B 240 57.80 -5.89 9.02
CA CYS B 240 57.16 -5.11 7.96
C CYS B 240 58.16 -4.98 6.81
N ILE B 241 58.15 -5.94 5.92
CA ILE B 241 59.03 -5.94 4.76
C ILE B 241 58.32 -5.25 3.60
N PHE B 242 58.97 -4.24 3.04
CA PHE B 242 58.34 -3.44 2.00
C PHE B 242 58.45 -4.12 0.64
N ALA B 243 57.54 -3.77 -0.25
CA ALA B 243 57.52 -4.27 -1.61
C ALA B 243 57.29 -3.10 -2.56
N ASN B 244 57.99 -3.11 -3.70
CA ASN B 244 57.94 -2.03 -4.65
C ASN B 244 57.76 -2.60 -6.06
N PHE B 245 57.24 -1.76 -6.95
CA PHE B 245 57.10 -2.11 -8.35
C PHE B 245 58.32 -1.59 -9.10
N SER B 246 59.10 -2.50 -9.68
CA SER B 246 60.20 -2.11 -10.54
C SER B 246 59.63 -1.81 -11.93
N VAL B 247 59.67 -0.55 -12.32
CA VAL B 247 59.09 -0.13 -13.59
C VAL B 247 60.08 0.58 -14.50
N THR B 248 61.13 1.19 -13.95
CA THR B 248 62.07 1.94 -14.78
C THR B 248 62.74 1.06 -15.82
N GLY B 249 62.91 -0.22 -15.52
CA GLY B 249 63.33 -1.17 -16.53
C GLY B 249 62.19 -2.12 -16.87
N GLY B 250 62.41 -3.42 -16.70
CA GLY B 250 61.33 -4.36 -16.86
C GLY B 250 60.35 -4.28 -15.70
N LYS B 251 59.16 -4.81 -15.93
CA LYS B 251 58.13 -4.83 -14.91
C LYS B 251 58.43 -5.95 -13.93
N TRP B 252 58.86 -5.61 -12.73
CA TRP B 252 59.19 -6.58 -11.70
C TRP B 252 58.54 -6.20 -10.39
N ILE B 253 58.61 -7.12 -9.44
CA ILE B 253 58.18 -6.90 -8.08
C ILE B 253 59.39 -7.13 -7.19
N VAL B 254 59.87 -6.08 -6.53
CA VAL B 254 61.06 -6.16 -5.68
C VAL B 254 60.62 -6.12 -4.22
N SER B 255 61.26 -6.94 -3.39
CA SER B 255 60.95 -6.98 -1.98
C SER B 255 62.15 -7.47 -1.20
N GLY B 256 62.10 -7.25 0.12
CA GLY B 256 63.07 -7.82 1.01
C GLY B 256 62.63 -9.19 1.50
N SER B 257 63.50 -9.82 2.29
CA SER B 257 63.18 -11.14 2.83
C SER B 257 64.01 -11.37 4.08
N GLU B 258 63.47 -12.20 4.96
CA GLU B 258 64.13 -12.51 6.23
C GLU B 258 65.34 -13.41 6.05
N ASP B 259 65.73 -13.74 4.83
CA ASP B 259 66.90 -14.56 4.56
C ASP B 259 68.09 -13.74 4.07
N ASN B 260 68.10 -12.44 4.36
CA ASN B 260 69.14 -11.49 3.97
C ASN B 260 69.20 -11.28 2.46
N LEU B 261 68.21 -11.76 1.72
CA LEU B 261 68.16 -11.61 0.27
C LEU B 261 67.26 -10.44 -0.12
N VAL B 262 67.49 -9.95 -1.32
CA VAL B 262 66.63 -8.96 -1.97
C VAL B 262 66.00 -9.64 -3.16
N TYR B 263 64.73 -10.03 -3.02
CA TYR B 263 64.06 -10.81 -4.04
C TYR B 263 63.48 -9.90 -5.10
N ILE B 264 63.57 -10.35 -6.35
CA ILE B 264 62.98 -9.64 -7.49
C ILE B 264 62.27 -10.70 -8.32
N TRP B 265 60.95 -10.64 -8.35
CA TRP B 265 60.14 -11.51 -9.19
C TRP B 265 59.75 -10.79 -10.47
N ASN B 266 59.46 -11.58 -11.50
CA ASN B 266 58.80 -11.02 -12.66
C ASN B 266 57.39 -10.57 -12.28
N LEU B 267 56.97 -9.43 -12.82
CA LEU B 267 55.67 -8.90 -12.46
C LEU B 267 54.54 -9.79 -12.99
N GLN B 268 54.60 -10.14 -14.28
CA GLN B 268 53.53 -10.95 -14.86
C GLN B 268 53.69 -12.43 -14.49
N THR B 269 54.83 -13.02 -14.79
CA THR B 269 55.02 -14.45 -14.58
C THR B 269 55.19 -14.82 -13.12
N LYS B 270 55.32 -13.83 -12.23
CA LYS B 270 55.48 -14.04 -10.80
C LYS B 270 56.73 -14.85 -10.44
N GLU B 271 57.63 -15.04 -11.40
CA GLU B 271 58.82 -15.85 -11.18
C GLU B 271 59.98 -14.96 -10.75
N ILE B 272 60.81 -15.48 -9.83
CA ILE B 272 61.97 -14.75 -9.34
C ILE B 272 62.89 -14.43 -10.51
N VAL B 273 63.14 -13.14 -10.73
CA VAL B 273 64.04 -12.74 -11.81
C VAL B 273 65.42 -12.32 -11.30
N GLN B 274 65.59 -12.09 -10.00
CA GLN B 274 66.91 -11.83 -9.45
C GLN B 274 66.88 -11.99 -7.94
N LYS B 275 68.05 -12.30 -7.37
CA LYS B 275 68.24 -12.41 -5.93
C LYS B 275 69.50 -11.64 -5.57
N LEU B 276 69.33 -10.43 -5.05
CA LEU B 276 70.45 -9.58 -4.68
C LEU B 276 70.91 -9.96 -3.28
N GLN B 277 72.10 -10.53 -3.18
CA GLN B 277 72.69 -10.90 -1.90
C GLN B 277 73.88 -10.00 -1.60
N GLY B 278 74.17 -9.84 -0.32
CA GLY B 278 75.22 -8.96 0.15
C GLY B 278 74.85 -8.36 1.48
N HIS B 279 73.56 -8.38 1.80
CA HIS B 279 73.11 -7.95 3.12
C HIS B 279 73.27 -9.07 4.12
N THR B 280 73.69 -8.71 5.34
CA THR B 280 73.96 -9.69 6.36
C THR B 280 72.79 -9.88 7.33
N ASP B 281 71.90 -8.90 7.43
CA ASP B 281 70.72 -9.01 8.27
C ASP B 281 69.49 -9.08 7.37
N VAL B 282 68.33 -9.20 8.00
CA VAL B 282 67.07 -9.20 7.26
C VAL B 282 66.96 -7.91 6.48
N VAL B 283 66.74 -8.01 5.18
CA VAL B 283 66.58 -6.84 4.35
C VAL B 283 65.24 -6.24 4.72
N ILE B 284 65.26 -5.22 5.58
CA ILE B 284 64.03 -4.77 6.23
C ILE B 284 63.24 -3.81 5.34
N SER B 285 63.91 -2.97 4.57
CA SER B 285 63.20 -1.97 3.78
C SER B 285 63.75 -1.94 2.37
N THR B 286 62.88 -1.60 1.43
CA THR B 286 63.23 -1.55 0.01
C THR B 286 62.69 -0.26 -0.59
N ALA B 287 63.37 0.23 -1.61
CA ALA B 287 62.93 1.40 -2.34
C ALA B 287 63.39 1.28 -3.79
N CYS B 288 62.50 1.57 -4.72
CA CYS B 288 62.81 1.54 -6.14
C CYS B 288 62.93 2.97 -6.65
N HIS B 289 63.97 3.22 -7.45
CA HIS B 289 64.17 4.56 -7.98
C HIS B 289 63.01 4.92 -8.91
N PRO B 290 62.54 6.17 -8.85
CA PRO B 290 61.41 6.54 -9.73
C PRO B 290 61.81 6.64 -11.19
N THR B 291 63.07 6.94 -11.49
CA THR B 291 63.50 7.17 -12.86
C THR B 291 64.53 6.15 -13.34
N GLU B 292 65.52 5.82 -12.52
CA GLU B 292 66.60 4.93 -12.90
C GLU B 292 66.34 3.52 -12.41
N ASN B 293 67.12 2.58 -12.94
CA ASN B 293 67.12 1.20 -12.45
C ASN B 293 68.05 1.11 -11.24
N ILE B 294 67.60 1.73 -10.15
CA ILE B 294 68.34 1.77 -8.90
C ILE B 294 67.41 1.31 -7.79
N ILE B 295 67.91 0.43 -6.93
CA ILE B 295 67.13 -0.13 -5.82
C ILE B 295 67.94 0.01 -4.55
N ALA B 296 67.37 0.67 -3.56
CA ALA B 296 67.99 0.81 -2.25
C ALA B 296 67.41 -0.26 -1.33
N SER B 297 68.30 -1.11 -0.80
CA SER B 297 67.91 -2.20 0.09
C SER B 297 68.58 -1.96 1.44
N ALA B 298 67.78 -1.72 2.47
CA ALA B 298 68.28 -1.47 3.81
C ALA B 298 67.97 -2.67 4.69
N ALA B 299 68.97 -3.13 5.45
CA ALA B 299 68.81 -4.28 6.31
C ALA B 299 68.71 -3.85 7.76
N LEU B 300 68.49 -4.83 8.64
CA LEU B 300 68.19 -4.55 10.04
C LEU B 300 69.49 -4.32 10.82
N GLU B 301 69.38 -4.33 12.16
CA GLU B 301 70.45 -3.86 13.02
C GLU B 301 71.70 -4.75 12.93
N ASN B 302 71.53 -6.05 12.66
CA ASN B 302 72.70 -6.89 12.49
C ASN B 302 73.45 -6.58 11.20
N ASP B 303 72.90 -5.70 10.37
CA ASP B 303 73.58 -5.19 9.19
C ASP B 303 73.75 -3.69 9.25
N LYS B 304 72.67 -2.95 9.56
CA LYS B 304 72.68 -1.49 9.64
C LYS B 304 73.14 -0.83 8.35
N THR B 305 73.09 -1.56 7.24
CA THR B 305 73.59 -1.04 5.98
C THR B 305 72.48 -0.91 4.95
N ILE B 306 72.62 0.10 4.11
CA ILE B 306 71.76 0.33 2.95
C ILE B 306 72.63 0.17 1.72
N LYS B 307 72.16 -0.59 0.75
CA LYS B 307 72.93 -0.91 -0.43
C LYS B 307 72.18 -0.42 -1.67
N LEU B 308 72.87 0.32 -2.52
CA LEU B 308 72.33 0.72 -3.80
C LEU B 308 72.68 -0.35 -4.82
N TRP B 309 71.69 -0.75 -5.61
CA TRP B 309 71.87 -1.72 -6.68
C TRP B 309 71.46 -1.07 -7.98
N LYS B 310 72.31 -1.19 -9.00
CA LYS B 310 72.01 -0.68 -10.33
C LYS B 310 72.12 -1.81 -11.33
N SER B 311 71.09 -1.95 -12.16
CA SER B 311 71.07 -2.91 -13.26
C SER B 311 71.10 -2.14 -14.57
N ASP B 312 71.05 -2.90 -15.66
CA ASP B 312 71.02 -2.32 -17.00
C ASP B 312 69.66 -2.44 -17.66
N CYS B 313 68.72 -3.19 -17.07
CA CYS B 313 67.38 -3.34 -17.62
C CYS B 313 66.36 -3.56 -16.52
N LEU C 54 -2.05 -0.32 13.66
CA LEU C 54 -1.59 -0.40 12.28
C LEU C 54 -1.26 -1.84 11.89
N PRO C 55 -1.42 -2.17 10.61
CA PRO C 55 -1.19 -3.56 10.18
C PRO C 55 0.26 -3.97 10.39
N MET C 56 0.43 -5.16 10.93
CA MET C 56 1.77 -5.74 11.03
C MET C 56 2.53 -5.69 9.72
N PRO C 57 1.93 -5.94 8.55
CA PRO C 57 2.67 -5.67 7.30
C PRO C 57 3.04 -4.21 7.11
N MET C 58 2.09 -3.30 7.33
CA MET C 58 2.39 -1.88 7.19
C MET C 58 3.43 -1.44 8.21
N ARG C 59 3.27 -1.86 9.46
CA ARG C 59 4.26 -1.57 10.49
C ARG C 59 5.63 -2.13 10.13
N PHE C 60 5.65 -3.32 9.53
CA PHE C 60 6.92 -3.94 9.18
C PHE C 60 7.59 -3.22 8.02
N ARG C 61 6.79 -2.77 7.06
CA ARG C 61 7.33 -1.95 5.97
C ARG C 61 7.89 -0.65 6.53
N HIS C 62 7.16 -0.01 7.44
CA HIS C 62 7.66 1.21 8.06
C HIS C 62 8.96 0.95 8.83
N LEU C 63 9.02 -0.18 9.54
CA LEU C 63 10.22 -0.52 10.30
C LEU C 63 11.42 -0.74 9.38
N LYS C 64 11.22 -1.50 8.30
CA LYS C 64 12.31 -1.74 7.36
C LYS C 64 12.70 -0.46 6.62
N LYS C 65 11.80 0.52 6.54
CA LYS C 65 12.16 1.79 5.92
C LYS C 65 12.97 2.66 6.88
N THR C 66 12.63 2.65 8.16
CA THR C 66 13.25 3.57 9.11
C THR C 66 14.41 2.95 9.89
N SER C 67 14.67 1.66 9.71
CA SER C 67 15.68 0.99 10.53
C SER C 67 17.07 1.56 10.31
N LYS C 68 17.40 1.90 9.06
CA LYS C 68 18.75 2.32 8.73
C LYS C 68 19.11 3.66 9.38
N GLU C 69 18.11 4.51 9.64
CA GLU C 69 18.36 5.81 10.22
C GLU C 69 17.87 5.92 11.66
N ALA C 70 17.23 4.89 12.20
CA ALA C 70 16.75 4.94 13.57
C ALA C 70 17.83 4.51 14.58
N VAL C 71 18.66 3.53 14.23
CA VAL C 71 19.62 2.96 15.16
C VAL C 71 21.01 3.03 14.56
N GLY C 72 22.02 2.92 15.42
CA GLY C 72 23.40 2.88 15.00
C GLY C 72 24.18 1.88 15.82
N VAL C 73 25.45 1.70 15.45
CA VAL C 73 26.36 0.83 16.18
C VAL C 73 27.59 1.64 16.55
N TYR C 74 27.97 1.60 17.82
CA TYR C 74 29.10 2.38 18.30
C TYR C 74 29.89 1.56 19.31
N ARG C 75 31.02 2.10 19.73
CA ARG C 75 31.75 1.52 20.85
C ARG C 75 30.84 1.51 22.08
N SER C 76 30.80 0.37 22.76
CA SER C 76 29.86 0.16 23.84
C SER C 76 30.59 -0.04 25.16
N PRO C 77 30.18 0.66 26.23
CA PRO C 77 30.72 0.34 27.55
C PRO C 77 30.28 -1.02 28.06
N ILE C 78 29.18 -1.57 27.55
CA ILE C 78 28.80 -2.94 27.88
C ILE C 78 29.90 -3.89 27.43
N HIS C 79 30.12 -3.98 26.11
CA HIS C 79 31.19 -4.79 25.58
C HIS C 79 31.41 -4.48 24.09
N GLY C 80 32.65 -4.15 23.73
CA GLY C 80 33.00 -3.88 22.34
C GLY C 80 32.11 -2.89 21.63
N ARG C 81 31.42 -3.36 20.59
CA ARG C 81 30.51 -2.54 19.81
C ARG C 81 29.09 -3.03 19.99
N GLY C 82 28.15 -2.08 19.98
CA GLY C 82 26.76 -2.43 20.24
C GLY C 82 25.81 -1.40 19.64
N LEU C 83 24.53 -1.75 19.72
CA LEU C 83 23.47 -0.97 19.09
C LEU C 83 23.02 0.15 20.02
N PHE C 84 23.06 1.38 19.51
CA PHE C 84 22.64 2.57 20.22
C PHE C 84 21.46 3.21 19.48
N CYS C 85 20.63 3.91 20.25
CA CYS C 85 19.47 4.58 19.68
C CYS C 85 19.87 5.95 19.15
N LYS C 86 19.42 6.25 17.93
CA LYS C 86 19.71 7.53 17.30
C LYS C 86 18.51 8.45 17.22
N ARG C 87 17.30 7.95 17.49
CA ARG C 87 16.10 8.77 17.49
C ARG C 87 15.12 8.16 18.49
N ASN C 88 14.54 9.01 19.34
CA ASN C 88 13.70 8.56 20.45
C ASN C 88 12.67 7.56 19.99
N ILE C 89 12.75 6.34 20.54
CA ILE C 89 11.89 5.23 20.16
C ILE C 89 10.81 5.04 21.20
N ASP C 90 9.56 5.01 20.77
CA ASP C 90 8.45 4.85 21.68
C ASP C 90 8.33 3.39 22.13
N ALA C 91 7.54 3.18 23.17
CA ALA C 91 7.35 1.84 23.69
C ALA C 91 6.56 0.97 22.71
N GLY C 92 6.88 -0.32 22.68
CA GLY C 92 6.16 -1.28 21.88
C GLY C 92 6.34 -1.15 20.38
N GLU C 93 6.99 -0.10 19.90
CA GLU C 93 7.16 0.08 18.48
C GLU C 93 8.31 -0.78 17.96
N MET C 94 8.32 -1.00 16.65
CA MET C 94 9.32 -1.85 16.03
C MET C 94 10.68 -1.17 16.09
N VAL C 95 11.64 -1.80 16.78
CA VAL C 95 12.98 -1.25 16.84
C VAL C 95 13.77 -1.77 15.65
N ILE C 96 13.85 -3.10 15.50
CA ILE C 96 14.72 -3.66 14.47
C ILE C 96 14.39 -5.12 14.24
N GLU C 97 14.46 -5.55 12.97
CA GLU C 97 14.42 -6.97 12.67
C GLU C 97 15.80 -7.58 12.83
N TYR C 98 15.86 -8.75 13.46
CA TYR C 98 17.07 -9.57 13.39
C TYR C 98 17.00 -10.35 12.08
N ALA C 99 17.28 -9.65 10.99
CA ALA C 99 17.18 -10.24 9.67
C ALA C 99 18.38 -11.14 9.39
N GLY C 100 18.16 -12.17 8.58
CA GLY C 100 19.22 -13.12 8.30
C GLY C 100 18.71 -14.25 7.43
N ILE C 101 19.39 -15.39 7.53
CA ILE C 101 19.05 -16.56 6.73
C ILE C 101 18.01 -17.38 7.47
N VAL C 102 16.81 -17.48 6.91
CA VAL C 102 15.77 -18.30 7.51
C VAL C 102 16.00 -19.75 7.11
N ILE C 103 16.22 -20.61 8.11
CA ILE C 103 16.52 -22.01 7.90
C ILE C 103 15.60 -22.84 8.79
N ARG C 104 15.58 -24.14 8.52
CA ARG C 104 14.89 -25.08 9.40
C ARG C 104 15.80 -25.47 10.55
N SER C 105 15.18 -26.00 11.61
CA SER C 105 15.93 -26.31 12.82
C SER C 105 16.91 -27.47 12.62
N ILE C 106 16.51 -28.48 11.84
CA ILE C 106 17.33 -29.66 11.65
C ILE C 106 18.68 -29.32 11.02
N LEU C 107 18.76 -28.20 10.31
CA LEU C 107 19.98 -27.79 9.64
C LEU C 107 20.87 -26.91 10.53
N THR C 108 20.43 -26.60 11.75
CA THR C 108 21.21 -25.74 12.62
C THR C 108 22.57 -26.37 12.93
N ASP C 109 22.55 -27.58 13.47
CA ASP C 109 23.79 -28.23 13.93
C ASP C 109 24.79 -28.35 12.79
N LYS C 110 24.34 -28.85 11.63
CA LYS C 110 25.22 -28.96 10.48
C LYS C 110 25.87 -27.63 10.14
N ARG C 111 25.13 -26.53 10.29
CA ARG C 111 25.73 -25.21 10.14
C ARG C 111 26.67 -24.91 11.30
N GLU C 112 26.20 -25.12 12.53
CA GLU C 112 26.98 -24.78 13.71
C GLU C 112 28.34 -25.46 13.68
N LYS C 113 28.34 -26.80 13.60
CA LYS C 113 29.59 -27.54 13.45
C LYS C 113 30.42 -26.98 12.30
N TYR C 114 29.76 -26.65 11.18
CA TYR C 114 30.45 -26.01 10.07
C TYR C 114 31.20 -24.77 10.53
N TYR C 115 30.49 -23.85 11.19
CA TYR C 115 31.16 -22.69 11.78
C TYR C 115 32.18 -23.11 12.82
N ASP C 116 31.87 -24.19 13.57
CA ASP C 116 32.83 -24.72 14.53
C ASP C 116 34.09 -25.20 13.82
N SER C 117 33.96 -25.66 12.57
CA SER C 117 35.12 -26.03 11.79
C SER C 117 35.83 -24.82 11.19
N LYS C 118 35.15 -23.68 11.11
CA LYS C 118 35.73 -22.47 10.52
C LYS C 118 36.11 -21.42 11.55
N GLY C 119 35.87 -21.68 12.84
CA GLY C 119 36.19 -20.70 13.85
C GLY C 119 35.39 -19.42 13.74
N ILE C 120 34.22 -19.47 13.11
CA ILE C 120 33.35 -18.31 12.96
C ILE C 120 32.20 -18.44 13.94
N GLY C 121 31.93 -17.38 14.68
CA GLY C 121 30.91 -17.43 15.71
C GLY C 121 29.52 -17.62 15.12
N CYS C 122 28.68 -18.35 15.86
CA CYS C 122 27.32 -18.61 15.41
C CYS C 122 26.42 -17.43 15.76
N TYR C 123 25.75 -16.89 14.76
CA TYR C 123 24.74 -15.85 14.95
C TYR C 123 23.40 -16.46 14.54
N MET C 124 22.76 -17.15 15.48
CA MET C 124 21.51 -17.83 15.24
C MET C 124 20.51 -17.47 16.33
N PHE C 125 19.27 -17.22 15.94
CA PHE C 125 18.17 -17.03 16.88
C PHE C 125 17.03 -17.97 16.51
N ARG C 126 16.52 -18.68 17.50
CA ARG C 126 15.42 -19.61 17.30
C ARG C 126 14.15 -18.84 17.00
N ILE C 127 13.67 -18.94 15.76
CA ILE C 127 12.34 -18.43 15.45
C ILE C 127 11.30 -19.21 16.23
N ASP C 128 11.32 -20.53 16.09
CA ASP C 128 10.43 -21.43 16.82
C ASP C 128 11.06 -22.81 16.81
N ASP C 129 10.28 -23.82 17.17
CA ASP C 129 10.77 -25.19 17.18
C ASP C 129 11.12 -25.72 15.80
N SER C 130 10.81 -24.96 14.74
CA SER C 130 11.02 -25.43 13.37
C SER C 130 11.91 -24.53 12.53
N GLU C 131 12.04 -23.25 12.88
CA GLU C 131 12.81 -22.32 12.06
C GLU C 131 13.75 -21.50 12.92
N VAL C 132 14.81 -21.02 12.27
CA VAL C 132 15.87 -20.25 12.92
C VAL C 132 16.39 -19.22 11.93
N VAL C 133 16.60 -18.00 12.42
CA VAL C 133 17.29 -16.98 11.63
C VAL C 133 18.77 -17.07 11.99
N ASP C 134 19.57 -17.60 11.06
CA ASP C 134 21.01 -17.66 11.20
C ASP C 134 21.61 -16.44 10.50
N ALA C 135 22.25 -15.56 11.28
CA ALA C 135 22.85 -14.35 10.75
C ALA C 135 24.38 -14.41 10.75
N THR C 136 24.95 -15.59 10.95
CA THR C 136 26.40 -15.71 11.01
C THR C 136 27.06 -15.17 9.75
N MET C 137 26.64 -15.65 8.59
CA MET C 137 27.24 -15.24 7.33
C MET C 137 26.48 -14.08 6.68
N HIS C 138 25.17 -14.02 6.87
CA HIS C 138 24.34 -13.00 6.23
C HIS C 138 23.36 -12.47 7.26
N GLY C 139 23.47 -11.19 7.59
CA GLY C 139 22.62 -10.61 8.59
C GLY C 139 22.49 -9.11 8.43
N ASN C 140 22.18 -8.46 9.54
CA ASN C 140 21.97 -7.02 9.57
C ASN C 140 22.61 -6.47 10.85
N ALA C 141 22.31 -5.22 11.17
CA ALA C 141 22.90 -4.58 12.35
C ALA C 141 22.40 -5.19 13.65
N ALA C 142 21.27 -5.91 13.62
CA ALA C 142 20.73 -6.51 14.82
C ALA C 142 21.68 -7.51 15.47
N ARG C 143 22.74 -7.91 14.76
CA ARG C 143 23.79 -8.75 15.33
C ARG C 143 24.65 -8.01 16.34
N PHE C 144 24.34 -6.76 16.67
CA PHE C 144 25.11 -5.99 17.62
C PHE C 144 24.24 -5.43 18.74
N ILE C 145 23.21 -6.18 19.13
CA ILE C 145 22.34 -5.81 20.24
C ILE C 145 22.83 -6.55 21.48
N ASN C 146 23.41 -5.81 22.42
CA ASN C 146 23.84 -6.44 23.67
C ASN C 146 22.61 -6.84 24.48
N HIS C 147 22.86 -7.50 25.62
CA HIS C 147 21.80 -7.90 26.53
C HIS C 147 21.90 -7.13 27.83
N SER C 148 20.74 -6.89 28.44
CA SER C 148 20.68 -6.33 29.78
C SER C 148 19.62 -7.06 30.57
N CYS C 149 19.90 -7.29 31.85
CA CYS C 149 18.89 -7.86 32.72
C CYS C 149 17.68 -6.94 32.86
N GLU C 150 17.87 -5.64 32.65
CA GLU C 150 16.77 -4.69 32.55
C GLU C 150 16.66 -4.21 31.11
N PRO C 151 15.95 -4.94 30.25
CA PRO C 151 15.87 -4.52 28.85
C PRO C 151 14.78 -3.49 28.63
N ASN C 152 15.08 -2.51 27.79
CA ASN C 152 14.09 -1.62 27.25
C ASN C 152 13.51 -2.14 25.95
N CYS C 153 13.84 -3.39 25.60
CA CYS C 153 13.39 -4.02 24.37
C CYS C 153 13.01 -5.46 24.65
N TYR C 154 12.38 -6.07 23.66
CA TYR C 154 11.88 -7.44 23.78
C TYR C 154 11.67 -8.01 22.39
N SER C 155 12.02 -9.28 22.22
CA SER C 155 11.92 -9.96 20.94
C SER C 155 10.53 -10.58 20.78
N ARG C 156 9.96 -10.44 19.59
CA ARG C 156 8.70 -11.09 19.28
C ARG C 156 8.72 -11.55 17.83
N VAL C 157 8.08 -12.69 17.59
CA VAL C 157 7.96 -13.27 16.26
C VAL C 157 6.64 -12.83 15.66
N ILE C 158 6.69 -12.31 14.45
CA ILE C 158 5.51 -11.86 13.72
C ILE C 158 5.40 -12.68 12.44
N ASN C 159 4.18 -12.75 11.91
CA ASN C 159 3.91 -13.49 10.69
C ASN C 159 3.46 -12.49 9.62
N ILE C 160 4.30 -12.29 8.62
CA ILE C 160 4.01 -11.40 7.50
C ILE C 160 3.92 -12.26 6.25
N ASP C 161 2.72 -12.32 5.67
CA ASP C 161 2.49 -13.01 4.39
C ASP C 161 2.92 -14.47 4.47
N GLY C 162 2.92 -15.04 5.67
CA GLY C 162 3.27 -16.43 5.87
C GLY C 162 4.67 -16.67 6.40
N GLN C 163 5.56 -15.69 6.30
CA GLN C 163 6.93 -15.87 6.78
C GLN C 163 7.10 -15.19 8.13
N LYS C 164 7.89 -15.81 8.99
CA LYS C 164 8.07 -15.32 10.35
C LYS C 164 9.28 -14.40 10.41
N HIS C 165 9.12 -13.29 11.13
CA HIS C 165 10.17 -12.30 11.33
C HIS C 165 10.35 -12.08 12.82
N ILE C 166 11.60 -12.14 13.27
CA ILE C 166 11.93 -11.86 14.67
C ILE C 166 12.25 -10.37 14.77
N VAL C 167 11.35 -9.62 15.39
CA VAL C 167 11.51 -8.18 15.53
C VAL C 167 11.71 -7.86 17.01
N ILE C 168 12.79 -7.16 17.31
CA ILE C 168 12.98 -6.52 18.61
C ILE C 168 12.14 -5.25 18.61
N PHE C 169 11.16 -5.20 19.52
CA PHE C 169 10.38 -4.02 19.80
C PHE C 169 10.88 -3.39 21.10
N ALA C 170 10.39 -2.19 21.39
CA ALA C 170 10.84 -1.45 22.55
C ALA C 170 9.94 -1.75 23.74
N MET C 171 10.55 -2.26 24.83
CA MET C 171 9.78 -2.47 26.05
C MET C 171 9.28 -1.15 26.63
N ARG C 172 9.98 -0.06 26.35
CA ARG C 172 9.59 1.25 26.88
C ARG C 172 9.97 2.32 25.88
N LYS C 173 9.64 3.56 26.22
CA LYS C 173 10.01 4.71 25.38
C LYS C 173 11.53 4.90 25.44
N ILE C 174 12.21 4.51 24.39
CA ILE C 174 13.66 4.61 24.32
C ILE C 174 14.04 5.94 23.70
N TYR C 175 15.04 6.60 24.27
CA TYR C 175 15.46 7.92 23.85
C TYR C 175 16.79 7.84 23.11
N ARG C 176 17.12 8.92 22.42
CA ARG C 176 18.31 8.96 21.58
C ARG C 176 19.58 8.75 22.40
N GLY C 177 20.54 8.01 21.84
CA GLY C 177 21.79 7.73 22.49
C GLY C 177 21.79 6.44 23.30
N GLU C 178 20.63 5.98 23.73
CA GLU C 178 20.55 4.78 24.56
C GLU C 178 21.05 3.56 23.78
N GLU C 179 21.77 2.69 24.48
CA GLU C 179 22.17 1.42 23.89
C GLU C 179 21.01 0.43 23.97
N LEU C 180 20.76 -0.26 22.87
CA LEU C 180 19.62 -1.17 22.78
C LEU C 180 20.01 -2.55 23.30
N THR C 181 19.21 -3.07 24.22
CA THR C 181 19.45 -4.37 24.84
C THR C 181 18.12 -5.07 25.08
N TYR C 182 18.13 -6.39 24.98
CA TYR C 182 16.94 -7.20 25.22
C TYR C 182 17.32 -8.42 26.04
N ASP C 183 16.31 -9.21 26.38
CA ASP C 183 16.51 -10.43 27.15
C ASP C 183 16.76 -11.58 26.17
N TYR C 184 18.01 -12.05 26.11
CA TYR C 184 18.32 -13.20 25.28
C TYR C 184 17.68 -14.47 25.81
N LYS C 185 17.37 -14.51 27.10
CA LYS C 185 16.74 -15.67 27.72
C LYS C 185 17.56 -16.93 27.51
N PHE C 186 18.86 -16.81 27.67
CA PHE C 186 19.76 -17.94 27.45
C PHE C 186 19.62 -18.94 28.59
N PRO C 187 19.44 -20.22 28.30
CA PRO C 187 19.27 -21.21 29.36
C PRO C 187 20.51 -21.31 30.24
N ILE C 188 20.29 -21.77 31.48
CA ILE C 188 21.34 -21.82 32.47
C ILE C 188 22.35 -22.91 32.09
N GLU C 189 23.57 -22.49 31.80
CA GLU C 189 24.67 -23.40 31.51
C GLU C 189 25.42 -23.71 32.81
N ASP C 190 26.58 -24.35 32.70
CA ASP C 190 27.37 -24.68 33.88
C ASP C 190 28.53 -23.70 34.03
N LYS C 194 29.21 -20.69 32.04
CA LYS C 194 28.85 -19.48 32.78
C LYS C 194 29.47 -18.24 32.12
N LEU C 195 28.59 -17.37 31.62
CA LEU C 195 29.03 -16.14 30.96
C LEU C 195 28.75 -14.96 31.88
N PRO C 196 29.77 -14.32 32.44
CA PRO C 196 29.52 -13.14 33.29
C PRO C 196 28.90 -12.00 32.48
N CYS C 197 28.00 -11.26 33.13
CA CYS C 197 27.31 -10.15 32.49
C CYS C 197 27.82 -8.83 33.06
N ASN C 198 27.93 -7.84 32.19
CA ASN C 198 28.33 -6.49 32.55
C ASN C 198 27.31 -5.48 32.02
N CYS C 199 26.03 -5.82 32.15
CA CYS C 199 24.97 -4.95 31.64
C CYS C 199 24.81 -3.70 32.48
N GLY C 200 25.30 -3.70 33.72
CA GLY C 200 25.22 -2.54 34.57
C GLY C 200 23.92 -2.40 35.34
N ALA C 201 22.95 -3.27 35.09
CA ALA C 201 21.69 -3.19 35.80
C ALA C 201 21.85 -3.61 37.26
N LYS C 202 21.06 -2.97 38.13
CA LYS C 202 21.09 -3.33 39.55
C LYS C 202 20.47 -4.70 39.81
N LYS C 203 19.60 -5.17 38.92
CA LYS C 203 18.99 -6.48 39.04
C LYS C 203 19.78 -7.56 38.31
N CYS C 204 20.94 -7.21 37.76
CA CYS C 204 21.70 -8.12 36.91
C CYS C 204 21.93 -9.47 37.58
N ARG C 205 21.62 -10.54 36.85
CA ARG C 205 21.80 -11.90 37.35
C ARG C 205 23.26 -12.30 37.48
N LYS C 206 24.19 -11.42 37.10
CA LYS C 206 25.63 -11.66 37.14
C LYS C 206 26.02 -12.66 36.06
N PHE C 207 25.02 -13.26 35.41
CA PHE C 207 25.24 -14.30 34.42
C PHE C 207 24.01 -14.40 33.55
N LEU C 208 24.22 -14.43 32.22
CA LEU C 208 23.11 -14.73 31.31
C LEU C 208 22.51 -16.09 31.61
N ASN C 209 23.30 -17.00 32.15
CA ASN C 209 22.88 -18.37 32.38
C ASN C 209 23.04 -18.74 33.85
N LYS D 38 -0.75 51.25 24.58
CA LYS D 38 -0.78 49.80 24.32
C LYS D 38 -1.65 49.48 23.12
N PRO D 39 -1.17 48.58 22.26
CA PRO D 39 -1.94 48.21 21.08
C PRO D 39 -3.21 47.45 21.46
N HIS D 40 -4.28 47.73 20.73
CA HIS D 40 -5.55 47.06 20.93
C HIS D 40 -5.80 46.04 19.83
N ARG D 41 -6.36 44.90 20.20
CA ARG D 41 -6.78 43.88 19.25
C ARG D 41 -8.13 43.35 19.70
N TYR D 42 -9.12 43.43 18.82
CA TYR D 42 -10.43 42.89 19.14
C TYR D 42 -10.33 41.38 19.37
N ARG D 43 -11.26 40.88 20.18
CA ARG D 43 -11.28 39.46 20.47
C ARG D 43 -11.62 38.68 19.19
N PRO D 44 -11.23 37.41 19.12
CA PRO D 44 -11.42 36.65 17.87
C PRO D 44 -12.88 36.59 17.47
N GLY D 45 -13.10 36.45 16.17
CA GLY D 45 -14.45 36.33 15.64
C GLY D 45 -15.13 37.68 15.52
N THR D 46 -14.94 38.53 16.53
CA THR D 46 -15.61 39.82 16.59
C THR D 46 -15.48 40.57 15.28
N VAL D 47 -14.25 40.73 14.80
CA VAL D 47 -14.05 41.37 13.50
C VAL D 47 -14.70 40.55 12.40
N ALA D 48 -14.50 39.23 12.43
CA ALA D 48 -15.17 38.36 11.48
C ALA D 48 -16.68 38.42 11.66
N LEU D 49 -17.15 38.59 12.89
CA LEU D 49 -18.58 38.74 13.12
C LEU D 49 -19.12 39.96 12.40
N ARG D 50 -18.44 41.10 12.55
CA ARG D 50 -18.84 42.30 11.85
C ARG D 50 -18.75 42.12 10.35
N GLU D 51 -17.76 41.34 9.90
CA GLU D 51 -17.65 41.02 8.48
C GLU D 51 -18.89 40.26 8.01
N ILE D 52 -19.32 39.27 8.78
CA ILE D 52 -20.56 38.56 8.49
C ILE D 52 -21.72 39.54 8.40
N ARG D 53 -21.79 40.44 9.36
CA ARG D 53 -22.90 41.38 9.42
C ARG D 53 -22.94 42.25 8.19
N ARG D 54 -21.79 42.80 7.79
CA ARG D 54 -21.76 43.67 6.63
C ARG D 54 -21.93 42.90 5.34
N TYR D 55 -21.57 41.62 5.32
CA TYR D 55 -21.73 40.84 4.11
C TYR D 55 -23.19 40.44 3.90
N GLN D 56 -23.87 40.08 4.99
CA GLN D 56 -25.32 39.97 4.91
C GLN D 56 -25.94 41.33 4.60
N LYS D 57 -25.24 42.41 4.99
CA LYS D 57 -25.69 43.74 4.60
C LYS D 57 -25.45 43.98 3.11
N SER D 58 -24.23 43.73 2.64
CA SER D 58 -23.95 43.91 1.23
C SER D 58 -24.62 42.83 0.39
N THR D 59 -24.63 43.05 -0.93
CA THR D 59 -25.24 42.11 -1.88
C THR D 59 -24.36 41.80 -3.09
N GLU D 60 -23.38 42.63 -3.40
CA GLU D 60 -22.54 42.46 -4.58
C GLU D 60 -21.69 41.19 -4.45
N LEU D 61 -20.93 40.91 -5.50
CA LEU D 61 -20.09 39.73 -5.54
C LEU D 61 -18.94 39.86 -4.54
N LEU D 62 -18.34 38.73 -4.19
CA LEU D 62 -17.16 38.72 -3.34
C LEU D 62 -16.01 37.98 -4.00
N ILE D 63 -16.06 37.81 -5.32
CA ILE D 63 -15.02 37.14 -6.08
C ILE D 63 -14.49 38.09 -7.14
N ARG D 64 -13.17 38.15 -7.28
CA ARG D 64 -12.56 38.96 -8.32
C ARG D 64 -12.93 38.42 -9.69
N LYS D 65 -13.31 39.32 -10.59
CA LYS D 65 -13.91 38.92 -11.86
C LYS D 65 -12.93 38.12 -12.70
N LEU D 66 -11.80 38.72 -13.02
CA LEU D 66 -10.84 38.09 -13.93
C LEU D 66 -10.40 36.71 -13.50
N PRO D 67 -10.05 36.43 -12.24
CA PRO D 67 -9.68 35.06 -11.89
C PRO D 67 -10.80 34.08 -12.15
N PHE D 68 -12.01 34.43 -11.78
CA PHE D 68 -13.15 33.56 -12.06
C PHE D 68 -13.28 33.30 -13.55
N GLN D 69 -13.17 34.36 -14.36
CA GLN D 69 -13.30 34.20 -15.81
C GLN D 69 -12.24 33.28 -16.36
N ARG D 70 -10.99 33.47 -15.92
CA ARG D 70 -9.91 32.60 -16.38
C ARG D 70 -10.19 31.15 -16.00
N LEU D 71 -10.69 30.94 -14.79
CA LEU D 71 -11.05 29.59 -14.38
C LEU D 71 -12.12 29.01 -15.29
N VAL D 72 -13.13 29.81 -15.61
CA VAL D 72 -14.21 29.31 -16.47
C VAL D 72 -13.67 28.92 -17.83
N ARG D 73 -12.83 29.77 -18.41
CA ARG D 73 -12.31 29.45 -19.74
C ARG D 73 -11.40 28.22 -19.69
N GLU D 74 -10.63 28.08 -18.61
CA GLU D 74 -9.83 26.88 -18.42
C GLU D 74 -10.71 25.64 -18.39
N ILE D 75 -11.83 25.72 -17.67
CA ILE D 75 -12.75 24.59 -17.64
C ILE D 75 -13.32 24.34 -19.02
N ALA D 76 -13.59 25.42 -19.76
CA ALA D 76 -14.23 25.29 -21.06
C ALA D 76 -13.33 24.54 -22.04
N GLN D 77 -12.06 24.93 -22.11
CA GLN D 77 -11.16 24.29 -23.07
C GLN D 77 -11.06 22.79 -22.84
N ASP D 78 -11.43 22.32 -21.65
CA ASP D 78 -11.44 20.88 -21.40
C ASP D 78 -12.45 20.18 -22.29
N PHE D 79 -13.63 20.77 -22.44
CA PHE D 79 -14.66 20.18 -23.27
C PHE D 79 -14.54 20.61 -24.72
N LYS D 80 -14.22 21.88 -24.95
CA LYS D 80 -13.88 22.32 -26.29
C LYS D 80 -13.07 23.60 -26.17
N THR D 81 -12.03 23.70 -26.99
CA THR D 81 -11.10 24.82 -26.93
C THR D 81 -11.57 25.96 -27.81
N ASP D 82 -11.13 27.17 -27.44
CA ASP D 82 -11.42 28.40 -28.17
C ASP D 82 -12.92 28.62 -28.32
N LEU D 83 -13.57 28.82 -27.19
CA LEU D 83 -14.99 29.14 -27.13
C LEU D 83 -15.16 30.50 -26.47
N ARG D 84 -16.03 31.33 -27.04
CA ARG D 84 -16.20 32.68 -26.55
C ARG D 84 -17.39 32.74 -25.59
N PHE D 85 -17.54 33.89 -24.93
CA PHE D 85 -18.55 33.98 -23.89
C PHE D 85 -19.10 35.40 -23.83
N GLN D 86 -20.31 35.51 -23.31
CA GLN D 86 -20.86 36.82 -22.95
C GLN D 86 -20.39 37.22 -21.57
N SER D 87 -20.02 38.50 -21.43
CA SER D 87 -19.78 39.04 -20.10
C SER D 87 -21.00 38.83 -19.21
N SER D 88 -22.19 39.04 -19.78
CA SER D 88 -23.41 38.71 -19.05
C SER D 88 -23.44 37.24 -18.68
N ALA D 89 -23.05 36.37 -19.61
CA ALA D 89 -23.05 34.93 -19.34
C ALA D 89 -22.16 34.60 -18.16
N VAL D 90 -20.93 35.09 -18.19
CA VAL D 90 -19.98 34.75 -17.14
C VAL D 90 -20.35 35.43 -15.82
N MET D 91 -20.92 36.63 -15.89
CA MET D 91 -21.47 37.23 -14.68
C MET D 91 -22.54 36.35 -14.08
N ALA D 92 -23.40 35.78 -14.91
CA ALA D 92 -24.40 34.84 -14.42
C ALA D 92 -23.74 33.62 -13.80
N LEU D 93 -22.73 33.08 -14.48
CA LEU D 93 -22.01 31.92 -13.93
C LEU D 93 -21.51 32.23 -12.53
N GLN D 94 -20.79 33.33 -12.38
CA GLN D 94 -20.18 33.62 -11.09
C GLN D 94 -21.23 33.92 -10.03
N GLU D 95 -22.28 34.65 -10.39
CA GLU D 95 -23.34 34.92 -9.41
C GLU D 95 -23.99 33.63 -8.94
N ALA D 96 -24.41 32.80 -9.89
CA ALA D 96 -25.08 31.55 -9.52
C ALA D 96 -24.17 30.64 -8.72
N SER D 97 -22.90 30.55 -9.14
CA SER D 97 -21.94 29.80 -8.35
C SER D 97 -21.93 30.30 -6.93
N GLU D 98 -21.52 31.57 -6.74
CA GLU D 98 -21.42 32.13 -5.41
C GLU D 98 -22.69 31.93 -4.60
N ALA D 99 -23.84 31.95 -5.26
CA ALA D 99 -25.08 31.66 -4.55
C ALA D 99 -25.08 30.24 -4.02
N TYR D 100 -24.82 29.28 -4.89
CA TYR D 100 -24.71 27.90 -4.45
C TYR D 100 -23.68 27.76 -3.34
N LEU D 101 -22.62 28.55 -3.41
CA LEU D 101 -21.51 28.41 -2.50
C LEU D 101 -21.88 28.94 -1.13
N VAL D 102 -22.56 30.08 -1.08
CA VAL D 102 -22.98 30.62 0.20
C VAL D 102 -24.07 29.76 0.79
N ALA D 103 -24.89 29.13 -0.06
CA ALA D 103 -25.87 28.19 0.47
C ALA D 103 -25.18 27.00 1.11
N LEU D 104 -24.15 26.48 0.45
CA LEU D 104 -23.38 25.39 1.02
C LEU D 104 -22.72 25.81 2.32
N PHE D 105 -22.08 26.98 2.32
CA PHE D 105 -21.49 27.47 3.55
C PHE D 105 -22.54 27.63 4.64
N GLU D 106 -23.75 28.05 4.26
CA GLU D 106 -24.80 28.30 5.23
C GLU D 106 -25.21 27.00 5.91
N ASP D 107 -25.65 26.03 5.11
CA ASP D 107 -26.13 24.81 5.72
C ASP D 107 -24.99 23.99 6.33
N THR D 108 -23.76 24.19 5.87
CA THR D 108 -22.66 23.55 6.57
C THR D 108 -22.41 24.21 7.92
N ASN D 109 -22.56 25.53 8.00
CA ASN D 109 -22.59 26.21 9.28
C ASN D 109 -23.65 25.60 10.17
N LEU D 110 -24.85 25.40 9.63
CA LEU D 110 -25.94 24.82 10.41
C LEU D 110 -25.56 23.44 10.93
N CYS D 111 -25.03 22.60 10.04
CA CYS D 111 -24.60 21.27 10.43
C CYS D 111 -23.56 21.34 11.54
N ALA D 112 -22.60 22.25 11.40
CA ALA D 112 -21.58 22.41 12.44
C ALA D 112 -22.21 22.85 13.75
N ILE D 113 -23.29 23.63 13.69
CA ILE D 113 -24.07 23.87 14.89
C ILE D 113 -24.54 22.55 15.47
N HIS D 114 -25.12 21.70 14.62
CA HIS D 114 -25.46 20.36 15.08
C HIS D 114 -24.22 19.57 15.44
N ALA D 115 -23.05 19.97 14.94
CA ALA D 115 -21.79 19.40 15.39
C ALA D 115 -21.25 20.10 16.62
N LYS D 116 -21.97 21.10 17.13
CA LYS D 116 -21.65 21.78 18.38
C LYS D 116 -20.30 22.47 18.33
N ARG D 117 -19.80 22.77 17.14
CA ARG D 117 -18.54 23.45 16.97
C ARG D 117 -18.76 24.76 16.22
N VAL D 118 -17.86 25.71 16.46
CA VAL D 118 -17.85 26.93 15.67
C VAL D 118 -16.82 26.84 14.55
N THR D 119 -15.88 25.91 14.63
CA THR D 119 -14.95 25.62 13.55
C THR D 119 -15.61 24.67 12.56
N ILE D 120 -15.26 24.82 11.30
CA ILE D 120 -15.84 23.97 10.26
C ILE D 120 -14.92 22.80 9.98
N MET D 121 -15.51 21.68 9.56
CA MET D 121 -14.78 20.46 9.26
C MET D 121 -15.16 19.99 7.85
N PRO D 122 -14.18 19.50 7.08
CA PRO D 122 -14.49 19.08 5.70
C PRO D 122 -15.61 18.07 5.64
N LYS D 123 -15.63 17.15 6.59
CA LYS D 123 -16.68 16.15 6.65
C LYS D 123 -18.07 16.79 6.69
N ASP D 124 -18.18 17.95 7.34
CA ASP D 124 -19.45 18.66 7.33
C ASP D 124 -19.87 18.97 5.90
N ILE D 125 -18.96 19.51 5.11
CA ILE D 125 -19.30 19.84 3.73
C ILE D 125 -19.63 18.59 2.94
N GLN D 126 -18.83 17.54 3.12
CA GLN D 126 -19.05 16.31 2.37
C GLN D 126 -20.42 15.74 2.66
N LEU D 127 -20.74 15.57 3.94
CA LEU D 127 -22.03 15.03 4.33
C LEU D 127 -23.17 15.97 3.96
N ALA D 128 -22.91 17.27 3.93
CA ALA D 128 -23.94 18.19 3.48
C ALA D 128 -24.30 17.93 2.03
N ARG D 129 -23.28 17.84 1.18
CA ARG D 129 -23.50 17.42 -0.20
C ARG D 129 -24.21 16.07 -0.25
N ARG D 130 -23.83 15.17 0.66
CA ARG D 130 -24.48 13.87 0.75
C ARG D 130 -25.98 14.02 0.96
N ILE D 131 -26.37 14.88 1.91
CA ILE D 131 -27.79 15.16 2.10
C ILE D 131 -28.33 15.95 0.94
N ARG D 132 -27.50 16.81 0.36
CA ARG D 132 -27.89 17.51 -0.85
C ARG D 132 -27.92 16.61 -2.05
N GLY D 133 -27.80 15.30 -1.86
CA GLY D 133 -27.83 14.39 -2.98
C GLY D 133 -26.67 14.56 -3.93
N GLU D 134 -25.62 15.24 -3.51
CA GLU D 134 -24.48 15.52 -4.37
C GLU D 134 -23.39 14.45 -4.27
N ARG D 135 -23.74 13.25 -3.84
CA ARG D 135 -22.78 12.16 -3.73
C ARG D 135 -23.28 10.93 -4.49
N LYS E 21 -2.91 29.42 -26.51
CA LYS E 21 -3.26 29.94 -25.19
C LYS E 21 -3.95 28.88 -24.36
N VAL E 22 -3.15 28.02 -23.72
CA VAL E 22 -3.66 26.92 -22.91
C VAL E 22 -3.64 27.35 -21.45
N LEU E 23 -4.80 27.32 -20.82
CA LEU E 23 -4.97 27.78 -19.45
C LEU E 23 -4.77 26.63 -18.46
N ARG E 24 -4.58 27.00 -17.19
CA ARG E 24 -4.34 26.03 -16.13
C ARG E 24 -4.40 26.72 -14.78
N ASP E 25 -4.62 25.90 -13.74
CA ASP E 25 -4.43 26.24 -12.32
C ASP E 25 -5.07 27.57 -11.93
N ASN E 26 -6.16 27.96 -12.58
CA ASN E 26 -6.89 29.12 -12.09
C ASN E 26 -7.77 28.77 -10.90
N ILE E 27 -7.89 27.49 -10.57
CA ILE E 27 -8.67 27.08 -9.41
C ILE E 27 -8.08 27.67 -8.15
N GLN E 28 -6.76 27.62 -8.01
CA GLN E 28 -6.13 28.27 -6.87
C GLN E 28 -6.15 29.78 -7.00
N GLY E 29 -6.44 30.30 -8.19
CA GLY E 29 -6.74 31.71 -8.33
C GLY E 29 -7.85 32.17 -7.40
N ILE E 30 -8.67 31.23 -6.93
CA ILE E 30 -9.63 31.53 -5.88
C ILE E 30 -8.86 31.76 -4.59
N THR E 31 -8.90 32.99 -4.08
CA THR E 31 -8.15 33.33 -2.89
C THR E 31 -8.86 32.82 -1.64
N LYS E 32 -8.08 32.32 -0.68
CA LYS E 32 -8.64 32.02 0.63
C LYS E 32 -9.37 33.21 1.23
N PRO E 33 -8.89 34.45 1.12
CA PRO E 33 -9.73 35.58 1.55
C PRO E 33 -11.08 35.61 0.86
N ALA E 34 -11.12 35.29 -0.43
CA ALA E 34 -12.42 35.24 -1.10
C ALA E 34 -13.30 34.16 -0.49
N ILE E 35 -12.73 32.99 -0.24
CA ILE E 35 -13.50 31.89 0.32
C ILE E 35 -14.06 32.29 1.68
N ARG E 36 -13.22 32.87 2.53
CA ARG E 36 -13.69 33.27 3.85
C ARG E 36 -14.67 34.42 3.76
N ARG E 37 -14.56 35.27 2.75
CA ARG E 37 -15.58 36.29 2.53
C ARG E 37 -16.92 35.66 2.25
N LEU E 38 -16.94 34.69 1.35
CA LEU E 38 -18.17 33.98 1.05
C LEU E 38 -18.71 33.28 2.30
N ALA E 39 -17.80 32.73 3.11
CA ALA E 39 -18.23 32.03 4.32
C ALA E 39 -18.87 33.00 5.30
N ARG E 40 -18.23 34.15 5.52
CA ARG E 40 -18.82 35.17 6.38
C ARG E 40 -20.18 35.60 5.85
N ARG E 41 -20.31 35.72 4.52
CA ARG E 41 -21.63 35.98 3.96
C ARG E 41 -22.61 34.88 4.34
N GLY E 42 -22.15 33.63 4.29
CA GLY E 42 -22.95 32.52 4.78
C GLY E 42 -23.10 32.48 6.27
N GLY E 43 -22.46 33.39 6.99
CA GLY E 43 -22.61 33.45 8.43
C GLY E 43 -21.81 32.39 9.14
N VAL E 44 -20.52 32.35 8.87
CA VAL E 44 -19.62 31.36 9.46
C VAL E 44 -18.56 32.10 10.26
N LYS E 45 -18.26 31.59 11.46
CA LYS E 45 -17.28 32.24 12.33
C LYS E 45 -15.89 31.62 12.21
N ARG E 46 -15.74 30.35 12.54
CA ARG E 46 -14.44 29.69 12.53
C ARG E 46 -14.38 28.64 11.44
N ILE E 47 -13.26 28.65 10.72
CA ILE E 47 -13.07 27.82 9.55
C ILE E 47 -11.71 27.14 9.65
N SER E 48 -11.61 25.97 9.05
CA SER E 48 -10.34 25.27 8.97
C SER E 48 -9.72 25.46 7.60
N GLY E 49 -8.43 25.15 7.51
CA GLY E 49 -7.74 25.27 6.23
C GLY E 49 -8.20 24.21 5.25
N LEU E 50 -8.30 22.96 5.71
CA LEU E 50 -8.62 21.81 4.87
C LEU E 50 -9.81 22.06 3.97
N ILE E 51 -10.61 23.08 4.26
CA ILE E 51 -11.84 23.31 3.52
C ILE E 51 -11.55 23.85 2.14
N TYR E 52 -10.67 24.87 2.07
CA TYR E 52 -10.65 25.76 0.91
C TYR E 52 -10.48 24.99 -0.39
N GLU E 53 -9.35 24.30 -0.52
CA GLU E 53 -9.10 23.46 -1.68
C GLU E 53 -10.25 22.48 -1.90
N GLU E 54 -10.65 21.79 -0.82
CA GLU E 54 -11.85 20.96 -0.86
C GLU E 54 -12.99 21.74 -1.46
N THR E 55 -13.30 22.88 -0.85
CA THR E 55 -14.25 23.84 -1.39
C THR E 55 -14.04 24.00 -2.88
N ARG E 56 -12.84 24.44 -3.24
CA ARG E 56 -12.49 24.65 -4.65
C ARG E 56 -12.92 23.47 -5.49
N GLY E 57 -12.53 22.27 -5.09
CA GLY E 57 -12.88 21.06 -5.81
C GLY E 57 -14.35 21.04 -6.12
N VAL E 58 -15.16 21.10 -5.06
CA VAL E 58 -16.62 21.14 -5.17
C VAL E 58 -17.00 22.16 -6.22
N LEU E 59 -16.50 23.38 -6.04
CA LEU E 59 -16.73 24.48 -6.97
C LEU E 59 -16.53 23.97 -8.38
N LYS E 60 -15.31 23.54 -8.67
CA LYS E 60 -14.98 22.93 -9.95
C LYS E 60 -16.03 21.92 -10.33
N VAL E 61 -16.18 20.87 -9.51
CA VAL E 61 -17.15 19.83 -9.80
C VAL E 61 -18.49 20.45 -10.18
N PHE E 62 -18.97 21.38 -9.34
CA PHE E 62 -20.23 22.05 -9.61
C PHE E 62 -20.23 22.61 -11.02
N LEU E 63 -19.34 23.57 -11.27
CA LEU E 63 -19.27 24.16 -12.60
C LEU E 63 -18.91 23.13 -13.64
N GLU E 64 -18.14 22.10 -13.24
CA GLU E 64 -17.84 20.98 -14.11
C GLU E 64 -19.04 20.57 -14.94
N ASN E 65 -20.22 20.56 -14.34
CA ASN E 65 -21.38 20.17 -15.12
C ASN E 65 -21.78 21.32 -16.05
N VAL E 66 -22.12 22.46 -15.46
CA VAL E 66 -22.99 23.41 -16.13
C VAL E 66 -22.38 23.85 -17.46
N ILE E 67 -21.13 24.31 -17.42
CA ILE E 67 -20.46 24.80 -18.63
C ILE E 67 -20.61 23.80 -19.75
N ARG E 68 -20.23 22.55 -19.48
CA ARG E 68 -20.37 21.50 -20.46
C ARG E 68 -21.79 21.47 -20.99
N ASP E 69 -22.75 21.26 -20.09
CA ASP E 69 -24.14 21.29 -20.50
C ASP E 69 -24.45 22.58 -21.25
N ALA E 70 -23.97 23.69 -20.70
CA ALA E 70 -24.14 24.98 -21.36
C ALA E 70 -23.61 24.93 -22.79
N VAL E 71 -22.35 24.53 -22.95
CA VAL E 71 -21.80 24.49 -24.29
C VAL E 71 -22.49 23.41 -25.10
N THR E 72 -23.01 22.40 -24.40
CA THR E 72 -23.88 21.44 -25.06
C THR E 72 -25.01 22.15 -25.78
N TYR E 73 -25.71 23.02 -25.07
CA TYR E 73 -26.64 23.94 -25.71
C TYR E 73 -25.97 24.62 -26.89
N THR E 74 -24.85 25.29 -26.60
CA THR E 74 -24.10 25.92 -27.68
C THR E 74 -23.70 24.89 -28.73
N GLU E 75 -23.41 23.67 -28.29
CA GLU E 75 -23.26 22.56 -29.23
C GLU E 75 -24.41 22.54 -30.22
N HIS E 76 -25.63 22.38 -29.71
CA HIS E 76 -26.75 22.38 -30.63
C HIS E 76 -26.97 23.75 -31.24
N ALA E 77 -26.54 24.81 -30.55
CA ALA E 77 -26.66 26.14 -31.10
C ALA E 77 -25.75 26.35 -32.30
N LYS E 78 -24.78 25.46 -32.53
CA LYS E 78 -23.87 25.56 -33.66
C LYS E 78 -23.11 26.88 -33.66
N ARG E 79 -22.76 27.37 -32.47
CA ARG E 79 -22.10 28.67 -32.35
C ARG E 79 -20.79 28.52 -31.59
N LYS E 80 -19.91 29.50 -31.77
CA LYS E 80 -18.61 29.50 -31.13
C LYS E 80 -18.59 30.23 -29.80
N THR E 81 -19.42 31.26 -29.64
CA THR E 81 -19.52 31.94 -28.36
C THR E 81 -20.59 31.28 -27.50
N VAL E 82 -20.43 31.41 -26.20
CA VAL E 82 -21.36 30.83 -25.24
C VAL E 82 -22.15 31.96 -24.60
N THR E 83 -23.46 31.76 -24.45
CA THR E 83 -24.37 32.79 -24.01
C THR E 83 -24.92 32.48 -22.62
N ALA E 84 -25.55 33.49 -22.03
CA ALA E 84 -26.15 33.29 -20.72
C ALA E 84 -27.32 32.32 -20.79
N MET E 85 -28.21 32.49 -21.78
CA MET E 85 -29.38 31.63 -21.88
C MET E 85 -29.00 30.16 -21.85
N ASP E 86 -27.78 29.83 -22.27
CA ASP E 86 -27.26 28.47 -22.10
C ASP E 86 -27.31 28.07 -20.64
N VAL E 87 -26.62 28.81 -19.76
CA VAL E 87 -26.57 28.44 -18.36
C VAL E 87 -27.94 28.60 -17.73
N VAL E 88 -28.75 29.51 -18.26
CA VAL E 88 -30.13 29.63 -17.80
C VAL E 88 -30.83 28.29 -17.93
N TYR E 89 -30.84 27.75 -19.15
CA TYR E 89 -31.52 26.49 -19.38
C TYR E 89 -30.81 25.35 -18.68
N ALA E 90 -29.51 25.49 -18.41
CA ALA E 90 -28.79 24.46 -17.66
C ALA E 90 -29.28 24.41 -16.22
N LEU E 91 -29.14 25.53 -15.51
CA LEU E 91 -29.62 25.64 -14.14
C LEU E 91 -31.09 25.27 -14.04
N LYS E 92 -31.87 25.61 -15.06
CA LYS E 92 -33.23 25.12 -15.16
C LYS E 92 -33.24 23.60 -15.16
N ARG E 93 -32.55 23.00 -16.13
CA ARG E 93 -32.41 21.55 -16.16
C ARG E 93 -31.66 21.05 -14.94
N GLN E 94 -30.79 21.86 -14.37
CA GLN E 94 -30.17 21.52 -13.10
C GLN E 94 -31.03 21.89 -11.91
N GLY E 95 -32.27 22.30 -12.14
CA GLY E 95 -33.17 22.63 -11.05
C GLY E 95 -32.65 23.73 -10.16
N ARG E 96 -31.84 24.64 -10.69
CA ARG E 96 -31.28 25.73 -9.92
C ARG E 96 -31.47 27.03 -10.68
N THR E 97 -32.68 27.21 -11.23
CA THR E 97 -32.94 28.29 -12.16
C THR E 97 -32.62 29.65 -11.56
N LEU E 98 -32.33 30.60 -12.44
CA LEU E 98 -31.92 31.94 -12.08
C LEU E 98 -32.71 32.94 -12.91
N TYR E 99 -32.85 34.14 -12.40
CA TYR E 99 -33.60 35.19 -13.07
C TYR E 99 -32.69 36.33 -13.48
N GLY E 100 -33.22 37.16 -14.37
CA GLY E 100 -32.54 38.39 -14.76
C GLY E 100 -31.68 38.31 -15.99
N PHE E 101 -31.90 37.33 -16.86
CA PHE E 101 -31.07 37.22 -18.05
C PHE E 101 -31.88 36.82 -19.27
N GLY E 102 -33.13 37.25 -19.33
CA GLY E 102 -33.99 36.88 -20.44
C GLY E 102 -34.68 35.56 -20.19
N ALA F 12 -45.81 -4.21 -53.43
CA ALA F 12 -46.19 -3.72 -52.11
C ALA F 12 -45.57 -4.57 -51.02
N LYS F 13 -44.24 -4.64 -51.01
CA LYS F 13 -43.52 -5.39 -49.99
C LYS F 13 -43.44 -4.56 -48.71
N ALA F 14 -43.76 -5.17 -47.59
CA ALA F 14 -43.80 -4.49 -46.30
C ALA F 14 -42.53 -4.79 -45.50
N LYS F 15 -42.05 -3.78 -44.79
CA LYS F 15 -40.92 -3.95 -43.88
C LYS F 15 -40.93 -2.82 -42.87
N THR F 16 -41.07 -3.16 -41.59
CA THR F 16 -41.18 -2.15 -40.56
C THR F 16 -39.83 -1.46 -40.35
N ARG F 17 -39.91 -0.21 -39.89
CA ARG F 17 -38.70 0.57 -39.67
C ARG F 17 -37.82 -0.04 -38.59
N SER F 18 -38.41 -0.82 -37.68
CA SER F 18 -37.60 -1.50 -36.68
C SER F 18 -36.73 -2.57 -37.32
N SER F 19 -37.32 -3.39 -38.19
CA SER F 19 -36.54 -4.33 -38.97
C SER F 19 -35.54 -3.60 -39.85
N ARG F 20 -35.97 -2.48 -40.44
CA ARG F 20 -35.06 -1.67 -41.24
C ARG F 20 -33.89 -1.17 -40.42
N ALA F 21 -34.10 -1.02 -39.12
CA ALA F 21 -33.01 -0.77 -38.17
C ALA F 21 -32.56 -2.04 -37.47
N GLY F 22 -33.19 -3.17 -37.77
CA GLY F 22 -32.82 -4.43 -37.15
C GLY F 22 -32.90 -4.39 -35.64
N LEU F 23 -33.88 -3.69 -35.11
CA LEU F 23 -34.04 -3.53 -33.67
C LEU F 23 -35.43 -3.97 -33.27
N GLN F 24 -35.74 -3.80 -31.98
CA GLN F 24 -36.98 -4.33 -31.40
C GLN F 24 -38.02 -3.27 -31.10
N PHE F 25 -37.60 -2.12 -30.58
CA PHE F 25 -38.56 -1.11 -30.14
C PHE F 25 -39.33 -0.55 -31.33
N PRO F 26 -40.64 -0.38 -31.20
CA PRO F 26 -41.46 -0.03 -32.37
C PRO F 26 -41.29 1.42 -32.80
N VAL F 27 -40.56 1.62 -33.90
CA VAL F 27 -40.32 2.97 -34.39
C VAL F 27 -41.63 3.63 -34.77
N GLY F 28 -42.52 2.89 -35.42
CA GLY F 28 -43.81 3.46 -35.78
C GLY F 28 -44.64 3.83 -34.57
N ARG F 29 -44.68 2.95 -33.57
CA ARG F 29 -45.47 3.23 -32.38
C ARG F 29 -44.91 4.44 -31.64
N VAL F 30 -43.60 4.47 -31.41
CA VAL F 30 -43.02 5.59 -30.68
C VAL F 30 -43.15 6.88 -31.48
N HIS F 31 -43.13 6.78 -32.82
CA HIS F 31 -43.33 7.95 -33.64
C HIS F 31 -44.74 8.50 -33.47
N ARG F 32 -45.74 7.62 -33.53
CA ARG F 32 -47.10 8.04 -33.24
C ARG F 32 -47.19 8.65 -31.85
N LEU F 33 -46.48 8.08 -30.89
CA LEU F 33 -46.55 8.56 -29.52
C LEU F 33 -46.01 9.98 -29.42
N LEU F 34 -44.81 10.21 -29.92
CA LEU F 34 -44.24 11.54 -29.88
C LEU F 34 -45.10 12.52 -30.69
N ARG F 35 -45.70 12.06 -31.78
CA ARG F 35 -46.60 12.91 -32.55
C ARG F 35 -47.76 13.35 -31.67
N LYS F 36 -48.41 12.41 -31.00
CA LYS F 36 -49.50 12.72 -30.09
C LYS F 36 -49.00 13.37 -28.80
N GLY F 37 -47.68 13.53 -28.65
CA GLY F 37 -47.14 14.11 -27.45
C GLY F 37 -47.00 15.61 -27.47
N ASN F 38 -47.20 16.23 -28.64
CA ASN F 38 -47.24 17.69 -28.77
C ASN F 38 -45.94 18.32 -28.25
N TYR F 39 -44.85 17.98 -28.93
CA TYR F 39 -43.55 18.57 -28.61
C TYR F 39 -43.01 19.43 -29.73
N ALA F 40 -43.23 19.04 -30.99
CA ALA F 40 -42.79 19.83 -32.12
C ALA F 40 -43.78 19.63 -33.26
N GLU F 41 -43.82 20.62 -34.15
CA GLU F 41 -44.77 20.58 -35.25
C GLU F 41 -44.38 19.48 -36.24
N ARG F 42 -43.19 19.57 -36.81
CA ARG F 42 -42.65 18.50 -37.64
C ARG F 42 -41.62 17.72 -36.84
N VAL F 43 -41.23 16.56 -37.38
CA VAL F 43 -40.32 15.66 -36.68
C VAL F 43 -39.25 15.20 -37.66
N GLY F 44 -38.10 14.82 -37.09
CA GLY F 44 -37.09 14.13 -37.87
C GLY F 44 -37.43 12.66 -37.94
N ALA F 45 -37.52 12.14 -39.16
CA ALA F 45 -37.98 10.76 -39.34
C ALA F 45 -37.05 9.76 -38.66
N GLY F 46 -35.76 10.09 -38.58
CA GLY F 46 -34.81 9.22 -37.91
C GLY F 46 -34.72 9.41 -36.42
N ALA F 47 -35.31 10.48 -35.89
CA ALA F 47 -35.30 10.68 -34.45
C ALA F 47 -36.00 9.55 -33.70
N PRO F 48 -37.15 9.02 -34.12
CA PRO F 48 -37.71 7.87 -33.40
C PRO F 48 -36.77 6.68 -33.40
N VAL F 49 -36.17 6.39 -34.56
CA VAL F 49 -35.18 5.31 -34.64
C VAL F 49 -34.10 5.53 -33.60
N TYR F 50 -33.52 6.74 -33.60
CA TYR F 50 -32.39 7.02 -32.73
C TYR F 50 -32.79 6.86 -31.27
N LEU F 51 -33.88 7.50 -30.87
CA LEU F 51 -34.29 7.44 -29.48
C LEU F 51 -34.60 6.02 -29.06
N ALA F 52 -35.32 5.28 -29.90
CA ALA F 52 -35.67 3.91 -29.56
C ALA F 52 -34.41 3.06 -29.44
N ALA F 53 -33.40 3.34 -30.25
CA ALA F 53 -32.14 2.63 -30.09
C ALA F 53 -31.51 2.93 -28.74
N VAL F 54 -31.55 4.20 -28.34
CA VAL F 54 -31.03 4.57 -27.03
C VAL F 54 -31.77 3.81 -25.94
N LEU F 55 -33.10 3.77 -26.04
CA LEU F 55 -33.90 3.05 -25.07
C LEU F 55 -33.50 1.59 -25.05
N GLU F 56 -33.34 0.99 -26.23
CA GLU F 56 -32.89 -0.39 -26.32
C GLU F 56 -31.60 -0.58 -25.54
N TYR F 57 -30.64 0.32 -25.75
CA TYR F 57 -29.35 0.19 -25.09
C TYR F 57 -29.50 0.25 -23.57
N LEU F 58 -30.10 1.33 -23.07
CA LEU F 58 -30.18 1.50 -21.62
C LEU F 58 -30.99 0.40 -20.98
N THR F 59 -32.09 0.00 -21.60
CA THR F 59 -32.87 -1.11 -21.11
C THR F 59 -32.03 -2.36 -21.06
N ALA F 60 -31.21 -2.59 -22.08
CA ALA F 60 -30.33 -3.75 -22.08
C ALA F 60 -29.43 -3.74 -20.86
N GLU F 61 -28.80 -2.61 -20.58
CA GLU F 61 -27.86 -2.56 -19.46
C GLU F 61 -28.59 -2.84 -18.14
N ILE F 62 -29.73 -2.17 -17.95
CA ILE F 62 -30.39 -2.29 -16.66
C ILE F 62 -30.93 -3.70 -16.46
N LEU F 63 -31.56 -4.26 -17.49
CA LEU F 63 -32.04 -5.63 -17.38
C LEU F 63 -30.89 -6.60 -17.23
N GLU F 64 -29.74 -6.28 -17.81
CA GLU F 64 -28.59 -7.18 -17.69
C GLU F 64 -28.11 -7.23 -16.26
N LEU F 65 -27.96 -6.06 -15.65
CA LEU F 65 -27.56 -6.02 -14.24
C LEU F 65 -28.62 -6.69 -13.37
N ALA F 66 -29.89 -6.49 -13.73
CA ALA F 66 -30.97 -7.14 -12.98
C ALA F 66 -30.83 -8.65 -13.03
N GLY F 67 -30.62 -9.20 -14.22
CA GLY F 67 -30.41 -10.63 -14.35
C GLY F 67 -29.15 -11.10 -13.65
N ASN F 68 -28.12 -10.25 -13.62
CA ASN F 68 -26.93 -10.56 -12.87
C ASN F 68 -27.27 -10.83 -11.42
N ALA F 69 -27.96 -9.88 -10.79
CA ALA F 69 -28.41 -10.09 -9.41
C ALA F 69 -29.31 -11.31 -9.31
N ALA F 70 -30.15 -11.53 -10.31
CA ALA F 70 -31.14 -12.60 -10.25
C ALA F 70 -30.47 -13.96 -10.17
N ARG F 71 -29.61 -14.27 -11.15
CA ARG F 71 -28.92 -15.55 -11.09
C ARG F 71 -27.84 -15.54 -10.02
N ASP F 72 -27.42 -14.36 -9.55
CA ASP F 72 -26.64 -14.30 -8.34
C ASP F 72 -27.44 -14.81 -7.16
N ASN F 73 -28.76 -14.72 -7.26
CA ASN F 73 -29.66 -15.26 -6.25
C ASN F 73 -30.39 -16.50 -6.74
N LYS F 74 -29.86 -17.15 -7.78
CA LYS F 74 -30.48 -18.35 -8.35
C LYS F 74 -31.92 -18.08 -8.77
N LYS F 75 -32.19 -16.86 -9.22
CA LYS F 75 -33.55 -16.45 -9.55
C LYS F 75 -33.67 -16.30 -11.06
N THR F 76 -34.48 -17.16 -11.67
CA THR F 76 -34.76 -17.02 -13.10
C THR F 76 -35.57 -15.77 -13.36
N ARG F 77 -36.77 -15.71 -12.81
CA ARG F 77 -37.61 -14.53 -12.99
C ARG F 77 -37.11 -13.42 -12.08
N ILE F 78 -36.84 -12.26 -12.67
CA ILE F 78 -36.21 -11.17 -11.95
C ILE F 78 -37.23 -10.49 -11.05
N ILE F 79 -36.80 -10.13 -9.84
CA ILE F 79 -37.67 -9.48 -8.88
C ILE F 79 -37.30 -8.01 -8.81
N PRO F 80 -38.25 -7.13 -8.49
CA PRO F 80 -37.92 -5.70 -8.36
C PRO F 80 -36.78 -5.43 -7.40
N ARG F 81 -36.56 -6.31 -6.42
CA ARG F 81 -35.40 -6.13 -5.56
C ARG F 81 -34.11 -6.21 -6.35
N HIS F 82 -34.03 -7.15 -7.30
CA HIS F 82 -32.90 -7.18 -8.21
C HIS F 82 -32.74 -5.83 -8.89
N LEU F 83 -33.86 -5.24 -9.30
CA LEU F 83 -33.83 -3.95 -9.99
C LEU F 83 -33.24 -2.87 -9.10
N GLN F 84 -33.71 -2.80 -7.85
CA GLN F 84 -33.18 -1.81 -6.92
C GLN F 84 -31.69 -2.00 -6.72
N LEU F 85 -31.27 -3.24 -6.49
CA LEU F 85 -29.85 -3.49 -6.28
C LEU F 85 -29.04 -3.05 -7.49
N ALA F 86 -29.52 -3.40 -8.69
CA ALA F 86 -28.81 -3.03 -9.90
C ALA F 86 -28.70 -1.52 -10.02
N VAL F 87 -29.82 -0.81 -9.85
CA VAL F 87 -29.81 0.63 -10.04
C VAL F 87 -29.03 1.32 -8.93
N ARG F 88 -28.84 0.67 -7.80
CA ARG F 88 -28.05 1.27 -6.74
C ARG F 88 -26.56 0.96 -6.85
N ASN F 89 -26.22 -0.13 -7.54
CA ASN F 89 -24.80 -0.48 -7.66
C ASN F 89 -24.09 0.40 -8.68
N ASP F 90 -24.63 0.48 -9.90
CA ASP F 90 -23.97 1.27 -10.93
C ASP F 90 -24.02 2.75 -10.60
N GLU F 91 -22.86 3.40 -10.67
CA GLU F 91 -22.80 4.82 -10.40
C GLU F 91 -23.57 5.61 -11.44
N GLU F 92 -23.34 5.32 -12.72
CA GLU F 92 -23.97 6.09 -13.78
C GLU F 92 -25.48 5.95 -13.75
N LEU F 93 -25.97 4.72 -13.65
CA LEU F 93 -27.42 4.52 -13.63
C LEU F 93 -28.04 5.07 -12.35
N ASN F 94 -27.35 4.92 -11.22
CA ASN F 94 -27.85 5.49 -9.98
C ASN F 94 -27.97 7.00 -10.10
N LYS F 95 -26.92 7.65 -10.59
CA LYS F 95 -26.97 9.08 -10.87
C LYS F 95 -28.13 9.41 -11.80
N LEU F 96 -28.36 8.55 -12.79
CA LEU F 96 -29.46 8.76 -13.72
C LEU F 96 -30.80 8.72 -12.99
N LEU F 97 -30.93 7.85 -12.01
CA LEU F 97 -32.19 7.61 -11.33
C LEU F 97 -32.05 7.83 -9.83
N GLY F 98 -31.33 8.88 -9.44
CA GLY F 98 -31.13 9.14 -8.02
C GLY F 98 -32.42 9.48 -7.30
N ARG F 99 -33.13 10.49 -7.78
CA ARG F 99 -34.37 10.93 -7.15
C ARG F 99 -35.56 10.10 -7.57
N VAL F 100 -35.33 8.98 -8.22
CA VAL F 100 -36.37 8.07 -8.66
C VAL F 100 -36.56 7.00 -7.61
N THR F 101 -37.81 6.59 -7.42
CA THR F 101 -38.12 5.52 -6.50
C THR F 101 -38.65 4.32 -7.26
N ILE F 102 -38.51 3.15 -6.64
CA ILE F 102 -38.86 1.87 -7.27
C ILE F 102 -39.77 1.09 -6.33
N ALA F 103 -40.89 0.61 -6.85
CA ALA F 103 -41.80 -0.21 -6.07
C ALA F 103 -41.12 -1.51 -5.69
N GLN F 104 -41.35 -1.95 -4.45
CA GLN F 104 -40.73 -3.15 -3.93
C GLN F 104 -39.21 -3.10 -4.08
N GLY F 105 -38.66 -1.90 -3.89
CA GLY F 105 -37.25 -1.70 -4.09
C GLY F 105 -36.42 -2.11 -2.90
N GLY F 106 -36.74 -1.57 -1.74
CA GLY F 106 -35.92 -1.80 -0.58
C GLY F 106 -34.64 -0.98 -0.67
N VAL F 107 -33.73 -1.27 0.25
CA VAL F 107 -32.45 -0.55 0.34
C VAL F 107 -31.32 -1.54 0.09
N LEU F 108 -30.32 -1.08 -0.65
CA LEU F 108 -29.13 -1.89 -0.85
C LEU F 108 -28.45 -2.12 0.50
N PRO F 109 -27.71 -3.22 0.64
CA PRO F 109 -26.96 -3.44 1.89
C PRO F 109 -25.99 -2.31 2.14
N ASN F 110 -26.09 -1.73 3.34
CA ASN F 110 -25.22 -0.63 3.72
C ASN F 110 -25.20 -0.53 5.23
N ILE F 111 -24.05 -0.80 5.83
CA ILE F 111 -23.83 -0.63 7.27
C ILE F 111 -22.69 0.35 7.44
N GLN F 112 -22.88 1.34 8.31
CA GLN F 112 -21.83 2.32 8.50
C GLN F 112 -20.75 1.77 9.41
N SER F 113 -19.58 2.41 9.34
CA SER F 113 -18.40 1.90 10.04
C SER F 113 -18.67 1.78 11.54
N VAL F 114 -18.98 2.90 12.18
CA VAL F 114 -19.18 2.91 13.62
C VAL F 114 -20.34 2.05 14.08
N LEU F 115 -21.21 1.61 13.16
CA LEU F 115 -22.31 0.75 13.57
C LEU F 115 -21.82 -0.58 14.10
N LEU F 116 -20.69 -1.06 13.60
CA LEU F 116 -20.14 -2.31 14.09
C LEU F 116 -19.61 -2.12 15.50
N PRO F 117 -19.93 -3.01 16.43
CA PRO F 117 -19.34 -2.92 17.76
C PRO F 117 -17.88 -3.35 17.72
N LYS F 118 -17.10 -2.77 18.61
CA LYS F 118 -15.68 -3.10 18.70
C LYS F 118 -15.42 -3.98 19.92
N THR G 29 -60.88 -2.91 -24.24
CA THR G 29 -60.02 -1.75 -24.49
C THR G 29 -58.57 -2.17 -24.60
N ARG G 30 -57.95 -1.88 -25.74
CA ARG G 30 -56.56 -2.23 -25.97
C ARG G 30 -55.64 -1.28 -25.23
N LYS G 31 -54.76 -1.84 -24.40
CA LYS G 31 -53.78 -1.06 -23.64
C LYS G 31 -52.39 -1.45 -24.13
N GLU G 32 -51.71 -0.53 -24.80
CA GLU G 32 -50.40 -0.82 -25.33
C GLU G 32 -49.36 -0.91 -24.21
N SER G 33 -48.27 -1.60 -24.51
CA SER G 33 -47.16 -1.74 -23.59
C SER G 33 -45.91 -2.11 -24.38
N TYR G 34 -44.87 -2.53 -23.67
CA TYR G 34 -43.63 -2.96 -24.30
C TYR G 34 -43.12 -4.27 -23.72
N ALA G 35 -43.95 -4.96 -22.93
CA ALA G 35 -43.55 -6.22 -22.34
C ALA G 35 -43.01 -7.17 -23.41
N ILE G 36 -43.61 -7.15 -24.59
CA ILE G 36 -43.07 -7.91 -25.70
C ILE G 36 -41.64 -7.48 -25.98
N TYR G 37 -41.41 -6.17 -26.06
CA TYR G 37 -40.08 -5.68 -26.42
C TYR G 37 -39.09 -5.88 -25.29
N VAL G 38 -39.52 -5.67 -24.05
CA VAL G 38 -38.61 -5.87 -22.94
C VAL G 38 -38.25 -7.34 -22.81
N TYR G 39 -39.21 -8.22 -23.10
CA TYR G 39 -38.92 -9.65 -23.07
C TYR G 39 -37.99 -10.02 -24.21
N LYS G 40 -38.20 -9.40 -25.38
CA LYS G 40 -37.31 -9.63 -26.52
C LYS G 40 -35.87 -9.30 -26.16
N VAL G 41 -35.66 -8.09 -25.64
CA VAL G 41 -34.29 -7.68 -25.32
C VAL G 41 -33.74 -8.48 -24.16
N LEU G 42 -34.61 -8.89 -23.23
CA LEU G 42 -34.20 -9.80 -22.16
C LEU G 42 -33.58 -11.05 -22.76
N LYS G 43 -34.32 -11.73 -23.64
CA LYS G 43 -33.78 -12.91 -24.29
C LYS G 43 -32.51 -12.58 -25.05
N GLN G 44 -32.49 -11.45 -25.75
CA GLN G 44 -31.31 -11.06 -26.52
C GLN G 44 -30.09 -10.90 -25.62
N VAL G 45 -30.31 -10.56 -24.37
CA VAL G 45 -29.23 -10.47 -23.40
C VAL G 45 -29.17 -11.70 -22.52
N HIS G 46 -30.32 -12.18 -22.08
CA HIS G 46 -30.39 -13.34 -21.18
C HIS G 46 -31.54 -14.21 -21.63
N PRO G 47 -31.27 -15.18 -22.52
CA PRO G 47 -32.31 -16.14 -22.88
C PRO G 47 -32.74 -16.99 -21.70
N ASP G 48 -31.86 -17.17 -20.73
CA ASP G 48 -32.14 -18.02 -19.58
C ASP G 48 -32.98 -17.29 -18.55
N THR G 49 -32.61 -16.05 -18.23
CA THR G 49 -33.20 -15.35 -17.10
C THR G 49 -34.65 -14.99 -17.39
N GLY G 50 -35.51 -15.16 -16.40
CA GLY G 50 -36.93 -14.89 -16.52
C GLY G 50 -37.27 -13.47 -16.20
N ILE G 51 -38.54 -13.24 -15.86
CA ILE G 51 -39.02 -11.89 -15.60
C ILE G 51 -40.31 -11.99 -14.79
N SER G 52 -40.49 -11.03 -13.88
CA SER G 52 -41.73 -10.90 -13.13
C SER G 52 -42.57 -9.77 -13.71
N SER G 53 -43.89 -9.95 -13.63
CA SER G 53 -44.81 -8.94 -14.17
C SER G 53 -44.69 -7.63 -13.41
N LYS G 54 -44.48 -7.69 -12.10
CA LYS G 54 -44.29 -6.47 -11.33
C LYS G 54 -43.11 -5.69 -11.87
N ALA G 55 -41.94 -6.32 -11.89
CA ALA G 55 -40.77 -5.67 -12.45
C ALA G 55 -40.96 -5.34 -13.92
N MET G 56 -41.78 -6.12 -14.63
CA MET G 56 -42.08 -5.81 -16.02
C MET G 56 -42.73 -4.44 -16.14
N SER G 57 -43.83 -4.25 -15.42
CA SER G 57 -44.51 -2.96 -15.44
C SER G 57 -43.61 -1.86 -14.90
N ILE G 58 -42.70 -2.22 -13.99
CA ILE G 58 -41.71 -1.25 -13.53
C ILE G 58 -40.87 -0.77 -14.70
N MET G 59 -40.34 -1.71 -15.48
CA MET G 59 -39.56 -1.38 -16.66
C MET G 59 -40.37 -0.50 -17.60
N ASN G 60 -41.62 -0.87 -17.82
CA ASN G 60 -42.46 -0.11 -18.74
C ASN G 60 -42.62 1.32 -18.27
N SER G 61 -43.03 1.49 -17.01
CA SER G 61 -43.17 2.83 -16.45
C SER G 61 -41.87 3.61 -16.58
N PHE G 62 -40.74 2.96 -16.27
CA PHE G 62 -39.47 3.64 -16.30
C PHE G 62 -39.14 4.15 -17.69
N VAL G 63 -39.32 3.30 -18.70
CA VAL G 63 -38.99 3.73 -20.05
C VAL G 63 -39.94 4.82 -20.48
N ASN G 64 -41.19 4.77 -20.05
CA ASN G 64 -42.11 5.86 -20.35
C ASN G 64 -41.59 7.16 -19.75
N ASP G 65 -41.14 7.10 -18.50
CA ASP G 65 -40.64 8.30 -17.83
C ASP G 65 -39.43 8.87 -18.54
N VAL G 66 -38.48 8.02 -18.90
CA VAL G 66 -37.27 8.54 -19.52
C VAL G 66 -37.56 9.03 -20.92
N PHE G 67 -38.50 8.40 -21.61
CA PHE G 67 -38.88 8.89 -22.92
C PHE G 67 -39.53 10.26 -22.82
N GLU G 68 -40.36 10.46 -21.80
CA GLU G 68 -40.92 11.79 -21.62
C GLU G 68 -39.83 12.78 -21.23
N ARG G 69 -38.85 12.34 -20.45
CA ARG G 69 -37.72 13.18 -20.13
C ARG G 69 -37.07 13.71 -21.41
N ILE G 70 -36.65 12.78 -22.26
CA ILE G 70 -35.94 13.17 -23.48
C ILE G 70 -36.85 13.99 -24.38
N ALA G 71 -38.14 13.65 -24.43
CA ALA G 71 -39.07 14.39 -25.27
C ALA G 71 -39.18 15.84 -24.83
N GLY G 72 -39.43 16.06 -23.54
CA GLY G 72 -39.52 17.41 -23.03
C GLY G 72 -38.24 18.19 -23.23
N GLU G 73 -37.10 17.54 -22.99
CA GLU G 73 -35.83 18.24 -23.11
C GLU G 73 -35.58 18.65 -24.56
N ALA G 74 -35.78 17.73 -25.49
CA ALA G 74 -35.54 18.03 -26.89
C ALA G 74 -36.51 19.11 -27.38
N SER G 75 -37.77 19.03 -26.97
CA SER G 75 -38.72 20.04 -27.36
C SER G 75 -38.33 21.40 -26.80
N ARG G 76 -37.87 21.43 -25.55
CA ARG G 76 -37.42 22.67 -24.95
C ARG G 76 -36.27 23.27 -25.75
N LEU G 77 -35.28 22.44 -26.07
CA LEU G 77 -34.14 22.90 -26.84
C LEU G 77 -34.55 23.44 -28.19
N ALA G 78 -35.37 22.67 -28.92
CA ALA G 78 -35.79 23.10 -30.25
C ALA G 78 -36.57 24.41 -30.16
N HIS G 79 -37.39 24.55 -29.12
CA HIS G 79 -38.06 25.82 -28.88
C HIS G 79 -37.05 26.93 -28.67
N TYR G 80 -35.96 26.63 -27.96
CA TYR G 80 -34.87 27.59 -27.87
C TYR G 80 -34.27 27.86 -29.23
N ASN G 81 -34.04 26.81 -30.02
CA ASN G 81 -33.69 27.02 -31.42
C ASN G 81 -34.87 27.54 -32.21
N LYS G 82 -36.05 27.61 -31.60
CA LYS G 82 -37.26 28.09 -32.26
C LYS G 82 -37.53 27.31 -33.54
N ARG G 83 -37.11 26.05 -33.56
CA ARG G 83 -37.24 25.18 -34.72
C ARG G 83 -38.42 24.26 -34.50
N SER G 84 -39.46 24.41 -35.32
CA SER G 84 -40.68 23.62 -35.16
C SER G 84 -40.46 22.14 -35.45
N THR G 85 -39.33 21.77 -36.02
CA THR G 85 -39.03 20.38 -36.33
C THR G 85 -38.09 19.80 -35.29
N ILE G 86 -38.28 18.53 -34.99
CA ILE G 86 -37.46 17.82 -34.01
C ILE G 86 -36.72 16.70 -34.73
N THR G 87 -35.40 16.79 -34.76
CA THR G 87 -34.58 15.85 -35.49
C THR G 87 -33.66 15.07 -34.55
N SER G 88 -32.82 14.24 -35.14
CA SER G 88 -31.97 13.35 -34.34
C SER G 88 -30.85 14.11 -33.64
N ARG G 89 -30.32 15.16 -34.26
CA ARG G 89 -29.29 15.94 -33.60
C ARG G 89 -29.76 16.44 -32.25
N GLU G 90 -31.00 16.94 -32.21
CA GLU G 90 -31.61 17.32 -30.94
C GLU G 90 -31.58 16.16 -29.97
N ILE G 91 -31.89 14.96 -30.46
CA ILE G 91 -31.96 13.81 -29.58
C ILE G 91 -30.59 13.52 -28.99
N GLN G 92 -29.56 13.51 -29.84
CA GLN G 92 -28.21 13.27 -29.37
C GLN G 92 -27.82 14.30 -28.33
N THR G 93 -28.02 15.57 -28.64
CA THR G 93 -27.64 16.64 -27.73
C THR G 93 -28.35 16.46 -26.39
N ALA G 94 -29.65 16.19 -26.43
CA ALA G 94 -30.42 16.18 -25.20
C ALA G 94 -30.13 14.93 -24.38
N VAL G 95 -29.85 13.80 -25.02
CA VAL G 95 -29.48 12.63 -24.24
C VAL G 95 -28.11 12.83 -23.63
N ARG G 96 -27.20 13.47 -24.36
CA ARG G 96 -25.92 13.85 -23.77
C ARG G 96 -26.15 14.70 -22.55
N LEU G 97 -27.10 15.63 -22.63
CA LEU G 97 -27.52 16.37 -21.45
C LEU G 97 -28.01 15.42 -20.37
N LEU G 98 -28.72 14.36 -20.77
CA LEU G 98 -29.33 13.47 -19.81
C LEU G 98 -28.38 12.42 -19.27
N LEU G 99 -27.48 11.94 -20.06
CA LEU G 99 -26.93 10.74 -19.45
C LEU G 99 -25.62 11.05 -18.74
N PRO G 100 -25.35 10.35 -17.65
CA PRO G 100 -24.09 10.58 -16.95
C PRO G 100 -22.92 10.01 -17.73
N GLY G 101 -22.19 10.90 -18.39
CA GLY G 101 -20.94 10.52 -19.03
C GLY G 101 -21.07 9.35 -19.99
N GLU G 102 -20.28 8.32 -19.71
CA GLU G 102 -19.95 7.31 -20.71
C GLU G 102 -21.18 6.65 -21.32
N LEU G 103 -22.22 6.45 -20.51
CA LEU G 103 -23.49 5.91 -21.00
C LEU G 103 -23.85 6.60 -22.31
N ALA G 104 -24.07 7.91 -22.22
CA ALA G 104 -24.41 8.70 -23.39
C ALA G 104 -23.51 8.35 -24.56
N LYS G 105 -22.20 8.42 -24.33
CA LYS G 105 -21.24 8.07 -25.37
C LYS G 105 -21.62 6.75 -26.00
N HIS G 106 -21.57 5.68 -25.21
CA HIS G 106 -22.04 4.39 -25.67
C HIS G 106 -23.37 4.54 -26.38
N ALA G 107 -24.35 5.08 -25.65
CA ALA G 107 -25.67 5.32 -26.21
C ALA G 107 -25.58 5.88 -27.62
N VAL G 108 -24.97 7.07 -27.77
CA VAL G 108 -25.10 7.76 -29.04
C VAL G 108 -24.59 6.89 -30.16
N SER G 109 -23.52 6.12 -29.89
CA SER G 109 -22.95 5.24 -30.90
C SER G 109 -24.05 4.37 -31.51
N GLU G 110 -24.69 3.56 -30.68
CA GLU G 110 -25.72 2.67 -31.20
C GLU G 110 -26.80 3.48 -31.89
N GLY G 111 -27.19 4.60 -31.28
CA GLY G 111 -28.15 5.47 -31.95
C GLY G 111 -27.70 5.82 -33.35
N THR G 112 -26.49 6.35 -33.47
CA THR G 112 -25.92 6.59 -34.79
C THR G 112 -26.02 5.34 -35.64
N LYS G 113 -25.50 4.22 -35.13
CA LYS G 113 -25.64 2.94 -35.81
C LYS G 113 -27.05 2.80 -36.36
N ALA G 114 -28.04 2.91 -35.48
CA ALA G 114 -29.43 2.81 -35.87
C ALA G 114 -29.72 3.63 -37.11
N VAL G 115 -29.52 4.96 -37.00
CA VAL G 115 -29.91 5.82 -38.11
C VAL G 115 -29.08 5.49 -39.34
N THR G 116 -27.80 5.15 -39.14
CA THR G 116 -27.00 4.70 -40.27
C THR G 116 -27.65 3.48 -40.88
N LYS G 117 -27.92 2.46 -40.06
CA LYS G 117 -28.63 1.29 -40.53
C LYS G 117 -29.95 1.67 -41.17
N TYR G 118 -30.60 2.73 -40.66
CA TYR G 118 -31.84 3.13 -41.30
C TYR G 118 -31.60 4.06 -42.48
N THR G 119 -30.54 4.87 -42.45
CA THR G 119 -30.28 5.70 -43.62
C THR G 119 -29.76 4.85 -44.77
N SER G 120 -29.07 3.76 -44.46
CA SER G 120 -28.61 2.83 -45.46
C SER G 120 -29.74 1.94 -46.00
N ALA G 121 -30.98 2.19 -45.59
CA ALA G 121 -32.11 1.41 -46.09
C ALA G 121 -32.39 1.76 -47.55
N LYS H 38 -28.65 -20.44 33.77
CA LYS H 38 -28.75 -18.98 33.83
C LYS H 38 -29.29 -18.43 32.52
N PRO H 39 -30.20 -17.45 32.61
CA PRO H 39 -30.77 -16.87 31.40
C PRO H 39 -29.73 -16.09 30.62
N HIS H 40 -29.81 -16.17 29.30
CA HIS H 40 -28.92 -15.42 28.42
C HIS H 40 -29.66 -14.26 27.78
N ARG H 41 -28.96 -13.14 27.66
CA ARG H 41 -29.47 -11.97 26.96
C ARG H 41 -28.35 -11.40 26.11
N TYR H 42 -28.58 -11.28 24.81
CA TYR H 42 -27.59 -10.69 23.94
C TYR H 42 -27.32 -9.25 24.34
N ARG H 43 -26.11 -8.78 24.04
CA ARG H 43 -25.75 -7.42 24.35
C ARG H 43 -26.61 -6.45 23.54
N PRO H 44 -26.77 -5.21 23.99
CA PRO H 44 -27.67 -4.28 23.30
C PRO H 44 -27.25 -4.05 21.86
N GLY H 45 -28.22 -3.71 21.03
CA GLY H 45 -27.97 -3.44 19.63
C GLY H 45 -27.79 -4.69 18.81
N THR H 46 -27.11 -5.68 19.37
CA THR H 46 -26.81 -6.91 18.66
C THR H 46 -28.05 -7.49 17.99
N VAL H 47 -29.11 -7.68 18.76
CA VAL H 47 -30.37 -8.15 18.19
C VAL H 47 -30.89 -7.14 17.19
N ALA H 48 -30.87 -5.86 17.56
CA ALA H 48 -31.27 -4.82 16.61
C ALA H 48 -30.33 -4.79 15.42
N LEU H 49 -29.05 -5.09 15.62
CA LEU H 49 -28.12 -5.16 14.51
C LEU H 49 -28.54 -6.22 13.51
N ARG H 50 -28.84 -7.41 14.02
CA ARG H 50 -29.32 -8.48 13.15
C ARG H 50 -30.63 -8.09 12.49
N GLU H 51 -31.47 -7.34 13.20
CA GLU H 51 -32.70 -6.85 12.61
C GLU H 51 -32.40 -5.94 11.42
N ILE H 52 -31.45 -5.03 11.60
CA ILE H 52 -31.00 -4.19 10.49
C ILE H 52 -30.55 -5.05 9.33
N ARG H 53 -29.75 -6.07 9.63
CA ARG H 53 -29.19 -6.92 8.58
C ARG H 53 -30.29 -7.61 7.80
N ARG H 54 -31.26 -8.19 8.51
CA ARG H 54 -32.33 -8.89 7.82
C ARG H 54 -33.29 -7.94 7.12
N TYR H 55 -33.38 -6.70 7.59
CA TYR H 55 -34.27 -5.76 6.94
C TYR H 55 -33.66 -5.22 5.66
N GLN H 56 -32.35 -4.96 5.68
CA GLN H 56 -31.66 -4.72 4.42
C GLN H 56 -31.68 -5.98 3.56
N LYS H 57 -31.81 -7.15 4.19
CA LYS H 57 -32.01 -8.38 3.43
C LYS H 57 -33.41 -8.44 2.85
N SER H 58 -34.43 -8.21 3.67
CA SER H 58 -35.79 -8.23 3.17
C SER H 58 -36.07 -7.00 2.31
N THR H 59 -37.20 -7.03 1.60
CA THR H 59 -37.61 -5.93 0.73
C THR H 59 -39.07 -5.54 0.89
N GLU H 60 -39.92 -6.39 1.45
CA GLU H 60 -41.34 -6.12 1.59
C GLU H 60 -41.59 -4.95 2.55
N LEU H 61 -42.85 -4.59 2.70
CA LEU H 61 -43.24 -3.48 3.56
C LEU H 61 -43.01 -3.85 5.03
N LEU H 62 -42.93 -2.82 5.86
CA LEU H 62 -42.82 -3.02 7.31
C LEU H 62 -43.94 -2.29 8.04
N ILE H 63 -45.02 -1.94 7.34
CA ILE H 63 -46.16 -1.25 7.94
C ILE H 63 -47.40 -2.09 7.72
N ARG H 64 -48.22 -2.23 8.76
CA ARG H 64 -49.48 -2.95 8.62
C ARG H 64 -50.41 -2.19 7.68
N LYS H 65 -51.05 -2.93 6.78
CA LYS H 65 -51.77 -2.33 5.68
C LYS H 65 -52.95 -1.49 6.19
N LEU H 66 -53.86 -2.14 6.90
CA LEU H 66 -55.08 -1.47 7.34
C LEU H 66 -54.85 -0.19 8.13
N PRO H 67 -53.94 -0.12 9.11
CA PRO H 67 -53.73 1.17 9.78
C PRO H 67 -53.30 2.26 8.84
N PHE H 68 -52.37 1.95 7.94
CA PHE H 68 -51.95 2.94 6.96
C PHE H 68 -53.12 3.41 6.12
N GLN H 69 -53.95 2.46 5.65
CA GLN H 69 -55.09 2.82 4.83
C GLN H 69 -56.06 3.73 5.57
N ARG H 70 -56.34 3.38 6.83
CA ARG H 70 -57.23 4.22 7.62
C ARG H 70 -56.66 5.62 7.78
N LEU H 71 -55.35 5.71 8.01
CA LEU H 71 -54.72 7.01 8.10
C LEU H 71 -54.89 7.80 6.80
N VAL H 72 -54.69 7.12 5.67
CA VAL H 72 -54.82 7.81 4.39
C VAL H 72 -56.23 8.34 4.21
N ARG H 73 -57.23 7.52 4.51
CA ARG H 73 -58.60 7.98 4.31
C ARG H 73 -58.94 9.11 5.27
N GLU H 74 -58.42 9.04 6.49
CA GLU H 74 -58.58 10.13 7.44
C GLU H 74 -58.00 11.42 6.87
N ILE H 75 -56.82 11.33 6.28
CA ILE H 75 -56.22 12.51 5.67
C ILE H 75 -57.08 13.00 4.52
N ALA H 76 -57.64 12.06 3.77
CA ALA H 76 -58.40 12.41 2.57
C ALA H 76 -59.65 13.21 2.94
N GLN H 77 -60.41 12.73 3.92
CA GLN H 77 -61.64 13.43 4.28
C GLN H 77 -61.39 14.87 4.69
N ASP H 78 -60.15 15.21 5.05
CA ASP H 78 -59.82 16.59 5.37
C ASP H 78 -60.00 17.48 4.15
N PHE H 79 -59.55 17.01 2.99
CA PHE H 79 -59.67 17.80 1.77
C PHE H 79 -61.00 17.55 1.07
N LYS H 80 -61.45 16.31 1.06
CA LYS H 80 -62.81 16.02 0.61
C LYS H 80 -63.23 14.67 1.17
N THR H 81 -64.47 14.61 1.62
CA THR H 81 -64.99 13.42 2.29
C THR H 81 -65.58 12.44 1.28
N ASP H 82 -65.58 11.17 1.67
CA ASP H 82 -66.15 10.08 0.90
C ASP H 82 -65.51 10.00 -0.49
N LEU H 83 -64.22 9.69 -0.48
CA LEU H 83 -63.44 9.48 -1.70
C LEU H 83 -62.90 8.06 -1.70
N ARG H 84 -62.99 7.39 -2.83
CA ARG H 84 -62.58 6.00 -2.92
C ARG H 84 -61.16 5.90 -3.45
N PHE H 85 -60.60 4.70 -3.39
CA PHE H 85 -59.20 4.53 -3.73
C PHE H 85 -58.96 3.18 -4.36
N GLN H 86 -57.88 3.09 -5.14
CA GLN H 86 -57.40 1.80 -5.60
C GLN H 86 -56.50 1.17 -4.55
N SER H 87 -56.66 -0.13 -4.35
CA SER H 87 -55.70 -0.87 -3.53
C SER H 87 -54.30 -0.69 -4.09
N SER H 88 -54.17 -0.72 -5.42
CA SER H 88 -52.89 -0.41 -6.03
C SER H 88 -52.45 1.01 -5.67
N ALA H 89 -53.38 1.96 -5.68
CA ALA H 89 -53.04 3.34 -5.36
C ALA H 89 -52.48 3.43 -3.95
N VAL H 90 -53.19 2.85 -2.98
CA VAL H 90 -52.77 2.98 -1.60
C VAL H 90 -51.51 2.17 -1.34
N MET H 91 -51.35 1.03 -2.02
CA MET H 91 -50.10 0.32 -1.95
C MET H 91 -48.95 1.20 -2.43
N ALA H 92 -49.17 1.94 -3.51
CA ALA H 92 -48.16 2.88 -3.97
C ALA H 92 -47.89 3.94 -2.93
N LEU H 93 -48.95 4.49 -2.33
CA LEU H 93 -48.78 5.50 -1.29
C LEU H 93 -47.87 4.98 -0.19
N GLN H 94 -48.21 3.81 0.34
CA GLN H 94 -47.45 3.29 1.48
C GLN H 94 -46.02 2.94 1.09
N GLU H 95 -45.82 2.36 -0.09
CA GLU H 95 -44.46 2.03 -0.52
C GLU H 95 -43.63 3.29 -0.66
N ALA H 96 -44.15 4.29 -1.38
CA ALA H 96 -43.40 5.52 -1.60
C ALA H 96 -43.14 6.23 -0.29
N SER H 97 -44.14 6.28 0.59
CA SER H 97 -43.92 6.85 1.91
C SER H 97 -42.75 6.15 2.57
N GLU H 98 -42.91 4.86 2.84
CA GLU H 98 -41.87 4.10 3.54
C GLU H 98 -40.50 4.29 2.90
N ALA H 99 -40.46 4.45 1.58
CA ALA H 99 -39.19 4.73 0.93
C ALA H 99 -38.63 6.06 1.39
N TYR H 100 -39.44 7.11 1.30
CA TYR H 100 -39.01 8.41 1.81
C TYR H 100 -38.61 8.32 3.27
N LEU H 101 -39.29 7.47 4.02
CA LEU H 101 -39.06 7.39 5.46
C LEU H 101 -37.75 6.71 5.77
N VAL H 102 -37.44 5.63 5.06
CA VAL H 102 -36.17 4.96 5.29
C VAL H 102 -35.05 5.83 4.77
N ALA H 103 -35.28 6.62 3.73
CA ALA H 103 -34.25 7.55 3.30
C ALA H 103 -33.97 8.59 4.38
N LEU H 104 -35.05 9.10 4.99
CA LEU H 104 -34.89 10.05 6.08
C LEU H 104 -34.16 9.41 7.25
N PHE H 105 -34.58 8.21 7.62
CA PHE H 105 -33.88 7.50 8.69
C PHE H 105 -32.42 7.28 8.34
N GLU H 106 -32.13 7.01 7.06
CA GLU H 106 -30.78 6.72 6.62
C GLU H 106 -29.90 7.94 6.81
N ASP H 107 -30.26 9.04 6.16
CA ASP H 107 -29.40 10.21 6.23
C ASP H 107 -29.42 10.83 7.62
N THR H 108 -30.48 10.60 8.41
CA THR H 108 -30.40 11.06 9.79
C THR H 108 -29.44 10.21 10.60
N ASN H 109 -29.41 8.91 10.32
CA ASN H 109 -28.35 8.07 10.86
C ASN H 109 -26.99 8.63 10.51
N LEU H 110 -26.81 8.99 9.24
CA LEU H 110 -25.54 9.54 8.79
C LEU H 110 -25.19 10.80 9.56
N CYS H 111 -26.15 11.71 9.67
CA CYS H 111 -25.95 12.94 10.42
C CYS H 111 -25.56 12.64 11.86
N ALA H 112 -26.25 11.69 12.49
CA ALA H 112 -25.91 11.31 13.85
C ALA H 112 -24.51 10.75 13.93
N ILE H 113 -24.05 10.08 12.87
CA ILE H 113 -22.63 9.73 12.79
C ILE H 113 -21.80 10.99 12.86
N HIS H 114 -22.15 11.99 12.06
CA HIS H 114 -21.49 13.28 12.19
C HIS H 114 -21.77 13.92 13.54
N ALA H 115 -22.84 13.50 14.22
CA ALA H 115 -23.08 13.90 15.59
C ALA H 115 -22.37 13.00 16.59
N LYS H 116 -21.63 12.00 16.10
CA LYS H 116 -20.78 11.13 16.91
C LYS H 116 -21.58 10.35 17.94
N ARG H 117 -22.88 10.19 17.72
CA ARG H 117 -23.73 9.43 18.61
C ARG H 117 -24.35 8.27 17.87
N VAL H 118 -24.68 7.22 18.61
CA VAL H 118 -25.46 6.12 18.06
C VAL H 118 -26.94 6.28 18.37
N THR H 119 -27.29 7.11 19.33
CA THR H 119 -28.67 7.48 19.61
C THR H 119 -29.10 8.59 18.67
N ILE H 120 -30.37 8.60 18.30
CA ILE H 120 -30.88 9.61 17.40
C ILE H 120 -31.51 10.74 18.20
N MET H 121 -31.48 11.95 17.63
CA MET H 121 -32.02 13.13 18.26
C MET H 121 -32.98 13.81 17.29
N PRO H 122 -34.12 14.33 17.79
CA PRO H 122 -35.09 14.95 16.88
C PRO H 122 -34.48 16.04 16.03
N LYS H 123 -33.59 16.83 16.63
CA LYS H 123 -32.92 17.90 15.90
C LYS H 123 -32.22 17.36 14.67
N ASP H 124 -31.69 16.14 14.74
CA ASP H 124 -31.08 15.54 13.57
C ASP H 124 -32.09 15.46 12.43
N ILE H 125 -33.29 14.96 12.72
CA ILE H 125 -34.31 14.83 11.69
C ILE H 125 -34.71 16.22 11.18
N GLN H 126 -34.90 17.16 12.09
CA GLN H 126 -35.33 18.50 11.69
C GLN H 126 -34.32 19.12 10.75
N LEU H 127 -33.06 19.13 11.16
CA LEU H 127 -32.01 19.73 10.34
C LEU H 127 -31.80 18.94 9.06
N ALA H 128 -32.06 17.64 9.08
CA ALA H 128 -31.96 16.87 7.85
C ALA H 128 -32.99 17.36 6.83
N ARG H 129 -34.24 17.48 7.28
CA ARG H 129 -35.26 18.09 6.44
C ARG H 129 -34.83 19.49 6.01
N ARG H 130 -34.19 20.23 6.91
CA ARG H 130 -33.67 21.55 6.58
C ARG H 130 -32.73 21.48 5.39
N ILE H 131 -31.78 20.55 5.44
CA ILE H 131 -30.89 20.36 4.29
C ILE H 131 -31.66 19.78 3.13
N ARG H 132 -32.64 18.94 3.42
CA ARG H 132 -33.52 18.44 2.38
C ARG H 132 -34.46 19.49 1.86
N GLY H 133 -34.27 20.75 2.24
CA GLY H 133 -35.13 21.81 1.77
C GLY H 133 -36.55 21.68 2.24
N GLU H 134 -36.80 20.87 3.26
CA GLU H 134 -38.15 20.61 3.75
C GLU H 134 -38.56 21.58 4.86
N ARG H 135 -37.91 22.73 4.95
CA ARG H 135 -38.24 23.71 5.98
C ARG H 135 -38.53 25.07 5.33
N LYS I 21 -69.26 8.40 8.86
CA LYS I 21 -68.00 7.74 9.17
C LYS I 21 -66.84 8.72 9.16
N VAL I 22 -66.65 9.41 10.27
CA VAL I 22 -65.61 10.43 10.40
C VAL I 22 -64.43 9.80 11.13
N LEU I 23 -63.27 9.83 10.47
CA LEU I 23 -62.06 9.19 10.97
C LEU I 23 -61.23 10.17 11.80
N ARG I 24 -60.29 9.61 12.56
CA ARG I 24 -59.45 10.40 13.44
C ARG I 24 -58.33 9.54 14.00
N ASP I 25 -57.26 10.22 14.45
CA ASP I 25 -56.19 9.67 15.30
C ASP I 25 -55.63 8.35 14.78
N ASN I 26 -55.64 8.13 13.47
CA ASN I 26 -54.94 6.97 12.94
C ASN I 26 -53.44 7.21 12.86
N ILE I 27 -52.99 8.44 13.10
CA ILE I 27 -51.57 8.74 13.10
C ILE I 27 -50.85 7.93 14.17
N GLN I 28 -51.43 7.87 15.36
CA GLN I 28 -50.85 7.02 16.38
C GLN I 28 -51.07 5.55 16.10
N GLY I 29 -51.97 5.22 15.18
CA GLY I 29 -52.05 3.87 14.65
C GLY I 29 -50.72 3.37 14.13
N ILE I 30 -49.80 4.28 13.81
CA ILE I 30 -48.43 3.91 13.49
C ILE I 30 -47.77 3.45 14.78
N THR I 31 -47.42 2.18 14.85
CA THR I 31 -46.83 1.61 16.04
C THR I 31 -45.36 1.99 16.15
N LYS I 32 -44.92 2.29 17.37
CA LYS I 32 -43.50 2.44 17.62
C LYS I 32 -42.69 1.23 17.15
N PRO I 33 -43.15 -0.02 17.32
CA PRO I 33 -42.43 -1.12 16.69
C PRO I 33 -42.31 -0.96 15.19
N ALA I 34 -43.35 -0.44 14.52
CA ALA I 34 -43.22 -0.21 13.09
C ALA I 34 -42.16 0.82 12.81
N ILE I 35 -42.16 1.91 13.57
CA ILE I 35 -41.18 2.96 13.36
C ILE I 35 -39.77 2.42 13.53
N ARG I 36 -39.54 1.66 14.61
CA ARG I 36 -38.21 1.13 14.82
C ARG I 36 -37.86 0.07 13.79
N ARG I 37 -38.85 -0.63 13.25
CA ARG I 37 -38.57 -1.54 12.14
C ARG I 37 -38.05 -0.78 10.94
N LEU I 38 -38.73 0.32 10.60
CA LEU I 38 -38.26 1.15 9.49
C LEU I 38 -36.88 1.69 9.78
N ALA I 39 -36.62 2.06 11.04
CA ALA I 39 -35.32 2.60 11.39
C ALA I 39 -34.23 1.56 11.23
N ARG I 40 -34.47 0.35 11.73
CA ARG I 40 -33.52 -0.74 11.53
C ARG I 40 -33.29 -0.98 10.05
N ARG I 41 -34.35 -0.91 9.24
CA ARG I 41 -34.15 -0.99 7.80
C ARG I 41 -33.23 0.11 7.31
N GLY I 42 -33.40 1.31 7.84
CA GLY I 42 -32.48 2.40 7.57
C GLY I 42 -31.13 2.25 8.21
N GLY I 43 -30.94 1.19 9.01
CA GLY I 43 -29.65 0.94 9.61
C GLY I 43 -29.38 1.84 10.79
N VAL I 44 -30.29 1.82 11.77
CA VAL I 44 -30.18 2.64 12.96
C VAL I 44 -30.13 1.74 14.17
N LYS I 45 -29.23 2.03 15.11
CA LYS I 45 -29.07 1.21 16.30
C LYS I 45 -29.85 1.73 17.49
N ARG I 46 -29.54 2.94 17.95
CA ARG I 46 -30.17 3.49 19.15
C ARG I 46 -31.05 4.67 18.78
N ILE I 47 -32.24 4.69 19.35
CA ILE I 47 -33.27 5.65 19.03
C ILE I 47 -33.84 6.22 20.31
N SER I 48 -34.31 7.45 20.26
CA SER I 48 -34.98 8.06 21.39
C SER I 48 -36.50 8.03 21.17
N GLY I 49 -37.22 8.25 22.27
CA GLY I 49 -38.68 8.26 22.17
C GLY I 49 -39.18 9.48 21.42
N LEU I 50 -38.63 10.66 21.74
CA LEU I 50 -39.09 11.92 21.19
C LEU I 50 -39.23 11.90 19.69
N ILE I 51 -38.65 10.91 19.03
CA ILE I 51 -38.64 10.87 17.58
C ILE I 51 -40.01 10.51 17.04
N TYR I 52 -40.63 9.46 17.60
CA TYR I 52 -41.68 8.73 16.91
C TYR I 52 -42.81 9.66 16.50
N GLU I 53 -43.46 10.27 17.48
CA GLU I 53 -44.50 11.26 17.19
C GLU I 53 -44.00 12.33 16.25
N GLU I 54 -42.82 12.90 16.56
CA GLU I 54 -42.16 13.81 15.62
C GLU I 54 -42.13 13.20 14.23
N THR I 55 -41.54 12.01 14.15
CA THR I 55 -41.57 11.22 12.93
C THR I 55 -42.95 11.25 12.33
N ARG I 56 -43.93 10.77 13.10
CA ARG I 56 -45.32 10.74 12.64
C ARG I 56 -45.72 12.06 12.00
N GLY I 57 -45.48 13.16 12.70
CA GLY I 57 -45.80 14.47 12.19
C GLY I 57 -45.29 14.65 10.79
N VAL I 58 -43.97 14.50 10.64
CA VAL I 58 -43.31 14.59 9.34
C VAL I 58 -44.08 13.75 8.35
N LEU I 59 -44.29 12.48 8.70
CA LEU I 59 -45.04 11.54 7.88
C LEU I 59 -46.30 12.23 7.38
N LYS I 60 -47.15 12.61 8.34
CA LYS I 60 -48.35 13.36 8.05
C LYS I 60 -48.04 14.50 7.08
N VAL I 61 -47.18 15.42 7.53
CA VAL I 61 -46.82 16.56 6.69
C VAL I 61 -46.49 16.09 5.29
N PHE I 62 -45.61 15.10 5.18
CA PHE I 62 -45.23 14.57 3.88
C PHE I 62 -46.47 14.21 3.08
N LEU I 63 -47.22 13.24 3.57
CA LEU I 63 -48.43 12.83 2.86
C LEU I 63 -49.42 13.98 2.79
N GLU I 64 -49.40 14.88 3.78
CA GLU I 64 -50.20 16.09 3.74
C GLU I 64 -50.24 16.69 2.35
N ASN I 65 -49.11 16.71 1.67
CA ASN I 65 -49.13 17.27 0.33
C ASN I 65 -49.80 16.31 -0.63
N VAL I 66 -49.22 15.12 -0.78
CA VAL I 66 -49.40 14.34 -2.00
C VAL I 66 -50.88 14.04 -2.22
N ILE I 67 -51.54 13.50 -1.19
CA ILE I 67 -52.96 13.13 -1.33
C ILE I 67 -53.74 14.29 -1.89
N ARG I 68 -53.62 15.46 -1.26
CA ARG I 68 -54.29 16.65 -1.75
C ARG I 68 -53.99 16.86 -3.22
N ASP I 69 -52.70 17.00 -3.53
CA ASP I 69 -52.32 17.14 -4.93
C ASP I 69 -52.89 15.98 -5.74
N ALA I 70 -52.78 14.77 -5.21
CA ALA I 70 -53.35 13.61 -5.87
C ALA I 70 -54.82 13.82 -6.15
N VAL I 71 -55.60 14.15 -5.11
CA VAL I 71 -57.02 14.33 -5.34
C VAL I 71 -57.25 15.56 -6.18
N THR I 72 -56.31 16.50 -6.13
CA THR I 72 -56.33 17.61 -7.07
C THR I 72 -56.40 17.08 -8.50
N TYR I 73 -55.49 16.18 -8.84
CA TYR I 73 -55.63 15.43 -10.09
C TYR I 73 -57.03 14.87 -10.22
N THR I 74 -57.44 14.10 -9.21
CA THR I 74 -58.79 13.57 -9.21
C THR I 74 -59.81 14.69 -9.27
N GLU I 75 -59.49 15.83 -8.64
CA GLU I 75 -60.27 17.04 -8.85
C GLU I 75 -60.50 17.28 -10.33
N HIS I 76 -59.43 17.45 -11.08
CA HIS I 76 -59.60 17.67 -12.50
C HIS I 76 -60.11 16.42 -13.18
N ALA I 77 -59.84 15.25 -12.61
CA ALA I 77 -60.36 14.02 -13.17
C ALA I 77 -61.86 13.91 -13.04
N LYS I 78 -62.49 14.74 -12.22
CA LYS I 78 -63.94 14.74 -12.05
C LYS I 78 -64.45 13.39 -11.58
N ARG I 79 -63.67 12.71 -10.75
CA ARG I 79 -64.02 11.37 -10.30
C ARG I 79 -64.05 11.31 -8.78
N LYS I 80 -64.75 10.30 -8.26
CA LYS I 80 -64.90 10.13 -6.82
C LYS I 80 -63.84 9.20 -6.23
N THR I 81 -63.35 8.22 -6.99
CA THR I 81 -62.27 7.39 -6.49
C THR I 81 -60.93 7.99 -6.87
N VAL I 82 -59.92 7.68 -6.08
CA VAL I 82 -58.57 8.17 -6.31
C VAL I 82 -57.70 7.02 -6.80
N THR I 83 -56.88 7.31 -7.80
CA THR I 83 -56.10 6.28 -8.48
C THR I 83 -54.62 6.44 -8.19
N ALA I 84 -53.87 5.41 -8.56
CA ALA I 84 -52.42 5.46 -8.38
C ALA I 84 -51.79 6.52 -9.27
N MET I 85 -52.18 6.55 -10.55
CA MET I 85 -51.57 7.50 -11.48
C MET I 85 -51.61 8.92 -10.94
N ASP I 86 -52.60 9.22 -10.08
CA ASP I 86 -52.61 10.49 -9.37
C ASP I 86 -51.31 10.69 -8.60
N VAL I 87 -51.00 9.78 -7.67
CA VAL I 87 -49.81 9.95 -6.86
C VAL I 87 -48.57 9.81 -7.71
N VAL I 88 -48.66 9.03 -8.78
CA VAL I 88 -47.56 8.95 -9.73
C VAL I 88 -47.18 10.34 -10.22
N TYR I 89 -48.18 11.04 -10.79
CA TYR I 89 -47.91 12.37 -11.31
C TYR I 89 -47.59 13.35 -10.19
N ALA I 90 -48.06 13.08 -8.97
CA ALA I 90 -47.72 13.94 -7.84
C ALA I 90 -46.24 13.82 -7.50
N LEU I 91 -45.81 12.61 -7.17
CA LEU I 91 -44.40 12.34 -6.88
C LEU I 91 -43.52 12.80 -8.02
N LYS I 92 -44.00 12.67 -9.25
CA LYS I 92 -43.32 13.26 -10.39
C LYS I 92 -43.19 14.76 -10.21
N ARG I 93 -44.32 15.44 -10.02
CA ARG I 93 -44.31 16.85 -9.73
C ARG I 93 -43.63 17.14 -8.40
N GLN I 94 -43.67 16.19 -7.48
CA GLN I 94 -42.90 16.30 -6.26
C GLN I 94 -41.47 15.84 -6.42
N GLY I 95 -41.05 15.55 -7.65
CA GLY I 95 -39.68 15.14 -7.88
C GLY I 95 -39.29 13.88 -7.13
N ARG I 96 -40.23 13.01 -6.86
CA ARG I 96 -39.96 11.78 -6.13
C ARG I 96 -40.61 10.61 -6.87
N THR I 97 -40.45 10.59 -8.18
CA THR I 97 -41.19 9.68 -9.03
C THR I 97 -40.96 8.23 -8.64
N LEU I 98 -41.95 7.40 -8.98
CA LEU I 98 -41.97 5.99 -8.62
C LEU I 98 -42.34 5.19 -9.85
N TYR I 99 -41.92 3.92 -9.87
CA TYR I 99 -42.18 3.05 -10.99
C TYR I 99 -43.11 1.91 -10.59
N GLY I 100 -43.64 1.25 -11.61
CA GLY I 100 -44.43 0.04 -11.40
C GLY I 100 -45.92 0.24 -11.29
N PHE I 101 -46.46 1.34 -11.80
CA PHE I 101 -47.90 1.55 -11.69
C PHE I 101 -48.47 2.18 -12.95
N GLY I 102 -47.89 1.86 -14.10
CA GLY I 102 -48.35 2.44 -15.35
C GLY I 102 -47.67 3.76 -15.62
N ALA J 12 -66.24 48.56 -37.15
CA ALA J 12 -66.06 47.74 -35.96
C ALA J 12 -64.73 48.07 -35.28
N LYS J 13 -64.79 48.88 -34.23
CA LYS J 13 -63.59 49.24 -33.49
C LYS J 13 -63.04 48.02 -32.76
N ALA J 14 -61.72 47.90 -32.73
CA ALA J 14 -61.03 46.76 -32.13
C ALA J 14 -60.48 47.18 -30.77
N LYS J 15 -61.05 46.62 -29.71
CA LYS J 15 -60.52 46.77 -28.36
C LYS J 15 -59.84 45.48 -27.93
N THR J 16 -58.83 45.61 -27.08
CA THR J 16 -58.11 44.44 -26.62
C THR J 16 -58.99 43.58 -25.71
N ARG J 17 -58.81 42.27 -25.81
CA ARG J 17 -59.59 41.36 -24.99
C ARG J 17 -59.27 41.54 -23.51
N SER J 18 -58.07 42.00 -23.19
CA SER J 18 -57.72 42.26 -21.80
C SER J 18 -58.54 43.42 -21.24
N SER J 19 -58.91 44.38 -22.09
CA SER J 19 -59.81 45.45 -21.65
C SER J 19 -61.14 44.88 -21.20
N ARG J 20 -61.74 44.03 -22.03
CA ARG J 20 -62.97 43.34 -21.64
C ARG J 20 -62.73 42.46 -20.43
N ALA J 21 -61.50 41.98 -20.26
CA ALA J 21 -61.10 41.35 -19.01
C ALA J 21 -60.70 42.36 -17.96
N GLY J 22 -60.50 43.62 -18.34
CA GLY J 22 -60.11 44.63 -17.38
C GLY J 22 -58.78 44.38 -16.74
N LEU J 23 -57.81 43.88 -17.50
CA LEU J 23 -56.51 43.54 -16.97
C LEU J 23 -55.43 44.31 -17.73
N GLN J 24 -54.19 44.13 -17.27
CA GLN J 24 -53.06 44.88 -17.79
C GLN J 24 -52.13 44.05 -18.66
N PHE J 25 -52.12 42.74 -18.49
CA PHE J 25 -51.14 42.07 -19.31
C PHE J 25 -51.78 41.66 -20.64
N PRO J 26 -51.04 41.72 -21.74
CA PRO J 26 -51.66 41.50 -23.05
C PRO J 26 -52.05 40.05 -23.26
N VAL J 27 -53.34 39.77 -23.12
CA VAL J 27 -53.84 38.40 -23.27
C VAL J 27 -53.65 37.92 -24.70
N GLY J 28 -53.57 38.83 -25.67
CA GLY J 28 -53.26 38.42 -27.02
C GLY J 28 -51.88 37.80 -27.12
N ARG J 29 -50.88 38.49 -26.58
CA ARG J 29 -49.54 37.92 -26.51
C ARG J 29 -49.55 36.62 -25.72
N VAL J 30 -50.34 36.58 -24.65
CA VAL J 30 -50.47 35.35 -23.88
C VAL J 30 -50.88 34.20 -24.78
N HIS J 31 -52.05 34.31 -25.39
CA HIS J 31 -52.59 33.25 -26.22
C HIS J 31 -51.65 32.93 -27.37
N ARG J 32 -50.90 33.93 -27.85
CA ARG J 32 -49.91 33.68 -28.88
C ARG J 32 -48.84 32.72 -28.38
N LEU J 33 -48.23 33.06 -27.24
CA LEU J 33 -47.26 32.15 -26.64
C LEU J 33 -47.87 30.79 -26.36
N LEU J 34 -49.16 30.76 -26.02
CA LEU J 34 -49.84 29.51 -25.72
C LEU J 34 -49.87 28.61 -26.96
N ARG J 35 -50.43 29.13 -28.04
CA ARG J 35 -50.49 28.36 -29.29
C ARG J 35 -49.09 28.00 -29.76
N LYS J 36 -48.15 28.94 -29.64
CA LYS J 36 -46.76 28.68 -30.00
C LYS J 36 -46.04 27.83 -28.98
N GLY J 37 -46.69 27.47 -27.88
CA GLY J 37 -46.02 26.70 -26.85
C GLY J 37 -46.14 25.20 -26.96
N ASN J 38 -46.99 24.72 -27.87
CA ASN J 38 -47.15 23.28 -28.10
C ASN J 38 -47.63 22.58 -26.83
N TYR J 39 -48.66 23.13 -26.22
CA TYR J 39 -49.24 22.53 -25.02
C TYR J 39 -50.52 21.76 -25.32
N ALA J 40 -51.37 22.27 -26.19
CA ALA J 40 -52.60 21.59 -26.57
C ALA J 40 -52.88 21.87 -28.03
N GLU J 41 -53.81 21.12 -28.59
CA GLU J 41 -54.18 21.32 -29.99
C GLU J 41 -54.98 22.59 -30.17
N ARG J 42 -55.69 23.00 -29.12
CA ARG J 42 -56.47 24.23 -29.17
C ARG J 42 -56.74 24.73 -27.75
N VAL J 43 -56.37 25.96 -27.52
CA VAL J 43 -56.43 26.54 -26.19
C VAL J 43 -57.86 27.01 -25.91
N GLY J 44 -58.33 26.78 -24.69
CA GLY J 44 -59.61 27.33 -24.29
C GLY J 44 -59.63 28.84 -24.41
N ALA J 45 -60.85 29.39 -24.52
CA ALA J 45 -60.98 30.83 -24.71
C ALA J 45 -60.54 31.59 -23.47
N GLY J 46 -61.17 31.32 -22.33
CA GLY J 46 -60.87 32.03 -21.11
C GLY J 46 -59.68 31.54 -20.33
N ALA J 47 -59.01 30.48 -20.82
CA ALA J 47 -57.84 29.98 -20.11
C ALA J 47 -56.70 31.00 -20.09
N PRO J 48 -56.30 31.61 -21.22
CA PRO J 48 -55.28 32.67 -21.13
C PRO J 48 -55.72 33.79 -20.22
N VAL J 49 -57.00 34.12 -20.26
CA VAL J 49 -57.54 35.16 -19.38
C VAL J 49 -57.27 34.79 -17.93
N TYR J 50 -57.66 33.58 -17.54
CA TYR J 50 -57.52 33.16 -16.15
C TYR J 50 -56.06 33.18 -15.72
N LEU J 51 -55.20 32.57 -16.54
CA LEU J 51 -53.81 32.46 -16.14
C LEU J 51 -53.15 33.83 -16.10
N ALA J 52 -53.51 34.71 -17.03
CA ALA J 52 -52.97 36.07 -16.99
C ALA J 52 -53.46 36.81 -15.77
N ALA J 53 -54.68 36.56 -15.34
CA ALA J 53 -55.18 37.18 -14.12
C ALA J 53 -54.36 36.71 -12.93
N VAL J 54 -54.12 35.40 -12.84
CA VAL J 54 -53.25 34.86 -11.82
C VAL J 54 -51.90 35.55 -11.85
N LEU J 55 -51.36 35.71 -13.05
CA LEU J 55 -50.05 36.31 -13.21
C LEU J 55 -50.05 37.75 -12.70
N GLU J 56 -51.07 38.52 -13.08
CA GLU J 56 -51.17 39.89 -12.63
C GLU J 56 -51.26 39.95 -11.11
N TYR J 57 -52.04 39.05 -10.51
CA TYR J 57 -52.21 39.06 -9.07
C TYR J 57 -50.90 38.79 -8.35
N LEU J 58 -50.19 37.75 -8.78
CA LEU J 58 -48.94 37.41 -8.12
C LEU J 58 -47.89 38.49 -8.35
N THR J 59 -47.89 39.10 -9.53
CA THR J 59 -46.99 40.23 -9.76
C THR J 59 -47.31 41.37 -8.83
N ALA J 60 -48.61 41.64 -8.64
CA ALA J 60 -49.02 42.64 -7.67
C ALA J 60 -48.44 42.33 -6.31
N GLU J 61 -48.58 41.08 -5.88
CA GLU J 61 -48.09 40.71 -4.56
C GLU J 61 -46.59 40.95 -4.44
N ILE J 62 -45.82 40.49 -5.42
CA ILE J 62 -44.37 40.58 -5.32
C ILE J 62 -43.92 42.03 -5.40
N LEU J 63 -44.52 42.81 -6.30
CA LEU J 63 -44.14 44.20 -6.42
C LEU J 63 -44.51 44.99 -5.17
N GLU J 64 -45.64 44.64 -4.55
CA GLU J 64 -46.02 45.30 -3.31
C GLU J 64 -45.00 45.01 -2.22
N LEU J 65 -44.63 43.74 -2.07
CA LEU J 65 -43.61 43.40 -1.09
C LEU J 65 -42.31 44.16 -1.37
N ALA J 66 -41.95 44.26 -2.65
CA ALA J 66 -40.73 44.97 -3.02
C ALA J 66 -40.81 46.44 -2.63
N GLY J 67 -41.95 47.08 -2.91
CA GLY J 67 -42.10 48.47 -2.53
C GLY J 67 -42.05 48.66 -1.03
N ASN J 68 -42.66 47.74 -0.29
CA ASN J 68 -42.54 47.76 1.16
C ASN J 68 -41.08 47.79 1.56
N ALA J 69 -40.32 46.83 1.08
CA ALA J 69 -38.92 46.73 1.46
C ALA J 69 -38.16 47.99 1.09
N ALA J 70 -38.36 48.49 -0.14
CA ALA J 70 -37.59 49.63 -0.60
C ALA J 70 -37.90 50.88 0.23
N ARG J 71 -39.18 51.12 0.50
CA ARG J 71 -39.53 52.27 1.32
C ARG J 71 -39.04 52.09 2.75
N ASP J 72 -39.00 50.85 3.25
CA ASP J 72 -38.38 50.60 4.54
C ASP J 72 -36.92 51.02 4.51
N ASN J 73 -36.24 50.72 3.41
CA ASN J 73 -34.85 51.13 3.22
C ASN J 73 -34.74 52.55 2.72
N LYS J 74 -35.83 53.30 2.75
CA LYS J 74 -35.85 54.68 2.28
C LYS J 74 -35.33 54.76 0.84
N LYS J 75 -35.92 53.94 -0.03
CA LYS J 75 -35.47 53.84 -1.40
C LYS J 75 -36.66 53.86 -2.34
N THR J 76 -36.58 54.71 -3.36
CA THR J 76 -37.61 54.77 -4.39
C THR J 76 -37.33 53.72 -5.47
N ARG J 77 -36.16 53.81 -6.10
CA ARG J 77 -35.73 52.79 -7.04
C ARG J 77 -35.50 51.49 -6.30
N ILE J 78 -36.15 50.42 -6.76
CA ILE J 78 -36.15 49.15 -6.06
C ILE J 78 -35.08 48.25 -6.67
N ILE J 79 -34.09 47.89 -5.89
CA ILE J 79 -32.97 47.09 -6.37
C ILE J 79 -33.29 45.63 -6.10
N PRO J 80 -32.66 44.70 -6.82
CA PRO J 80 -32.93 43.28 -6.61
C PRO J 80 -32.80 42.83 -5.17
N ARG J 81 -31.99 43.53 -4.37
CA ARG J 81 -31.82 43.13 -2.98
C ARG J 81 -33.14 43.19 -2.23
N HIS J 82 -33.89 44.28 -2.42
CA HIS J 82 -35.22 44.35 -1.80
C HIS J 82 -36.05 43.14 -2.17
N LEU J 83 -36.02 42.75 -3.45
CA LEU J 83 -36.89 41.68 -3.89
C LEU J 83 -36.46 40.36 -3.29
N GLN J 84 -35.16 40.12 -3.24
CA GLN J 84 -34.66 38.91 -2.60
C GLN J 84 -35.07 38.86 -1.14
N LEU J 85 -34.97 39.99 -0.45
CA LEU J 85 -35.35 40.02 0.96
C LEU J 85 -36.82 39.69 1.12
N ALA J 86 -37.67 40.32 0.31
CA ALA J 86 -39.10 40.00 0.38
C ALA J 86 -39.36 38.54 0.06
N VAL J 87 -38.60 37.99 -0.89
CA VAL J 87 -38.76 36.59 -1.25
C VAL J 87 -38.49 35.72 -0.04
N ARG J 88 -37.35 35.92 0.59
CA ARG J 88 -37.01 35.18 1.79
C ARG J 88 -37.79 35.66 3.00
N ASN J 89 -38.72 36.58 2.81
CA ASN J 89 -39.60 37.01 3.88
C ASN J 89 -41.01 36.44 3.77
N ASP J 90 -41.44 36.05 2.58
CA ASP J 90 -42.73 35.41 2.39
C ASP J 90 -42.52 33.90 2.34
N GLU J 91 -43.15 33.20 3.29
CA GLU J 91 -42.90 31.76 3.44
C GLU J 91 -43.49 30.98 2.27
N GLU J 92 -44.73 31.28 1.87
CA GLU J 92 -45.32 30.54 0.76
C GLU J 92 -44.64 30.91 -0.55
N LEU J 93 -44.36 32.19 -0.76
CA LEU J 93 -43.62 32.60 -1.94
C LEU J 93 -42.24 31.98 -1.94
N ASN J 94 -41.58 31.96 -0.78
CA ASN J 94 -40.27 31.31 -0.68
C ASN J 94 -40.37 29.85 -1.09
N LYS J 95 -41.33 29.13 -0.51
CA LYS J 95 -41.57 27.74 -0.89
C LYS J 95 -41.73 27.61 -2.39
N LEU J 96 -42.44 28.55 -3.01
CA LEU J 96 -42.59 28.54 -4.45
C LEU J 96 -41.26 28.79 -5.15
N LEU J 97 -40.37 29.56 -4.52
CA LEU J 97 -39.18 30.06 -5.18
C LEU J 97 -37.89 29.66 -4.47
N GLY J 98 -37.97 28.83 -3.43
CA GLY J 98 -36.76 28.39 -2.77
C GLY J 98 -35.83 27.62 -3.68
N ARG J 99 -36.40 26.95 -4.68
CA ARG J 99 -35.60 26.26 -5.68
C ARG J 99 -35.05 27.22 -6.74
N VAL J 100 -35.40 28.50 -6.64
CA VAL J 100 -35.01 29.49 -7.64
C VAL J 100 -33.86 30.32 -7.08
N THR J 101 -32.92 30.67 -7.94
CA THR J 101 -31.81 31.54 -7.58
C THR J 101 -32.08 32.95 -8.08
N ILE J 102 -31.48 33.91 -7.40
CA ILE J 102 -31.81 35.32 -7.56
C ILE J 102 -30.52 36.11 -7.79
N ALA J 103 -30.42 36.75 -8.96
CA ALA J 103 -29.27 37.57 -9.27
C ALA J 103 -29.26 38.81 -8.37
N GLN J 104 -28.07 39.19 -7.91
CA GLN J 104 -27.92 40.29 -6.97
C GLN J 104 -28.86 40.11 -5.80
N GLY J 105 -29.02 38.87 -5.36
CA GLY J 105 -29.91 38.58 -4.26
C GLY J 105 -29.19 38.68 -2.94
N GLY J 106 -27.98 38.14 -2.88
CA GLY J 106 -27.33 38.05 -1.59
C GLY J 106 -28.07 37.08 -0.71
N VAL J 107 -27.95 37.28 0.60
CA VAL J 107 -28.61 36.43 1.58
C VAL J 107 -29.37 37.34 2.55
N LEU J 108 -30.62 36.97 2.83
CA LEU J 108 -31.37 37.68 3.84
C LEU J 108 -30.67 37.53 5.19
N PRO J 109 -30.56 38.59 5.98
CA PRO J 109 -29.85 38.51 7.26
C PRO J 109 -30.38 37.41 8.15
N ASN J 110 -29.55 36.39 8.37
CA ASN J 110 -29.89 35.27 9.23
C ASN J 110 -28.73 35.05 10.19
N ILE J 111 -29.00 35.18 11.48
CA ILE J 111 -27.98 35.08 12.52
C ILE J 111 -28.30 33.86 13.37
N GLN J 112 -27.28 33.03 13.60
CA GLN J 112 -27.49 31.83 14.40
C GLN J 112 -27.21 32.11 15.88
N SER J 113 -27.82 31.29 16.73
CA SER J 113 -27.80 31.54 18.17
C SER J 113 -26.38 31.43 18.73
N VAL J 114 -25.79 30.23 18.64
CA VAL J 114 -24.47 30.00 19.17
C VAL J 114 -23.43 30.91 18.53
N LEU J 115 -23.77 31.57 17.44
CA LEU J 115 -22.87 32.52 16.80
C LEU J 115 -22.68 33.78 17.65
N LEU J 116 -23.63 34.08 18.53
CA LEU J 116 -23.56 35.33 19.29
C LEU J 116 -22.43 35.29 20.31
N PRO J 117 -21.82 36.43 20.61
CA PRO J 117 -20.81 36.49 21.66
C PRO J 117 -21.44 36.53 23.04
N LYS J 118 -20.62 36.69 24.08
CA LYS J 118 -21.11 36.77 25.45
C LYS J 118 -20.22 37.66 26.30
N THR K 29 -34.10 44.07 -33.88
CA THR K 29 -34.98 42.91 -33.72
C THR K 29 -36.07 43.19 -32.69
N ARG K 30 -37.33 43.03 -33.11
CA ARG K 30 -38.47 43.27 -32.24
C ARG K 30 -38.49 42.22 -31.13
N LYS K 31 -38.11 42.61 -29.93
CA LYS K 31 -38.16 41.73 -28.76
C LYS K 31 -39.31 42.14 -27.87
N GLU K 32 -40.03 41.15 -27.34
CA GLU K 32 -41.21 41.38 -26.52
C GLU K 32 -40.91 41.11 -25.06
N SER K 33 -41.53 41.90 -24.19
CA SER K 33 -41.32 41.79 -22.75
C SER K 33 -42.60 42.23 -22.05
N TYR K 34 -42.49 42.58 -20.78
CA TYR K 34 -43.65 42.95 -19.98
C TYR K 34 -43.35 44.11 -19.05
N ALA K 35 -42.14 44.66 -19.08
CA ALA K 35 -41.74 45.68 -18.11
C ALA K 35 -42.68 46.88 -18.12
N ILE K 36 -43.32 47.14 -19.26
CA ILE K 36 -44.30 48.22 -19.29
C ILE K 36 -45.47 47.89 -18.38
N TYR K 37 -45.97 46.65 -18.47
CA TYR K 37 -47.05 46.24 -17.59
C TYR K 37 -46.56 46.12 -16.15
N VAL K 38 -45.27 45.84 -15.97
CA VAL K 38 -44.68 45.87 -14.64
C VAL K 38 -44.80 47.26 -14.05
N TYR K 39 -44.37 48.27 -14.81
CA TYR K 39 -44.49 49.65 -14.36
C TYR K 39 -45.95 50.01 -14.11
N LYS K 40 -46.84 49.52 -14.97
CA LYS K 40 -48.26 49.79 -14.82
C LYS K 40 -48.78 49.29 -13.48
N VAL K 41 -48.61 47.99 -13.24
CA VAL K 41 -49.14 47.41 -12.01
C VAL K 41 -48.39 47.94 -10.79
N LEU K 42 -47.13 48.34 -10.97
CA LEU K 42 -46.41 49.01 -9.90
C LEU K 42 -47.12 50.28 -9.49
N LYS K 43 -47.33 51.18 -10.46
CA LYS K 43 -48.09 52.38 -10.18
C LYS K 43 -49.45 52.04 -9.59
N GLN K 44 -50.02 50.91 -10.02
CA GLN K 44 -51.28 50.45 -9.47
C GLN K 44 -51.16 50.10 -8.00
N VAL K 45 -49.97 49.68 -7.56
CA VAL K 45 -49.75 49.31 -6.18
C VAL K 45 -48.85 50.31 -5.46
N HIS K 46 -47.86 50.86 -6.17
CA HIS K 46 -46.94 51.84 -5.58
C HIS K 46 -46.65 52.89 -6.64
N PRO K 47 -47.33 54.03 -6.58
CA PRO K 47 -47.14 55.06 -7.61
C PRO K 47 -45.84 55.82 -7.46
N ASP K 48 -45.25 55.85 -6.27
CA ASP K 48 -44.11 56.70 -5.97
C ASP K 48 -42.83 55.89 -5.88
N THR K 49 -42.68 54.89 -6.74
CA THR K 49 -41.56 53.96 -6.63
C THR K 49 -40.89 53.78 -7.99
N GLY K 50 -39.58 53.61 -7.96
CA GLY K 50 -38.79 53.30 -9.12
C GLY K 50 -38.25 51.88 -9.05
N ILE K 51 -37.72 51.42 -10.17
CA ILE K 51 -37.19 50.07 -10.27
C ILE K 51 -35.85 50.12 -10.99
N SER K 52 -34.98 49.18 -10.65
CA SER K 52 -33.79 48.94 -11.45
C SER K 52 -34.17 48.12 -12.67
N SER K 53 -33.71 48.54 -13.85
CA SER K 53 -33.95 47.76 -15.06
C SER K 53 -33.50 46.32 -14.87
N LYS K 54 -32.42 46.14 -14.12
CA LYS K 54 -32.01 44.81 -13.69
C LYS K 54 -33.16 44.08 -13.02
N ALA K 55 -33.77 44.71 -12.01
CA ALA K 55 -34.88 44.07 -11.31
C ALA K 55 -36.05 43.82 -12.25
N MET K 56 -36.30 44.72 -13.19
CA MET K 56 -37.38 44.49 -14.15
C MET K 56 -37.11 43.23 -14.95
N SER K 57 -35.89 43.08 -15.43
CA SER K 57 -35.53 41.89 -16.19
C SER K 57 -35.67 40.65 -15.32
N ILE K 58 -35.31 40.75 -14.05
CA ILE K 58 -35.46 39.62 -13.14
C ILE K 58 -36.92 39.24 -13.02
N MET K 59 -37.77 40.23 -12.79
CA MET K 59 -39.19 39.98 -12.66
C MET K 59 -39.77 39.40 -13.93
N ASN K 60 -39.31 39.88 -15.08
CA ASN K 60 -39.84 39.36 -16.33
C ASN K 60 -39.44 37.91 -16.51
N SER K 61 -38.18 37.60 -16.20
CA SER K 61 -37.75 36.20 -16.22
C SER K 61 -38.61 35.37 -15.28
N PHE K 62 -38.98 35.93 -14.14
CA PHE K 62 -39.85 35.22 -13.22
C PHE K 62 -41.23 34.99 -13.83
N VAL K 63 -41.77 36.00 -14.50
CA VAL K 63 -43.02 35.87 -15.24
C VAL K 63 -42.93 34.70 -16.20
N ASN K 64 -41.86 34.68 -16.99
CA ASN K 64 -41.70 33.61 -17.96
C ASN K 64 -41.63 32.26 -17.27
N ASP K 65 -40.94 32.21 -16.13
CA ASP K 65 -40.81 30.94 -15.42
C ASP K 65 -42.17 30.43 -14.98
N VAL K 66 -42.95 31.28 -14.30
CA VAL K 66 -44.24 30.82 -13.83
C VAL K 66 -45.15 30.47 -15.00
N PHE K 67 -45.02 31.20 -16.11
CA PHE K 67 -45.87 30.92 -17.26
C PHE K 67 -45.55 29.54 -17.83
N GLU K 68 -44.28 29.26 -18.07
CA GLU K 68 -43.92 27.94 -18.59
C GLU K 68 -44.31 26.85 -17.61
N ARG K 69 -44.13 27.11 -16.31
CA ARG K 69 -44.51 26.12 -15.32
C ARG K 69 -45.98 25.76 -15.47
N ILE K 70 -46.84 26.77 -15.37
CA ILE K 70 -48.28 26.52 -15.39
C ILE K 70 -48.69 25.88 -16.71
N ALA K 71 -48.07 26.33 -17.82
CA ALA K 71 -48.44 25.80 -19.13
C ALA K 71 -48.08 24.33 -19.25
N GLY K 72 -46.85 23.99 -18.86
CA GLY K 72 -46.44 22.60 -18.91
C GLY K 72 -47.32 21.72 -18.04
N GLU K 73 -47.60 22.17 -16.81
CA GLU K 73 -48.42 21.36 -15.92
C GLU K 73 -49.81 21.18 -16.50
N ALA K 74 -50.37 22.24 -17.09
CA ALA K 74 -51.70 22.12 -17.68
C ALA K 74 -51.70 21.15 -18.85
N SER K 75 -50.71 21.26 -19.73
CA SER K 75 -50.63 20.34 -20.85
C SER K 75 -50.49 18.91 -20.36
N ARG K 76 -49.70 18.71 -19.30
CA ARG K 76 -49.48 17.36 -18.79
C ARG K 76 -50.76 16.77 -18.22
N LEU K 77 -51.50 17.56 -17.43
CA LEU K 77 -52.73 17.05 -16.86
C LEU K 77 -53.76 16.78 -17.96
N ALA K 78 -53.85 17.67 -18.94
CA ALA K 78 -54.75 17.42 -20.07
C ALA K 78 -54.36 16.14 -20.78
N HIS K 79 -53.06 15.88 -20.90
CA HIS K 79 -52.61 14.61 -21.45
C HIS K 79 -53.08 13.45 -20.59
N TYR K 80 -52.99 13.60 -19.27
CA TYR K 80 -53.55 12.60 -18.38
C TYR K 80 -55.04 12.47 -18.59
N ASN K 81 -55.72 13.60 -18.77
CA ASN K 81 -57.12 13.59 -19.14
C ASN K 81 -57.32 13.38 -20.63
N LYS K 82 -56.24 13.14 -21.37
CA LYS K 82 -56.29 12.95 -22.82
C LYS K 82 -57.00 14.10 -23.50
N ARG K 83 -56.99 15.27 -22.87
CA ARG K 83 -57.64 16.44 -23.43
C ARG K 83 -56.70 17.19 -24.34
N SER K 84 -57.22 17.64 -25.48
CA SER K 84 -56.48 18.48 -26.40
C SER K 84 -56.88 19.94 -26.26
N THR K 85 -57.72 20.25 -25.28
CA THR K 85 -58.25 21.58 -25.08
C THR K 85 -57.91 22.01 -23.66
N ILE K 86 -57.08 23.04 -23.53
CA ILE K 86 -56.69 23.56 -22.24
C ILE K 86 -57.58 24.76 -21.91
N THR K 87 -58.44 24.59 -20.90
CA THR K 87 -59.43 25.60 -20.54
C THR K 87 -59.18 26.09 -19.13
N SER K 88 -60.05 27.00 -18.68
CA SER K 88 -59.84 27.67 -17.40
C SER K 88 -59.93 26.70 -16.23
N ARG K 89 -60.72 25.63 -16.35
CA ARG K 89 -60.70 24.63 -15.30
C ARG K 89 -59.31 24.04 -15.12
N GLU K 90 -58.67 23.69 -16.24
CA GLU K 90 -57.29 23.27 -16.19
C GLU K 90 -56.43 24.33 -15.54
N ILE K 91 -56.64 25.59 -15.91
CA ILE K 91 -55.86 26.69 -15.34
C ILE K 91 -55.95 26.66 -13.82
N GLN K 92 -57.18 26.72 -13.32
CA GLN K 92 -57.38 26.77 -11.88
C GLN K 92 -56.80 25.54 -11.19
N THR K 93 -57.05 24.36 -11.74
CA THR K 93 -56.54 23.15 -11.12
C THR K 93 -55.02 23.16 -11.05
N ALA K 94 -54.38 23.59 -12.13
CA ALA K 94 -52.92 23.57 -12.16
C ALA K 94 -52.35 24.62 -11.22
N VAL K 95 -52.99 25.78 -11.11
CA VAL K 95 -52.55 26.77 -10.14
C VAL K 95 -52.65 26.21 -8.74
N ARG K 96 -53.78 25.58 -8.42
CA ARG K 96 -53.93 24.96 -7.11
C ARG K 96 -52.84 23.93 -6.87
N LEU K 97 -52.52 23.14 -7.89
CA LEU K 97 -51.39 22.22 -7.78
C LEU K 97 -50.11 22.97 -7.49
N LEU K 98 -49.96 24.17 -8.05
CA LEU K 98 -48.71 24.89 -7.88
C LEU K 98 -48.77 25.87 -6.71
N LEU K 99 -49.80 26.65 -6.64
CA LEU K 99 -49.59 27.62 -5.57
C LEU K 99 -50.08 27.08 -4.24
N PRO K 100 -49.44 27.50 -3.16
CA PRO K 100 -49.82 27.00 -1.83
C PRO K 100 -50.85 27.89 -1.15
N GLY K 101 -51.79 27.23 -0.49
CA GLY K 101 -52.69 27.90 0.44
C GLY K 101 -53.32 29.16 -0.12
N GLU K 102 -53.25 30.23 0.68
CA GLU K 102 -53.98 31.45 0.35
C GLU K 102 -53.47 32.06 -0.95
N LEU K 103 -52.19 31.85 -1.28
CA LEU K 103 -51.72 32.25 -2.60
C LEU K 103 -52.61 31.66 -3.67
N ALA K 104 -52.75 30.33 -3.65
CA ALA K 104 -53.59 29.65 -4.62
C ALA K 104 -55.04 30.13 -4.53
N LYS K 105 -55.56 30.29 -3.31
CA LYS K 105 -56.95 30.67 -3.17
C LYS K 105 -57.22 32.02 -3.80
N HIS K 106 -56.40 33.01 -3.45
CA HIS K 106 -56.56 34.34 -4.00
C HIS K 106 -56.39 34.34 -5.51
N ALA K 107 -55.41 33.58 -6.00
CA ALA K 107 -55.19 33.52 -7.44
C ALA K 107 -56.39 32.93 -8.15
N VAL K 108 -56.96 31.85 -7.59
CA VAL K 108 -58.13 31.23 -8.17
C VAL K 108 -59.28 32.22 -8.21
N SER K 109 -59.52 32.91 -7.09
CA SER K 109 -60.60 33.88 -7.04
C SER K 109 -60.39 34.98 -8.07
N GLU K 110 -59.15 35.43 -8.21
CA GLU K 110 -58.87 36.53 -9.13
C GLU K 110 -59.09 36.11 -10.57
N GLY K 111 -58.54 34.96 -10.95
CA GLY K 111 -58.78 34.46 -12.30
C GLY K 111 -60.25 34.25 -12.56
N THR K 112 -60.98 33.77 -11.55
CA THR K 112 -62.41 33.54 -11.71
C THR K 112 -63.14 34.84 -11.96
N LYS K 113 -62.85 35.86 -11.15
CA LYS K 113 -63.46 37.16 -11.33
C LYS K 113 -63.14 37.72 -12.71
N ALA K 114 -61.90 37.56 -13.15
CA ALA K 114 -61.49 38.15 -14.42
C ALA K 114 -62.17 37.47 -15.59
N VAL K 115 -62.21 36.13 -15.58
CA VAL K 115 -62.89 35.44 -16.67
C VAL K 115 -64.37 35.72 -16.63
N THR K 116 -64.93 35.92 -15.44
CA THR K 116 -66.32 36.32 -15.35
C THR K 116 -66.53 37.68 -16.00
N LYS K 117 -65.64 38.62 -15.72
CA LYS K 117 -65.73 39.94 -16.32
C LYS K 117 -65.64 39.86 -17.83
N TYR K 118 -64.69 39.09 -18.35
CA TYR K 118 -64.53 39.00 -19.79
C TYR K 118 -65.74 38.31 -20.42
N THR K 119 -66.26 37.27 -19.78
CA THR K 119 -67.42 36.57 -20.31
C THR K 119 -68.69 37.40 -20.19
N SER K 120 -68.69 38.42 -19.33
CA SER K 120 -69.86 39.28 -19.18
C SER K 120 -70.13 40.11 -20.43
N ALA K 121 -69.19 40.18 -21.36
CA ALA K 121 -69.39 40.91 -22.60
C ALA K 121 -68.71 40.20 -23.77
N SER N 53 -22.32 -60.04 10.43
CA SER N 53 -21.26 -60.22 11.41
C SER N 53 -21.09 -58.94 12.23
N LEU N 54 -20.92 -59.10 13.55
CA LEU N 54 -20.72 -57.96 14.41
C LEU N 54 -19.38 -57.30 14.11
N PRO N 55 -19.18 -56.05 14.53
CA PRO N 55 -17.84 -55.46 14.47
C PRO N 55 -16.86 -56.28 15.29
N THR N 56 -15.58 -55.96 15.11
CA THR N 56 -14.51 -56.72 15.76
C THR N 56 -14.75 -56.83 17.26
N ARG N 57 -14.81 -55.69 17.94
CA ARG N 57 -14.92 -55.69 19.40
C ARG N 57 -16.21 -56.34 19.86
N ALA N 58 -17.34 -56.01 19.22
CA ALA N 58 -18.62 -56.58 19.64
C ALA N 58 -18.67 -58.08 19.39
N TYR N 59 -18.17 -58.53 18.24
CA TYR N 59 -18.15 -59.97 17.96
C TYR N 59 -17.30 -60.72 18.98
N LEU N 60 -16.10 -60.22 19.25
CA LEU N 60 -15.25 -60.90 20.22
C LEU N 60 -15.83 -60.84 21.62
N ASP N 61 -16.56 -59.78 21.94
CA ASP N 61 -17.23 -59.69 23.24
C ASP N 61 -18.34 -60.73 23.35
N GLN N 62 -19.12 -60.91 22.28
CA GLN N 62 -20.23 -61.85 22.31
C GLN N 62 -19.80 -63.29 22.15
N THR N 63 -18.58 -63.54 21.66
CA THR N 63 -18.14 -64.89 21.32
C THR N 63 -17.12 -65.47 22.28
N VAL N 64 -16.14 -64.68 22.71
CA VAL N 64 -15.01 -65.23 23.46
C VAL N 64 -14.67 -64.46 24.73
N VAL N 65 -15.12 -63.22 24.90
CA VAL N 65 -14.61 -62.36 25.97
C VAL N 65 -15.01 -62.83 27.37
N PRO N 66 -16.23 -63.35 27.63
CA PRO N 66 -16.55 -63.80 28.99
C PRO N 66 -15.77 -65.02 29.49
N ILE N 67 -15.69 -66.07 28.67
CA ILE N 67 -14.86 -67.22 29.03
C ILE N 67 -13.40 -66.78 29.15
N LEU N 68 -12.98 -65.86 28.28
CA LEU N 68 -11.67 -65.25 28.43
C LEU N 68 -11.51 -64.62 29.80
N LEU N 69 -12.51 -63.86 30.26
CA LEU N 69 -12.42 -63.15 31.53
C LEU N 69 -12.32 -64.11 32.71
N GLN N 70 -13.08 -65.20 32.67
CA GLN N 70 -12.98 -66.19 33.75
C GLN N 70 -11.61 -66.88 33.72
N GLY N 71 -11.09 -67.15 32.53
CA GLY N 71 -9.71 -67.61 32.42
C GLY N 71 -8.72 -66.60 32.97
N LEU N 72 -8.99 -65.32 32.75
CA LEU N 72 -8.17 -64.25 33.33
C LEU N 72 -8.12 -64.38 34.84
N ALA N 73 -9.30 -64.51 35.45
CA ALA N 73 -9.39 -64.70 36.89
C ALA N 73 -8.55 -65.88 37.35
N VAL N 74 -8.77 -67.05 36.73
CA VAL N 74 -8.10 -68.26 37.22
C VAL N 74 -6.59 -68.18 37.02
N LEU N 75 -6.12 -67.59 35.91
CA LEU N 75 -4.69 -67.47 35.69
C LEU N 75 -4.07 -66.50 36.69
N ALA N 76 -4.75 -65.39 36.98
CA ALA N 76 -4.23 -64.45 37.96
C ALA N 76 -4.25 -65.03 39.37
N LYS N 77 -5.17 -65.95 39.67
CA LYS N 77 -5.24 -66.49 41.02
C LYS N 77 -4.22 -67.62 41.23
N GLU N 78 -4.33 -68.70 40.46
CA GLU N 78 -3.53 -69.88 40.81
C GLU N 78 -2.07 -69.78 40.36
N ARG N 79 -1.75 -68.99 39.34
CA ARG N 79 -0.37 -68.80 38.87
C ARG N 79 0.31 -70.13 38.55
N PRO N 80 -0.10 -70.82 37.50
CA PRO N 80 0.47 -72.14 37.22
C PRO N 80 1.88 -72.03 36.69
N PRO N 81 2.65 -73.13 36.72
CA PRO N 81 4.01 -73.07 36.13
C PRO N 81 3.99 -72.92 34.62
N ASN N 82 3.13 -73.65 33.93
CA ASN N 82 3.00 -73.58 32.47
C ASN N 82 1.60 -73.07 32.13
N PRO N 83 1.40 -71.76 32.06
CA PRO N 83 0.07 -71.23 31.69
C PRO N 83 -0.33 -71.54 30.26
N ILE N 84 0.62 -71.92 29.39
CA ILE N 84 0.35 -72.23 28.00
C ILE N 84 -0.66 -73.36 27.87
N GLU N 85 -0.28 -74.55 28.33
CA GLU N 85 -1.22 -75.67 28.28
C GLU N 85 -2.36 -75.47 29.29
N PHE N 86 -2.16 -74.59 30.28
CA PHE N 86 -3.26 -74.26 31.18
C PHE N 86 -4.43 -73.66 30.42
N LEU N 87 -4.18 -72.59 29.65
CA LEU N 87 -5.29 -72.03 28.88
C LEU N 87 -5.67 -72.94 27.73
N ALA N 88 -4.74 -73.73 27.19
CA ALA N 88 -5.14 -74.76 26.25
C ALA N 88 -6.27 -75.60 26.81
N SER N 89 -6.00 -76.28 27.93
CA SER N 89 -6.99 -77.11 28.60
C SER N 89 -8.24 -76.32 28.95
N TYR N 90 -8.06 -75.11 29.50
CA TYR N 90 -9.19 -74.33 29.98
C TYR N 90 -10.13 -73.96 28.85
N LEU N 91 -9.59 -73.43 27.76
CA LEU N 91 -10.41 -73.02 26.64
C LEU N 91 -11.01 -74.24 25.94
N LEU N 92 -10.39 -75.41 26.08
CA LEU N 92 -11.00 -76.61 25.52
C LEU N 92 -12.17 -77.10 26.37
N LYS N 93 -11.99 -77.16 27.70
CA LYS N 93 -12.97 -77.84 28.53
C LYS N 93 -14.10 -76.91 28.96
N ASN N 94 -13.82 -75.63 29.17
CA ASN N 94 -14.84 -74.69 29.62
C ASN N 94 -15.56 -73.99 28.48
N LYS N 95 -15.41 -74.48 27.25
CA LYS N 95 -16.06 -73.84 26.11
C LYS N 95 -17.56 -74.13 26.08
N ALA N 96 -17.98 -75.26 26.67
CA ALA N 96 -19.38 -75.69 26.55
C ALA N 96 -20.34 -74.71 27.22
N GLN N 97 -19.89 -73.99 28.25
CA GLN N 97 -20.76 -73.05 28.95
C GLN N 97 -20.84 -71.70 28.26
N PHE N 98 -20.15 -71.49 27.14
CA PHE N 98 -20.27 -70.25 26.38
C PHE N 98 -20.38 -70.48 24.87
N GLU N 99 -20.64 -71.70 24.43
CA GLU N 99 -20.81 -71.93 22.99
C GLU N 99 -22.14 -71.38 22.51
N ASP O 50 10.58 -65.47 40.88
CA ASP O 50 10.98 -64.57 39.81
C ASP O 50 9.76 -64.13 38.99
N LEU O 51 9.19 -65.06 38.23
CA LEU O 51 8.04 -64.73 37.39
C LEU O 51 6.75 -64.68 38.20
N GLN O 52 6.68 -65.46 39.29
CA GLN O 52 5.46 -65.52 40.09
C GLN O 52 5.38 -64.41 41.12
N SER O 53 6.50 -63.73 41.41
CA SER O 53 6.52 -62.64 42.37
C SER O 53 6.07 -61.31 41.78
N LEU O 54 5.88 -61.24 40.47
CA LEU O 54 5.44 -60.00 39.85
C LEU O 54 3.98 -59.73 40.14
N PRO O 55 3.56 -58.46 40.15
CA PRO O 55 2.14 -58.14 40.33
C PRO O 55 1.30 -58.71 39.21
N THR O 56 -0.02 -58.52 39.34
CA THR O 56 -0.96 -59.01 38.33
C THR O 56 -0.62 -58.43 36.96
N ARG O 57 -0.65 -57.10 36.84
CA ARG O 57 -0.33 -56.45 35.58
C ARG O 57 1.01 -56.93 35.03
N ALA O 58 2.02 -57.02 35.91
CA ALA O 58 3.37 -57.39 35.45
C ALA O 58 3.41 -58.83 34.97
N TYR O 59 3.10 -59.80 35.84
CA TYR O 59 3.20 -61.20 35.46
C TYR O 59 2.34 -61.51 34.25
N LEU O 60 1.06 -61.13 34.29
CA LEU O 60 0.19 -61.39 33.15
C LEU O 60 0.66 -60.65 31.91
N ASP O 61 1.37 -59.53 32.08
CA ASP O 61 2.04 -58.89 30.96
C ASP O 61 3.31 -59.64 30.58
N GLN O 62 4.13 -59.96 31.58
CA GLN O 62 5.42 -60.60 31.35
C GLN O 62 5.31 -62.02 30.89
N THR O 63 4.11 -62.54 30.58
CA THR O 63 3.99 -63.92 30.12
C THR O 63 3.35 -64.04 28.74
N VAL O 64 2.17 -63.46 28.53
CA VAL O 64 1.27 -64.01 27.52
C VAL O 64 0.61 -63.01 26.57
N VAL O 65 0.77 -61.70 26.79
CA VAL O 65 -0.05 -60.71 26.06
C VAL O 65 0.00 -60.86 24.54
N PRO O 66 1.17 -60.96 23.89
CA PRO O 66 1.19 -60.87 22.42
C PRO O 66 0.38 -61.94 21.71
N ILE O 67 0.31 -63.17 22.24
CA ILE O 67 -0.51 -64.16 21.54
C ILE O 67 -1.97 -63.78 21.55
N LEU O 68 -2.47 -63.27 22.68
CA LEU O 68 -3.84 -62.77 22.66
C LEU O 68 -3.97 -61.67 21.62
N LEU O 69 -3.01 -60.74 21.62
CA LEU O 69 -2.96 -59.65 20.64
C LEU O 69 -3.17 -60.15 19.21
N GLN O 70 -2.49 -61.23 18.84
CA GLN O 70 -2.57 -61.70 17.46
C GLN O 70 -3.69 -62.71 17.21
N GLY O 71 -3.94 -63.60 18.18
CA GLY O 71 -4.93 -64.65 18.00
C GLY O 71 -6.35 -64.14 18.05
N LEU O 72 -6.65 -63.23 18.98
CA LEU O 72 -7.97 -62.61 18.97
C LEU O 72 -8.18 -61.85 17.66
N ALA O 73 -7.11 -61.28 17.10
CA ALA O 73 -7.20 -60.60 15.82
C ALA O 73 -7.57 -61.56 14.71
N VAL O 74 -6.83 -62.67 14.59
CA VAL O 74 -7.14 -63.63 13.52
C VAL O 74 -8.51 -64.26 13.74
N LEU O 75 -8.94 -64.39 15.00
CA LEU O 75 -10.26 -64.93 15.29
C LEU O 75 -11.36 -63.98 14.83
N ALA O 76 -11.17 -62.68 15.06
CA ALA O 76 -12.13 -61.70 14.55
C ALA O 76 -12.06 -61.57 13.03
N LYS O 77 -10.90 -61.88 12.44
CA LYS O 77 -10.74 -61.76 11.00
C LYS O 77 -11.40 -62.92 10.26
N GLU O 78 -11.29 -64.13 10.79
CA GLU O 78 -11.82 -65.29 10.08
C GLU O 78 -13.30 -65.53 10.40
N ARG O 79 -13.77 -65.09 11.57
CA ARG O 79 -15.16 -65.28 12.02
C ARG O 79 -15.56 -66.75 11.94
N PRO O 80 -14.98 -67.61 12.76
CA PRO O 80 -15.31 -69.04 12.68
C PRO O 80 -16.61 -69.34 13.38
N PRO O 81 -17.24 -70.48 13.07
CA PRO O 81 -18.49 -70.85 13.74
C PRO O 81 -18.29 -71.31 15.16
N ASN O 82 -17.11 -71.82 15.51
CA ASN O 82 -16.78 -72.27 16.85
C ASN O 82 -15.67 -71.38 17.38
N PRO O 83 -16.00 -70.15 17.77
CA PRO O 83 -14.93 -69.19 18.13
C PRO O 83 -14.02 -69.69 19.24
N ILE O 84 -14.60 -70.14 20.35
CA ILE O 84 -13.79 -70.69 21.43
C ILE O 84 -13.06 -71.94 20.98
N GLU O 85 -13.74 -72.81 20.21
CA GLU O 85 -13.11 -74.03 19.74
C GLU O 85 -12.08 -73.75 18.65
N PHE O 86 -12.34 -72.75 17.80
CA PHE O 86 -11.32 -72.39 16.81
C PHE O 86 -10.08 -71.85 17.49
N LEU O 87 -10.25 -70.99 18.50
CA LEU O 87 -9.11 -70.50 19.27
C LEU O 87 -8.37 -71.67 19.92
N ALA O 88 -9.12 -72.64 20.46
CA ALA O 88 -8.51 -73.81 21.08
C ALA O 88 -7.69 -74.61 20.06
N SER O 89 -8.23 -74.82 18.87
CA SER O 89 -7.49 -75.53 17.83
C SER O 89 -6.25 -74.75 17.41
N TYR O 90 -6.41 -73.43 17.23
CA TYR O 90 -5.28 -72.59 16.86
C TYR O 90 -4.16 -72.70 17.88
N LEU O 91 -4.50 -72.65 19.17
CA LEU O 91 -3.48 -72.68 20.21
C LEU O 91 -2.87 -74.06 20.39
N LEU O 92 -3.68 -75.12 20.27
CA LEU O 92 -3.10 -76.45 20.44
C LEU O 92 -2.24 -76.84 19.25
N LYS O 93 -2.52 -76.30 18.07
CA LYS O 93 -1.57 -76.41 16.97
C LYS O 93 -0.32 -75.60 17.27
N ASN O 94 -0.48 -74.30 17.51
CA ASN O 94 0.63 -73.38 17.77
C ASN O 94 0.77 -73.11 19.27
N LYS O 95 1.13 -74.14 20.03
CA LYS O 95 1.55 -73.94 21.41
C LYS O 95 2.94 -73.33 21.51
N ALA O 96 3.90 -73.85 20.75
CA ALA O 96 5.30 -73.80 21.16
C ALA O 96 6.06 -72.55 20.74
N GLN O 97 6.03 -72.18 19.46
CA GLN O 97 7.11 -71.35 18.88
C GLN O 97 7.15 -69.89 19.40
N PHE O 98 6.41 -69.36 20.37
CA PHE O 98 6.87 -68.17 21.07
C PHE O 98 7.60 -68.49 22.36
N GLU O 99 7.24 -69.59 23.01
CA GLU O 99 7.91 -70.00 24.24
C GLU O 99 9.31 -70.55 23.94
N LYS P 178 9.44 -26.73 34.96
CA LYS P 178 10.41 -25.99 35.75
C LYS P 178 9.86 -25.63 37.12
N GLN P 179 8.63 -26.07 37.40
CA GLN P 179 7.98 -25.74 38.67
C GLN P 179 8.19 -26.84 39.70
N SER P 180 7.63 -28.03 39.45
CA SER P 180 7.73 -29.19 40.33
C SER P 180 6.99 -30.34 39.65
N SER P 181 7.04 -31.52 40.28
CA SER P 181 6.29 -32.69 39.82
C SER P 181 4.83 -32.49 40.19
N ALA P 182 4.15 -31.68 39.40
CA ALA P 182 2.80 -31.21 39.71
C ALA P 182 1.99 -31.21 38.42
N VAL P 183 0.91 -30.42 38.41
CA VAL P 183 -0.04 -30.30 37.31
C VAL P 183 0.66 -30.15 35.96
N SER P 184 0.06 -30.69 34.91
CA SER P 184 0.66 -30.74 33.58
C SER P 184 0.95 -29.32 33.06
N THR P 185 1.71 -29.28 31.95
CA THR P 185 2.19 -28.03 31.39
C THR P 185 1.11 -27.19 30.73
N SER P 186 -0.11 -27.71 30.60
CA SER P 186 -1.19 -26.98 29.95
C SER P 186 -2.45 -27.10 30.80
N GLY P 187 -2.99 -25.98 31.23
CA GLY P 187 -4.23 -25.96 31.98
C GLY P 187 -5.46 -26.32 31.17
N ASN P 188 -5.29 -26.66 29.89
CA ASN P 188 -6.42 -27.04 29.05
C ASN P 188 -6.95 -28.42 29.41
N LEU P 189 -6.06 -29.35 29.78
CA LEU P 189 -6.49 -30.66 30.25
C LEU P 189 -5.36 -31.28 31.05
N ASN P 190 -5.73 -31.94 32.15
CA ASN P 190 -4.76 -32.52 33.09
C ASN P 190 -5.08 -34.00 33.26
N GLY P 191 -4.08 -34.84 33.01
CA GLY P 191 -4.20 -36.26 33.29
C GLY P 191 -3.83 -36.57 34.73
N GLY P 192 -4.44 -37.62 35.27
CA GLY P 192 -4.15 -38.03 36.63
C GLY P 192 -2.69 -38.40 36.84
N ILE P 193 -1.98 -37.62 37.66
CA ILE P 193 -0.57 -37.85 37.93
C ILE P 193 -0.44 -39.12 38.78
N ALA P 194 0.79 -39.60 38.95
CA ALA P 194 1.02 -40.77 39.78
C ALA P 194 0.44 -40.62 41.18
N ALA P 195 0.43 -39.38 41.71
CA ALA P 195 -0.22 -39.12 42.98
C ALA P 195 -1.74 -39.03 42.85
N GLY P 196 -2.24 -38.83 41.64
CA GLY P 196 -3.68 -38.82 41.37
C GLY P 196 -4.04 -40.00 40.50
N SER P 197 -3.48 -41.17 40.83
CA SER P 197 -3.58 -42.35 40.01
C SER P 197 -5.02 -42.65 39.61
N SER P 198 -5.18 -43.23 38.41
CA SER P 198 -6.47 -43.57 37.82
C SER P 198 -7.34 -42.35 37.60
N GLY P 199 -6.74 -41.16 37.53
CA GLY P 199 -7.50 -39.98 37.19
C GLY P 199 -7.79 -39.93 35.71
N LYS P 200 -9.03 -40.22 35.33
CA LYS P 200 -9.42 -40.16 33.94
C LYS P 200 -9.42 -38.71 33.46
N GLY P 201 -9.19 -38.53 32.17
CA GLY P 201 -9.16 -37.20 31.59
C GLY P 201 -10.42 -36.41 31.85
N ARG P 202 -10.31 -35.39 32.71
CA ARG P 202 -11.46 -34.57 33.10
C ARG P 202 -11.66 -33.46 32.08
N GLY P 203 -12.06 -33.87 30.89
CA GLY P 203 -12.26 -32.94 29.79
C GLY P 203 -13.69 -32.44 29.73
N ALA P 204 -14.41 -32.82 28.68
CA ALA P 204 -15.80 -32.43 28.54
C ALA P 204 -16.64 -32.98 29.68
N LYS P 205 -17.62 -32.20 30.12
CA LYS P 205 -18.47 -32.59 31.22
C LYS P 205 -19.45 -33.66 30.78
N ARG P 206 -20.02 -34.36 31.76
CA ARG P 206 -21.00 -35.41 31.48
C ARG P 206 -22.29 -34.86 30.89
N LYS P 207 -22.56 -33.57 31.04
CA LYS P 207 -23.77 -32.95 30.50
C LYS P 207 -23.53 -32.57 29.04
N GLN P 208 -24.10 -33.34 28.13
CA GLN P 208 -23.94 -33.13 26.70
C GLN P 208 -25.18 -32.44 26.11
N GLN P 209 -24.97 -31.75 24.99
CA GLN P 209 -26.06 -31.18 24.22
C GLN P 209 -26.57 -32.20 23.20
N ASP P 210 -27.76 -31.93 22.66
CA ASP P 210 -28.37 -32.86 21.72
C ASP P 210 -27.58 -32.93 20.41
N GLY P 211 -27.25 -31.78 19.84
CA GLY P 211 -26.44 -31.74 18.64
C GLY P 211 -27.19 -32.14 17.39
N GLY P 212 -27.57 -33.42 17.32
CA GLY P 212 -28.26 -33.98 16.17
C GLY P 212 -27.36 -34.62 15.13
N THR P 213 -26.25 -33.95 14.79
CA THR P 213 -25.31 -34.52 13.83
C THR P 213 -24.60 -35.73 14.41
N THR P 214 -24.35 -35.74 15.72
CA THR P 214 -23.66 -36.83 16.38
C THR P 214 -24.63 -37.74 17.14
N GLY P 215 -25.89 -37.74 16.75
CA GLY P 215 -26.90 -38.58 17.39
C GLY P 215 -27.18 -39.85 16.62
N THR P 216 -26.13 -40.48 16.09
CA THR P 216 -26.28 -41.71 15.34
C THR P 216 -26.72 -42.85 16.24
N THR P 217 -27.60 -43.70 15.73
CA THR P 217 -28.12 -44.85 16.46
C THR P 217 -27.68 -46.14 15.79
N LYS P 218 -28.13 -47.27 16.35
CA LYS P 218 -27.78 -48.57 15.82
C LYS P 218 -28.50 -48.90 14.52
N LYS P 219 -29.63 -48.23 14.25
CA LYS P 219 -30.38 -48.51 13.02
C LYS P 219 -29.83 -47.78 11.81
N ALA P 220 -29.14 -46.66 12.01
CA ALA P 220 -28.61 -45.90 10.89
C ALA P 220 -27.30 -46.51 10.41
N ARG P 221 -26.99 -46.24 9.13
CA ARG P 221 -25.77 -46.72 8.49
C ARG P 221 -24.98 -45.51 8.00
N SER P 222 -24.12 -44.99 8.86
CA SER P 222 -23.30 -43.82 8.53
C SER P 222 -22.02 -43.86 9.35
N ASP P 223 -20.90 -43.68 8.69
CA ASP P 223 -19.60 -43.71 9.37
C ASP P 223 -19.45 -42.50 10.28
N PRO P 224 -19.29 -42.68 11.59
CA PRO P 224 -19.21 -41.52 12.48
C PRO P 224 -17.96 -40.70 12.32
N LEU P 225 -16.87 -41.28 11.82
CA LEU P 225 -15.62 -40.58 11.62
C LEU P 225 -15.76 -39.65 10.43
N PHE P 226 -16.07 -38.38 10.70
CA PHE P 226 -16.29 -37.40 9.64
C PHE P 226 -14.97 -37.03 9.00
N SER P 227 -14.72 -37.55 7.80
CA SER P 227 -13.56 -37.12 7.03
C SER P 227 -13.77 -35.69 6.55
N ALA P 228 -12.68 -34.93 6.47
CA ALA P 228 -12.75 -33.56 6.02
C ALA P 228 -13.17 -33.49 4.55
N GLN P 229 -13.48 -32.28 4.09
CA GLN P 229 -13.83 -32.08 2.69
C GLN P 229 -12.60 -32.31 1.82
N ARG P 230 -12.77 -33.07 0.75
CA ARG P 230 -11.65 -33.37 -0.13
C ARG P 230 -11.56 -32.33 -1.24
N LEU P 231 -10.33 -31.91 -1.55
CA LEU P 231 -10.08 -30.86 -2.51
C LEU P 231 -8.98 -31.36 -3.46
N PRO P 232 -9.15 -31.18 -4.77
CA PRO P 232 -8.11 -31.61 -5.72
C PRO P 232 -6.77 -30.95 -5.44
N PRO P 233 -6.71 -29.65 -5.16
CA PRO P 233 -5.42 -29.09 -4.71
C PRO P 233 -5.06 -29.59 -3.33
N HIS P 234 -3.76 -29.78 -3.10
CA HIS P 234 -3.28 -30.32 -1.84
C HIS P 234 -3.64 -29.39 -0.68
N GLY P 235 -3.79 -29.98 0.51
CA GLY P 235 -4.23 -29.24 1.67
C GLY P 235 -3.45 -29.62 2.91
N TYR P 236 -3.76 -28.90 3.99
CA TYR P 236 -3.11 -29.06 5.29
C TYR P 236 -4.13 -29.40 6.37
N PRO P 237 -3.87 -30.41 7.21
CA PRO P 237 -4.70 -30.59 8.41
C PRO P 237 -4.42 -29.47 9.40
N LEU P 238 -5.46 -28.68 9.68
CA LEU P 238 -5.25 -27.37 10.29
C LEU P 238 -5.12 -27.42 11.81
N GLU P 239 -5.80 -28.35 12.49
CA GLU P 239 -5.82 -28.35 13.94
C GLU P 239 -5.34 -29.68 14.51
N HIS P 240 -4.35 -30.29 13.87
CA HIS P 240 -3.79 -31.55 14.36
C HIS P 240 -2.37 -31.34 14.85
N PRO P 241 -2.11 -31.44 16.15
CA PRO P 241 -0.74 -31.31 16.66
C PRO P 241 0.11 -32.54 16.39
N PHE P 242 0.77 -32.58 15.23
CA PHE P 242 1.56 -33.72 14.80
C PHE P 242 2.57 -34.17 15.85
N ASN P 243 3.01 -35.42 15.75
CA ASN P 243 3.89 -36.03 16.75
C ASN P 243 5.13 -35.18 17.00
N LYS P 244 5.61 -35.25 18.23
CA LYS P 244 6.78 -34.48 18.67
C LYS P 244 7.31 -35.13 19.95
N ASP P 245 8.55 -34.80 20.29
CA ASP P 245 9.20 -35.21 21.53
C ASP P 245 8.97 -36.67 21.91
N GLY P 246 8.81 -37.54 20.92
CA GLY P 246 8.40 -38.90 21.18
C GLY P 246 7.04 -38.94 21.83
N TYR P 247 6.01 -38.50 21.10
CA TYR P 247 4.67 -38.35 21.66
C TYR P 247 3.70 -38.49 20.50
N ARG P 248 3.05 -39.65 20.41
CA ARG P 248 2.20 -39.99 19.28
C ARG P 248 0.77 -39.51 19.53
N TYR P 249 0.12 -39.10 18.45
CA TYR P 249 -1.15 -38.39 18.49
C TYR P 249 -2.12 -39.06 17.54
N ILE P 250 -3.26 -39.52 18.07
CA ILE P 250 -4.21 -40.28 17.27
C ILE P 250 -5.62 -39.72 17.47
N LEU P 251 -6.49 -40.06 16.52
CA LEU P 251 -7.90 -39.67 16.59
C LEU P 251 -8.59 -40.40 17.73
N ALA P 252 -9.67 -39.80 18.22
CA ALA P 252 -10.43 -40.36 19.33
C ALA P 252 -11.91 -40.32 19.01
N GLU P 253 -12.63 -41.31 19.54
CA GLU P 253 -14.08 -41.39 19.45
C GLU P 253 -14.61 -41.75 20.84
N PRO P 254 -15.82 -41.29 21.18
CA PRO P 254 -16.33 -41.49 22.54
C PRO P 254 -16.39 -42.95 22.95
N ASP P 255 -17.12 -43.77 22.20
CA ASP P 255 -17.31 -45.19 22.50
C ASP P 255 -17.74 -45.35 23.96
N PRO P 256 -18.98 -44.96 24.30
CA PRO P 256 -19.36 -44.91 25.72
C PRO P 256 -19.29 -46.25 26.43
N HIS P 257 -19.22 -47.36 25.71
CA HIS P 257 -19.22 -48.68 26.34
C HIS P 257 -18.63 -49.68 25.36
N ALA P 258 -17.48 -50.26 25.72
CA ALA P 258 -16.99 -51.43 24.98
C ALA P 258 -18.07 -52.49 25.08
N PRO P 259 -18.72 -52.84 23.97
CA PRO P 259 -20.03 -53.50 24.05
C PRO P 259 -20.00 -54.85 24.76
N ASP P 260 -20.58 -54.88 25.96
CA ASP P 260 -20.86 -56.12 26.66
C ASP P 260 -22.27 -56.12 27.26
N PRO P 261 -23.31 -55.69 26.52
CA PRO P 261 -24.65 -55.67 27.14
C PRO P 261 -25.41 -56.96 26.91
N GLU P 262 -25.89 -57.58 27.98
CA GLU P 262 -26.68 -58.80 27.89
C GLU P 262 -27.89 -58.65 28.81
N LYS P 263 -28.66 -59.73 28.96
CA LYS P 263 -29.82 -59.70 29.83
C LYS P 263 -29.38 -59.59 31.29
N LEU P 264 -30.29 -59.09 32.13
CA LEU P 264 -30.00 -58.89 33.55
C LEU P 264 -29.88 -60.26 34.21
N GLU P 265 -28.64 -60.64 34.51
CA GLU P 265 -28.38 -61.93 35.14
C GLU P 265 -28.80 -61.91 36.61
N LEU P 266 -29.20 -63.08 37.11
CA LEU P 266 -29.58 -63.19 38.51
C LEU P 266 -28.44 -62.80 39.44
N ASP P 267 -27.20 -63.04 39.03
CA ASP P 267 -26.03 -62.64 39.79
C ASP P 267 -25.60 -61.26 39.30
N CYS P 268 -25.71 -60.25 40.17
CA CYS P 268 -25.39 -58.88 39.81
C CYS P 268 -23.91 -58.57 39.94
N TRP P 269 -23.06 -59.57 40.10
CA TRP P 269 -21.61 -59.38 40.20
C TRP P 269 -20.89 -60.43 39.37
N ALA P 270 -21.41 -60.71 38.18
CA ALA P 270 -20.82 -61.70 37.27
C ALA P 270 -19.98 -61.04 36.18
N GLY P 271 -20.58 -60.13 35.41
CA GLY P 271 -19.91 -59.52 34.28
C GLY P 271 -19.33 -58.15 34.59
N LYS P 272 -18.35 -57.76 33.78
CA LYS P 272 -17.72 -56.45 33.86
C LYS P 272 -17.92 -55.69 32.57
N PRO P 273 -18.36 -54.43 32.62
CA PRO P 273 -18.65 -53.71 31.38
C PRO P 273 -17.41 -53.37 30.57
N ILE P 274 -16.25 -53.28 31.21
CA ILE P 274 -15.00 -52.85 30.56
C ILE P 274 -15.25 -51.48 29.92
N PRO P 275 -15.64 -50.45 30.68
CA PRO P 275 -15.92 -49.14 30.05
C PRO P 275 -14.66 -48.34 29.77
N GLY P 276 -13.98 -48.71 28.68
CA GLY P 276 -12.84 -47.94 28.25
C GLY P 276 -13.19 -46.52 27.88
N ASP P 277 -14.42 -46.30 27.40
CA ASP P 277 -14.91 -44.99 27.02
C ASP P 277 -13.99 -44.33 26.00
N LEU P 278 -13.47 -45.14 25.08
CA LEU P 278 -12.47 -44.67 24.13
C LEU P 278 -12.29 -45.71 23.03
N TYR P 279 -11.54 -45.34 22.00
CA TYR P 279 -11.09 -46.24 20.95
C TYR P 279 -10.13 -45.50 20.03
N ARG P 280 -9.31 -46.28 19.31
CA ARG P 280 -8.34 -45.76 18.37
C ARG P 280 -8.90 -45.62 16.95
N ALA P 281 -10.20 -45.37 16.82
CA ALA P 281 -10.84 -45.30 15.51
C ALA P 281 -10.09 -44.34 14.59
N CYS P 282 -9.78 -44.83 13.39
CA CYS P 282 -8.94 -44.11 12.43
C CYS P 282 -9.81 -43.47 11.36
N LEU P 283 -9.58 -42.18 11.10
CA LEU P 283 -10.33 -41.43 10.10
C LEU P 283 -9.81 -41.82 8.71
N TYR P 284 -10.22 -43.01 8.26
CA TYR P 284 -9.76 -43.54 6.99
C TYR P 284 -10.74 -44.60 6.50
N GLU P 285 -11.07 -44.53 5.21
CA GLU P 285 -11.87 -45.58 4.59
C GLU P 285 -11.01 -46.79 4.26
N ARG P 286 -9.75 -46.57 3.90
CA ARG P 286 -8.78 -47.62 3.65
C ARG P 286 -7.48 -47.24 4.32
N VAL P 287 -6.53 -48.18 4.33
CA VAL P 287 -5.24 -47.95 4.97
C VAL P 287 -4.47 -46.95 4.11
N LEU P 288 -4.35 -45.72 4.61
CA LEU P 288 -3.75 -44.64 3.82
C LEU P 288 -2.61 -43.98 4.56
N LEU P 289 -2.09 -42.88 4.03
CA LEU P 289 -0.99 -42.15 4.66
C LEU P 289 -1.53 -41.39 5.86
N ALA P 290 -1.14 -41.82 7.06
CA ALA P 290 -1.70 -41.25 8.29
C ALA P 290 -1.37 -39.77 8.40
N LEU P 291 -2.42 -38.95 8.57
CA LEU P 291 -2.23 -37.52 8.75
C LEU P 291 -1.62 -37.18 10.10
N HIS P 292 -1.67 -38.11 11.05
CA HIS P 292 -1.14 -37.85 12.38
C HIS P 292 0.39 -37.79 12.39
N ASP P 293 1.04 -38.30 11.35
CA ASP P 293 2.48 -38.46 11.30
C ASP P 293 3.06 -37.79 10.06
N ARG P 294 2.65 -36.55 9.83
CA ARG P 294 3.17 -35.73 8.76
C ARG P 294 3.77 -34.47 9.35
N ALA P 295 4.62 -33.83 8.56
CA ALA P 295 5.14 -32.55 9.01
C ALA P 295 4.16 -31.43 8.67
N PRO P 296 4.19 -30.32 9.42
CA PRO P 296 3.32 -29.19 9.09
C PRO P 296 3.58 -28.59 7.71
N GLN P 297 4.68 -28.95 7.04
CA GLN P 297 4.98 -28.48 5.70
C GLN P 297 4.66 -29.53 4.64
N LEU P 298 3.73 -30.43 4.92
CA LEU P 298 3.44 -31.58 4.06
C LEU P 298 1.98 -31.52 3.64
N LYS P 299 1.73 -31.41 2.34
CA LYS P 299 0.39 -31.27 1.79
C LYS P 299 -0.05 -32.58 1.14
N ILE P 300 -1.34 -32.88 1.25
CA ILE P 300 -1.91 -34.10 0.68
C ILE P 300 -3.07 -33.75 -0.23
N SER P 301 -3.25 -34.57 -1.26
CA SER P 301 -4.40 -34.48 -2.16
C SER P 301 -5.04 -35.86 -2.22
N ASP P 302 -6.20 -36.01 -1.59
CA ASP P 302 -6.86 -37.30 -1.53
C ASP P 302 -7.53 -37.69 -2.84
N ASP P 303 -7.50 -36.82 -3.86
CA ASP P 303 -7.91 -37.24 -5.19
C ASP P 303 -7.05 -38.41 -5.66
N ARG P 304 -5.76 -38.36 -5.37
CA ARG P 304 -4.86 -39.49 -5.55
C ARG P 304 -4.08 -39.78 -4.27
N LEU P 305 -4.44 -39.14 -3.16
CA LEU P 305 -3.68 -39.21 -1.91
C LEU P 305 -2.21 -38.88 -2.14
N THR P 306 -1.93 -38.09 -3.17
CA THR P 306 -0.56 -37.68 -3.43
C THR P 306 -0.08 -36.78 -2.30
N VAL P 307 1.24 -36.70 -2.16
CA VAL P 307 1.86 -35.86 -1.16
C VAL P 307 2.81 -34.91 -1.87
N VAL P 308 2.88 -33.68 -1.37
CA VAL P 308 3.66 -32.61 -1.99
C VAL P 308 4.21 -31.71 -0.87
N GLY P 309 5.29 -30.98 -1.19
CA GLY P 309 5.84 -30.01 -0.28
C GLY P 309 6.26 -28.76 -1.03
N GLU P 310 6.78 -27.80 -0.27
CA GLU P 310 7.19 -26.52 -0.82
C GLU P 310 8.67 -26.21 -0.62
N LYS P 311 9.21 -26.46 0.57
CA LYS P 311 10.60 -26.11 0.87
C LYS P 311 11.34 -27.34 1.39
N GLY P 312 12.46 -27.65 0.75
CA GLY P 312 13.32 -28.73 1.18
C GLY P 312 12.63 -30.07 1.14
N TYR P 313 13.02 -30.94 2.07
CA TYR P 313 12.53 -32.30 2.17
C TYR P 313 11.62 -32.45 3.39
N SER P 314 10.72 -33.42 3.32
CA SER P 314 9.87 -33.78 4.45
C SER P 314 9.49 -35.24 4.29
N MET P 315 8.85 -35.79 5.32
CA MET P 315 8.53 -37.21 5.32
C MET P 315 7.12 -37.45 5.83
N VAL P 316 6.42 -38.37 5.16
CA VAL P 316 5.11 -38.84 5.58
C VAL P 316 5.14 -40.36 5.59
N ARG P 317 4.23 -40.95 6.36
CA ARG P 317 4.14 -42.39 6.51
C ARG P 317 2.70 -42.85 6.36
N ALA P 318 2.53 -44.15 6.18
CA ALA P 318 1.21 -44.74 6.00
C ALA P 318 0.54 -44.94 7.36
N SER P 319 -0.70 -45.44 7.32
CA SER P 319 -1.43 -45.70 8.55
C SER P 319 -0.92 -46.95 9.26
N HIS P 320 -0.56 -47.97 8.49
CA HIS P 320 -0.19 -49.26 9.05
C HIS P 320 1.31 -49.30 9.37
N GLY P 321 1.74 -50.42 9.95
CA GLY P 321 3.13 -50.66 10.28
C GLY P 321 3.42 -52.13 10.41
N VAL P 322 4.47 -52.61 9.76
CA VAL P 322 4.78 -54.03 9.72
C VAL P 322 5.59 -54.42 10.95
N ARG P 323 5.28 -55.60 11.52
CA ARG P 323 6.06 -56.18 12.60
C ARG P 323 6.63 -57.55 12.26
N LYS P 324 6.06 -58.26 11.28
CA LYS P 324 6.55 -59.57 10.90
C LYS P 324 6.08 -59.86 9.48
N GLY P 325 6.53 -61.00 8.96
CA GLY P 325 6.08 -61.47 7.67
C GLY P 325 6.64 -60.69 6.50
N ALA P 326 6.18 -61.05 5.32
CA ALA P 326 6.55 -60.38 4.08
C ALA P 326 5.34 -59.67 3.50
N TRP P 327 5.59 -58.53 2.87
CA TRP P 327 4.50 -57.72 2.34
C TRP P 327 5.06 -56.84 1.24
N TYR P 328 4.20 -55.96 0.72
CA TYR P 328 4.46 -55.34 -0.58
C TYR P 328 3.45 -54.24 -0.81
N PHE P 329 3.91 -53.16 -1.44
CA PHE P 329 3.05 -52.02 -1.80
C PHE P 329 3.63 -51.38 -3.06
N GLU P 330 3.14 -50.18 -3.40
CA GLU P 330 3.75 -49.45 -4.51
C GLU P 330 3.72 -47.96 -4.25
N ILE P 331 4.53 -47.24 -5.04
CA ILE P 331 4.45 -45.79 -5.13
C ILE P 331 4.28 -45.43 -6.60
N THR P 332 3.31 -44.57 -6.88
CA THR P 332 3.07 -44.03 -8.20
C THR P 332 3.50 -42.57 -8.22
N VAL P 333 4.35 -42.22 -9.17
CA VAL P 333 4.90 -40.87 -9.29
C VAL P 333 4.12 -40.14 -10.38
N ASP P 334 3.58 -38.97 -10.05
CA ASP P 334 2.77 -38.20 -10.98
C ASP P 334 3.44 -36.93 -11.47
N GLU P 335 4.57 -36.53 -10.88
CA GLU P 335 5.26 -35.30 -11.28
C GLU P 335 6.68 -35.35 -10.74
N MET P 336 7.66 -35.20 -11.63
CA MET P 336 9.07 -35.19 -11.26
C MET P 336 9.84 -34.23 -12.16
N PRO P 337 9.71 -32.92 -11.93
CA PRO P 337 10.60 -31.95 -12.58
C PRO P 337 12.03 -32.15 -12.14
N PRO P 338 13.00 -31.51 -12.82
CA PRO P 338 14.41 -31.70 -12.44
C PRO P 338 14.72 -31.25 -11.02
N ASP P 339 14.14 -30.15 -10.55
CA ASP P 339 14.32 -29.73 -9.17
C ASP P 339 13.36 -30.41 -8.22
N THR P 340 12.84 -31.55 -8.64
CA THR P 340 11.87 -32.34 -7.89
C THR P 340 12.39 -33.76 -7.79
N ALA P 341 12.80 -34.16 -6.59
CA ALA P 341 13.36 -35.49 -6.35
C ALA P 341 12.71 -36.07 -5.09
N ALA P 342 11.72 -36.95 -5.28
CA ALA P 342 11.14 -37.65 -4.16
C ALA P 342 12.05 -38.81 -3.74
N ARG P 343 11.81 -39.32 -2.54
CA ARG P 343 12.50 -40.50 -2.04
C ARG P 343 11.46 -41.42 -1.43
N LEU P 344 11.62 -42.72 -1.65
CA LEU P 344 10.56 -43.66 -1.28
C LEU P 344 11.17 -44.87 -0.61
N GLY P 345 10.61 -45.28 0.53
CA GLY P 345 11.15 -46.46 1.18
C GLY P 345 10.45 -46.85 2.45
N TRP P 346 11.22 -47.32 3.44
CA TRP P 346 10.69 -47.68 4.74
C TRP P 346 11.41 -46.90 5.83
N SER P 347 10.73 -46.76 6.96
CA SER P 347 11.33 -46.12 8.12
C SER P 347 10.64 -46.62 9.38
N GLN P 348 11.46 -46.92 10.38
CA GLN P 348 11.02 -47.25 11.73
C GLN P 348 10.59 -45.98 12.44
N PRO P 349 9.77 -46.10 13.51
CA PRO P 349 9.63 -44.97 14.43
C PRO P 349 11.00 -44.48 14.91
N LEU P 350 11.04 -43.30 15.51
CA LEU P 350 12.23 -42.48 15.76
C LEU P 350 12.59 -41.72 14.48
N GLY P 351 11.88 -41.94 13.39
CA GLY P 351 12.17 -41.25 12.15
C GLY P 351 11.61 -39.84 12.14
N ASN P 352 12.48 -38.85 12.24
CA ASN P 352 12.07 -37.45 12.18
C ASN P 352 11.48 -37.11 10.82
N LEU P 353 10.16 -36.85 10.81
CA LEU P 353 9.38 -36.65 9.59
C LEU P 353 9.74 -35.38 8.84
N GLN P 354 10.64 -34.56 9.38
CA GLN P 354 11.18 -33.45 8.62
C GLN P 354 12.43 -33.82 7.83
N ALA P 355 13.07 -34.96 8.14
CA ALA P 355 14.28 -35.41 7.48
C ALA P 355 13.94 -36.18 6.21
N PRO P 356 14.89 -36.30 5.28
CA PRO P 356 14.58 -36.85 3.95
C PRO P 356 14.68 -38.38 3.88
N LEU P 357 14.01 -39.07 4.80
CA LEU P 357 13.76 -40.50 4.68
C LEU P 357 15.05 -41.27 4.35
N GLY P 358 15.96 -41.29 5.32
CA GLY P 358 17.21 -41.98 5.14
C GLY P 358 18.37 -41.22 5.74
N TYR P 359 18.04 -40.07 6.34
CA TYR P 359 19.07 -39.28 7.02
C TYR P 359 19.55 -39.95 8.30
N ASP P 360 18.73 -40.83 8.89
CA ASP P 360 19.08 -41.58 10.08
C ASP P 360 19.30 -43.05 9.73
N LYS P 361 19.73 -43.83 10.72
CA LYS P 361 19.99 -45.25 10.52
C LYS P 361 18.74 -46.11 10.58
N PHE P 362 17.60 -45.51 10.91
CA PHE P 362 16.34 -46.24 11.03
C PHE P 362 15.48 -46.12 9.78
N SER P 363 16.02 -45.56 8.70
CA SER P 363 15.26 -45.37 7.47
C SER P 363 16.10 -45.80 6.27
N TYR P 364 15.45 -46.46 5.32
CA TYR P 364 16.09 -46.96 4.11
C TYR P 364 15.19 -46.65 2.93
N SER P 365 15.67 -45.82 2.01
CA SER P 365 14.81 -45.37 0.91
C SER P 365 15.58 -45.42 -0.40
N TRP P 366 14.93 -44.92 -1.45
CA TRP P 366 15.51 -44.78 -2.77
C TRP P 366 15.30 -43.35 -3.23
N ARG P 367 16.33 -42.79 -3.86
CA ARG P 367 16.25 -41.45 -4.42
C ARG P 367 15.71 -41.52 -5.84
N SER P 368 14.67 -40.73 -6.10
CA SER P 368 13.99 -40.78 -7.40
C SER P 368 14.58 -39.78 -8.39
N LYS P 369 15.90 -39.80 -8.54
CA LYS P 369 16.57 -39.19 -9.69
C LYS P 369 17.29 -40.26 -10.51
N LYS P 370 18.22 -40.98 -9.89
CA LYS P 370 18.69 -42.27 -10.35
C LYS P 370 18.46 -43.25 -9.21
N GLY P 371 18.09 -44.48 -9.54
CA GLY P 371 17.85 -45.45 -8.50
C GLY P 371 19.07 -45.61 -7.62
N THR P 372 18.99 -45.05 -6.43
CA THR P 372 20.11 -45.02 -5.51
C THR P 372 19.58 -45.23 -4.10
N LYS P 373 20.09 -46.25 -3.43
CA LYS P 373 19.63 -46.60 -2.10
C LYS P 373 20.25 -45.65 -1.08
N PHE P 374 19.41 -44.99 -0.29
CA PHE P 374 19.85 -43.99 0.66
C PHE P 374 19.54 -44.47 2.07
N HIS P 375 20.58 -44.55 2.90
CA HIS P 375 20.43 -44.93 4.29
C HIS P 375 21.60 -44.36 5.07
N GLN P 376 21.31 -43.84 6.26
CA GLN P 376 22.29 -43.09 7.06
C GLN P 376 22.82 -41.90 6.28
N SER P 377 21.94 -41.31 5.45
CA SER P 377 22.27 -40.24 4.51
C SER P 377 23.31 -40.66 3.47
N ILE P 378 23.70 -41.93 3.48
CA ILE P 378 24.68 -42.45 2.54
C ILE P 378 23.95 -42.95 1.30
N GLY P 379 24.44 -42.56 0.13
CA GLY P 379 23.90 -43.03 -1.14
C GLY P 379 24.75 -44.14 -1.69
N LYS P 380 24.08 -45.19 -2.17
CA LYS P 380 24.72 -46.36 -2.74
C LYS P 380 24.09 -46.65 -4.09
N HIS P 381 24.94 -46.92 -5.09
CA HIS P 381 24.50 -47.19 -6.44
C HIS P 381 24.27 -48.68 -6.69
N TYR P 382 24.13 -49.48 -5.63
CA TYR P 382 23.78 -50.88 -5.75
C TYR P 382 22.30 -51.00 -6.11
N SER P 383 21.94 -50.53 -7.29
CA SER P 383 20.53 -50.34 -7.65
C SER P 383 20.42 -50.13 -9.15
N SER P 384 19.18 -50.12 -9.62
CA SER P 384 18.87 -49.90 -11.02
C SER P 384 18.63 -48.41 -11.28
N GLY P 385 18.09 -48.07 -12.44
CA GLY P 385 17.78 -46.70 -12.78
C GLY P 385 16.30 -46.39 -12.62
N TYR P 386 16.02 -45.15 -12.24
CA TYR P 386 14.66 -44.70 -11.98
C TYR P 386 14.14 -43.86 -13.16
N GLY P 387 12.83 -43.95 -13.38
CA GLY P 387 12.19 -43.22 -14.47
C GLY P 387 11.15 -42.26 -13.93
N GLN P 388 10.89 -41.21 -14.71
CA GLN P 388 10.01 -40.13 -14.26
C GLN P 388 8.58 -40.61 -14.05
N GLY P 389 8.13 -41.60 -14.82
CA GLY P 389 6.78 -42.10 -14.70
C GLY P 389 6.75 -43.51 -14.15
N ASP P 390 7.59 -43.76 -13.15
CA ASP P 390 7.76 -45.10 -12.62
C ASP P 390 6.65 -45.43 -11.62
N VAL P 391 6.01 -46.57 -11.84
CA VAL P 391 5.10 -47.17 -10.87
C VAL P 391 5.90 -48.25 -10.16
N LEU P 392 6.47 -47.89 -9.02
CA LEU P 392 7.50 -48.71 -8.39
C LEU P 392 6.90 -49.61 -7.33
N GLY P 393 7.25 -50.88 -7.39
CA GLY P 393 6.79 -51.87 -6.42
C GLY P 393 7.84 -52.06 -5.33
N PHE P 394 7.36 -52.27 -4.11
CA PHE P 394 8.21 -52.32 -2.92
C PHE P 394 7.88 -53.58 -2.14
N TYR P 395 8.79 -54.54 -2.11
CA TYR P 395 8.62 -55.78 -1.39
C TYR P 395 9.56 -55.79 -0.19
N ILE P 396 9.09 -56.32 0.93
CA ILE P 396 9.88 -56.30 2.15
C ILE P 396 9.47 -57.43 3.08
N ASN P 397 10.44 -58.18 3.59
CA ASN P 397 10.18 -59.35 4.42
C ASN P 397 10.96 -59.23 5.71
N LEU P 398 10.26 -59.09 6.82
CA LEU P 398 10.86 -59.14 8.14
C LEU P 398 10.49 -60.45 8.82
N PRO P 399 11.37 -61.00 9.64
CA PRO P 399 11.08 -62.29 10.29
C PRO P 399 9.92 -62.15 11.27
N GLU P 400 9.45 -63.30 11.75
CA GLU P 400 8.45 -63.31 12.79
C GLU P 400 9.00 -62.62 14.04
N ASP P 401 8.09 -62.23 14.94
CA ASP P 401 8.51 -61.53 16.16
C ASP P 401 9.42 -62.39 17.02
N THR P 402 9.47 -63.70 16.78
CA THR P 402 10.45 -64.54 17.47
C THR P 402 11.87 -64.06 17.18
N GLU P 403 12.29 -64.18 15.92
CA GLU P 403 13.62 -63.75 15.52
C GLU P 403 13.79 -62.24 15.65
N THR P 404 12.70 -61.49 15.79
CA THR P 404 12.79 -60.06 15.98
C THR P 404 13.14 -59.71 17.42
N ALA P 405 12.56 -60.41 18.38
CA ALA P 405 12.74 -60.11 19.79
C ALA P 405 13.42 -61.23 20.57
N LYS P 406 13.15 -62.50 20.21
CA LYS P 406 13.59 -63.66 20.98
C LYS P 406 13.14 -63.61 22.42
N SER P 407 12.07 -62.85 22.69
CA SER P 407 11.59 -62.60 24.03
C SER P 407 10.13 -62.16 23.93
N LEU P 408 9.62 -61.59 24.99
CA LEU P 408 8.23 -61.12 25.04
C LEU P 408 8.02 -59.94 24.10
N PRO P 409 7.16 -60.06 23.07
CA PRO P 409 6.71 -58.86 22.33
C PRO P 409 5.44 -58.27 22.92
N ASP P 410 5.47 -57.98 24.22
CA ASP P 410 4.33 -57.36 24.87
C ASP P 410 4.10 -55.97 24.32
N THR P 411 2.83 -55.55 24.33
CA THR P 411 2.41 -54.28 23.75
C THR P 411 1.55 -53.51 24.74
N TYR P 412 2.04 -53.35 25.96
CA TYR P 412 1.35 -52.52 26.93
C TYR P 412 1.32 -51.08 26.42
N LYS P 413 0.12 -50.57 26.18
CA LYS P 413 -0.08 -49.31 25.48
C LYS P 413 -0.36 -48.19 26.47
N ASP P 414 0.03 -46.98 26.07
CA ASP P 414 -0.32 -45.77 26.79
C ASP P 414 -1.52 -45.11 26.11
N LYS P 415 -2.42 -44.56 26.92
CA LYS P 415 -3.61 -43.90 26.39
C LYS P 415 -3.93 -42.70 27.26
N ALA P 416 -3.94 -41.52 26.65
CA ALA P 416 -4.26 -40.29 27.34
C ALA P 416 -5.31 -39.52 26.55
N LEU P 417 -6.32 -39.03 27.24
CA LEU P 417 -7.39 -38.29 26.61
C LEU P 417 -7.09 -36.81 26.64
N ILE P 418 -7.27 -36.14 25.50
CA ILE P 418 -7.14 -34.69 25.42
C ILE P 418 -8.28 -34.15 24.59
N LYS P 419 -8.65 -32.91 24.85
CA LYS P 419 -9.66 -32.20 24.06
C LYS P 419 -8.97 -31.01 23.43
N PHE P 420 -8.40 -31.20 22.25
CA PHE P 420 -7.79 -30.09 21.53
C PHE P 420 -8.90 -29.13 21.11
N LYS P 421 -8.51 -28.01 20.47
CA LYS P 421 -9.33 -26.80 20.34
C LYS P 421 -10.80 -27.10 20.16
N SER P 422 -11.16 -28.02 19.27
CA SER P 422 -12.55 -28.38 19.07
C SER P 422 -12.82 -29.89 18.94
N TYR P 423 -11.83 -30.75 19.20
CA TYR P 423 -12.06 -32.17 18.99
C TYR P 423 -11.22 -32.99 19.97
N LEU P 424 -11.71 -34.19 20.27
CA LEU P 424 -11.06 -35.10 21.20
C LEU P 424 -10.01 -35.95 20.49
N TYR P 425 -8.90 -36.21 21.18
CA TYR P 425 -7.79 -36.96 20.62
C TYR P 425 -7.10 -37.75 21.73
N PHE P 426 -6.22 -38.67 21.33
CA PHE P 426 -5.52 -39.54 22.26
C PHE P 426 -4.01 -39.39 22.07
N GLU P 427 -3.30 -39.33 23.18
CA GLU P 427 -1.85 -39.27 23.21
C GLU P 427 -1.29 -40.58 23.73
N GLU P 428 -0.19 -41.03 23.12
CA GLU P 428 0.53 -42.21 23.56
C GLU P 428 2.01 -41.90 23.56
N LYS P 429 2.78 -42.68 24.33
CA LYS P 429 4.21 -42.49 24.41
C LYS P 429 4.90 -43.32 23.33
N ASP P 430 5.74 -42.65 22.53
CA ASP P 430 6.48 -43.29 21.46
C ASP P 430 7.88 -43.66 21.95
N PHE P 431 8.62 -44.35 21.09
CA PHE P 431 9.96 -44.82 21.45
C PHE P 431 10.94 -43.64 21.46
N VAL P 432 12.11 -43.89 22.06
CA VAL P 432 13.13 -42.86 22.25
C VAL P 432 14.27 -43.13 21.27
N ASP P 433 15.01 -42.06 20.95
CA ASP P 433 16.14 -42.15 20.04
C ASP P 433 17.13 -43.21 20.51
N LYS P 434 17.31 -44.26 19.70
CA LYS P 434 18.17 -45.36 20.05
C LYS P 434 19.61 -45.03 19.70
N ALA P 435 20.51 -45.27 20.65
CA ALA P 435 21.95 -45.12 20.44
C ALA P 435 22.58 -46.40 19.91
N GLU P 436 21.78 -47.26 19.26
CA GLU P 436 22.28 -48.54 18.81
C GLU P 436 23.36 -48.37 17.75
N LYS P 437 24.57 -48.83 18.07
CA LYS P 437 25.67 -48.80 17.12
C LYS P 437 26.19 -50.20 16.79
N SER P 438 25.59 -51.25 17.34
CA SER P 438 25.97 -52.62 17.04
C SER P 438 25.01 -53.19 16.01
N LEU P 439 25.55 -53.96 15.08
CA LEU P 439 24.78 -54.50 13.97
C LEU P 439 24.28 -55.89 14.34
N LYS P 440 22.97 -56.02 14.53
CA LYS P 440 22.29 -57.29 14.73
C LYS P 440 21.11 -57.28 13.78
N GLN P 441 21.35 -57.71 12.54
CA GLN P 441 20.31 -57.72 11.52
C GLN P 441 19.22 -58.70 11.90
N THR P 442 17.98 -58.32 11.65
CA THR P 442 16.87 -59.24 11.81
C THR P 442 17.08 -60.44 10.88
N PRO P 443 16.95 -61.66 11.37
CA PRO P 443 17.35 -62.83 10.57
C PRO P 443 16.48 -62.99 9.33
N HIS P 444 17.14 -63.16 8.19
CA HIS P 444 16.50 -63.46 6.91
C HIS P 444 15.54 -62.37 6.45
N SER P 445 15.68 -61.16 6.98
CA SER P 445 14.89 -60.02 6.52
C SER P 445 15.58 -59.36 5.32
N GLU P 446 14.76 -58.86 4.40
CA GLU P 446 15.32 -58.21 3.21
C GLU P 446 14.30 -57.24 2.63
N ILE P 447 14.77 -56.47 1.66
CA ILE P 447 13.99 -55.49 0.93
C ILE P 447 14.30 -55.64 -0.55
N ILE P 448 13.27 -55.71 -1.38
CA ILE P 448 13.43 -55.85 -2.82
C ILE P 448 12.66 -54.72 -3.50
N PHE P 449 13.23 -54.19 -4.57
CA PHE P 449 12.69 -53.06 -5.31
C PHE P 449 12.35 -53.52 -6.71
N TYR P 450 11.18 -53.14 -7.20
CA TYR P 450 10.71 -53.47 -8.54
C TYR P 450 10.35 -52.19 -9.28
N LYS P 451 10.62 -52.17 -10.58
CA LYS P 451 10.14 -51.12 -11.47
C LYS P 451 9.02 -51.71 -12.31
N ASN P 452 7.78 -51.34 -11.99
CA ASN P 452 6.61 -51.87 -12.68
C ASN P 452 6.58 -53.39 -12.60
N GLY P 453 6.93 -53.94 -11.44
CA GLY P 453 7.00 -55.37 -11.25
C GLY P 453 8.33 -55.98 -11.64
N VAL P 454 9.02 -55.40 -12.61
CA VAL P 454 10.34 -55.89 -13.00
C VAL P 454 11.32 -55.67 -11.87
N ASN P 455 12.01 -56.74 -11.47
CA ASN P 455 12.89 -56.70 -10.31
C ASN P 455 14.02 -55.69 -10.49
N GLN P 456 13.96 -54.58 -9.75
CA GLN P 456 15.10 -53.68 -9.69
C GLN P 456 16.19 -54.21 -8.78
N GLY P 457 15.88 -55.16 -7.92
CA GLY P 457 16.87 -55.89 -7.16
C GLY P 457 16.76 -55.65 -5.67
N VAL P 458 17.64 -56.33 -4.93
CA VAL P 458 17.66 -56.19 -3.48
C VAL P 458 18.24 -54.83 -3.10
N ALA P 459 17.60 -54.18 -2.14
CA ALA P 459 18.03 -52.87 -1.67
C ALA P 459 18.83 -52.96 -0.36
N TYR P 460 18.24 -53.56 0.66
CA TYR P 460 18.89 -53.71 1.96
C TYR P 460 18.61 -55.09 2.52
N LYS P 461 19.67 -55.86 2.77
CA LYS P 461 19.52 -57.12 3.48
C LYS P 461 19.66 -56.93 4.98
N ASP P 462 20.56 -56.05 5.40
CA ASP P 462 20.73 -55.73 6.81
C ASP P 462 19.56 -54.85 7.25
N ILE P 463 18.69 -55.40 8.10
CA ILE P 463 17.52 -54.68 8.59
C ILE P 463 17.53 -54.76 10.11
N PHE P 464 17.55 -53.60 10.77
CA PHE P 464 17.54 -53.54 12.21
C PHE P 464 16.16 -53.90 12.75
N GLU P 465 16.13 -54.20 14.05
CA GLU P 465 14.88 -54.55 14.71
C GLU P 465 13.97 -53.33 14.78
N GLY P 466 12.79 -53.54 15.34
CA GLY P 466 11.80 -52.47 15.47
C GLY P 466 10.86 -52.45 14.28
N VAL P 467 9.62 -52.07 14.54
CA VAL P 467 8.62 -52.04 13.49
C VAL P 467 8.98 -50.99 12.44
N TYR P 468 8.61 -51.26 11.19
CA TYR P 468 8.85 -50.34 10.10
C TYR P 468 7.52 -49.96 9.46
N PHE P 469 7.53 -48.85 8.73
CA PHE P 469 6.35 -48.44 7.99
C PHE P 469 6.77 -47.81 6.68
N PRO P 470 5.96 -47.95 5.62
CA PRO P 470 6.33 -47.32 4.34
C PRO P 470 6.24 -45.81 4.43
N ALA P 471 7.22 -45.14 3.84
CA ALA P 471 7.37 -43.70 3.99
C ALA P 471 7.79 -43.07 2.68
N ILE P 472 7.45 -41.79 2.55
CA ILE P 472 7.71 -40.99 1.37
C ILE P 472 8.32 -39.66 1.81
N SER P 473 9.43 -39.30 1.20
CA SER P 473 10.07 -38.00 1.42
C SER P 473 9.90 -37.12 0.19
N LEU P 474 9.51 -35.89 0.42
CA LEU P 474 9.34 -34.88 -0.61
C LEU P 474 10.51 -33.92 -0.62
N TYR P 475 10.98 -33.60 -1.82
CA TYR P 475 11.77 -32.42 -2.07
C TYR P 475 10.81 -31.32 -2.49
N LYS P 476 11.34 -30.21 -2.98
CA LYS P 476 10.50 -29.09 -3.41
C LYS P 476 9.51 -29.52 -4.49
N SER P 477 8.23 -29.54 -4.15
CA SER P 477 7.14 -29.86 -5.07
C SER P 477 7.35 -31.20 -5.78
N CYS P 478 7.30 -32.28 -5.00
CA CYS P 478 7.28 -33.63 -5.52
C CYS P 478 5.88 -34.22 -5.37
N THR P 479 5.42 -34.94 -6.40
CA THR P 479 4.08 -35.52 -6.40
C THR P 479 4.18 -37.04 -6.55
N VAL P 480 3.95 -37.75 -5.45
CA VAL P 480 3.96 -39.21 -5.42
C VAL P 480 2.87 -39.68 -4.47
N SER P 481 2.50 -40.96 -4.61
CA SER P 481 1.42 -41.53 -3.81
C SER P 481 1.68 -43.00 -3.54
N ILE P 482 1.25 -43.47 -2.37
CA ILE P 482 1.36 -44.87 -2.01
C ILE P 482 0.11 -45.61 -2.46
N ASN P 483 0.22 -46.90 -2.70
CA ASN P 483 -0.92 -47.66 -3.17
C ASN P 483 -0.83 -49.13 -2.76
N PHE P 484 -1.99 -49.67 -2.37
CA PHE P 484 -2.18 -51.03 -1.89
C PHE P 484 -2.30 -52.03 -3.04
N GLY P 485 -2.71 -53.25 -2.71
CA GLY P 485 -2.59 -54.39 -3.59
C GLY P 485 -3.78 -54.73 -4.49
N PRO P 486 -5.01 -54.66 -3.98
CA PRO P 486 -6.16 -55.09 -4.80
C PRO P 486 -6.39 -54.30 -6.08
N CYS P 487 -5.82 -53.11 -6.21
CA CYS P 487 -5.86 -52.35 -7.46
C CYS P 487 -4.48 -52.30 -8.11
N PHE P 488 -3.74 -53.39 -8.07
CA PHE P 488 -2.36 -53.27 -8.45
C PHE P 488 -2.24 -53.36 -9.98
N LYS P 489 -1.03 -53.05 -10.48
CA LYS P 489 -0.73 -53.13 -11.90
C LYS P 489 0.16 -54.32 -12.25
N TYR P 490 1.30 -54.49 -11.56
CA TYR P 490 2.20 -55.64 -11.75
C TYR P 490 2.44 -56.26 -10.39
N PRO P 491 1.51 -57.08 -9.91
CA PRO P 491 1.64 -57.65 -8.57
C PRO P 491 2.41 -58.96 -8.60
N PRO P 492 3.16 -59.28 -7.56
CA PRO P 492 3.70 -60.63 -7.45
C PRO P 492 2.61 -61.61 -7.08
N LYS P 493 2.75 -62.84 -7.57
CA LYS P 493 1.75 -63.87 -7.35
C LYS P 493 2.04 -64.72 -6.12
N ASP P 494 2.79 -64.18 -5.18
CA ASP P 494 3.09 -64.93 -3.97
C ASP P 494 1.85 -65.07 -3.10
N LEU P 495 1.72 -66.22 -2.45
CA LEU P 495 0.58 -66.48 -1.58
C LEU P 495 0.84 -66.06 -0.14
N THR P 496 2.05 -65.62 0.17
CA THR P 496 2.42 -65.26 1.53
C THR P 496 2.46 -63.76 1.75
N TYR P 497 2.91 -62.98 0.76
CA TYR P 497 2.97 -61.54 0.92
C TYR P 497 1.57 -60.95 1.04
N ARG P 498 1.49 -59.82 1.76
CA ARG P 498 0.21 -59.20 2.04
C ARG P 498 0.18 -57.76 1.55
N PRO P 499 -0.93 -57.31 0.95
CA PRO P 499 -1.02 -55.92 0.50
C PRO P 499 -1.02 -54.94 1.67
N MET P 500 -1.07 -53.64 1.35
CA MET P 500 -1.11 -52.63 2.40
C MET P 500 -2.38 -52.73 3.22
N SER P 501 -3.51 -52.95 2.57
CA SER P 501 -4.80 -52.96 3.27
C SER P 501 -4.89 -54.10 4.28
N ASP P 502 -4.32 -55.26 3.94
CA ASP P 502 -4.44 -56.43 4.80
C ASP P 502 -3.71 -56.22 6.12
N MET P 503 -2.42 -55.88 6.05
CA MET P 503 -1.69 -55.54 7.27
C MET P 503 -2.29 -54.34 7.97
N GLY P 504 -2.90 -53.43 7.22
CA GLY P 504 -3.57 -52.29 7.83
C GLY P 504 -4.70 -52.69 8.75
N TRP P 505 -5.66 -53.47 8.24
CA TRP P 505 -6.74 -53.89 9.14
C TRP P 505 -6.25 -54.88 10.17
N GLY P 506 -5.16 -55.61 9.90
CA GLY P 506 -4.58 -56.45 10.92
C GLY P 506 -4.11 -55.64 12.12
N ALA P 507 -3.33 -54.58 11.86
CA ALA P 507 -2.86 -53.71 12.93
C ALA P 507 -4.01 -52.97 13.59
N VAL P 508 -5.04 -52.59 12.82
CA VAL P 508 -6.20 -51.91 13.41
C VAL P 508 -6.90 -52.82 14.42
N VAL P 509 -7.15 -54.07 14.02
CA VAL P 509 -7.78 -55.02 14.93
C VAL P 509 -6.86 -55.30 16.13
N GLU P 510 -5.56 -55.36 15.90
CA GLU P 510 -4.61 -55.58 17.00
C GLU P 510 -4.69 -54.47 18.02
N HIS P 511 -4.75 -53.21 17.57
CA HIS P 511 -4.85 -52.10 18.51
C HIS P 511 -6.23 -52.04 19.16
N THR P 512 -7.28 -52.50 18.48
CA THR P 512 -8.57 -52.70 19.12
C THR P 512 -8.44 -53.63 20.32
N LEU P 513 -7.78 -54.78 20.10
CA LEU P 513 -7.56 -55.71 21.20
C LEU P 513 -6.66 -55.11 22.27
N ALA P 514 -5.73 -54.23 21.88
CA ALA P 514 -4.90 -53.54 22.85
C ALA P 514 -5.75 -52.68 23.78
N ASP P 515 -6.67 -51.90 23.21
CA ASP P 515 -7.61 -51.14 24.02
C ASP P 515 -8.42 -52.07 24.92
N VAL P 516 -8.90 -53.18 24.35
CA VAL P 516 -9.66 -54.17 25.11
C VAL P 516 -8.86 -54.62 26.33
N LEU P 517 -7.61 -55.01 26.11
CA LEU P 517 -6.81 -55.60 27.19
C LEU P 517 -6.43 -54.56 28.23
N TYR P 518 -6.17 -53.32 27.82
CA TYR P 518 -5.83 -52.29 28.79
C TYR P 518 -7.03 -51.95 29.67
N HIS P 519 -8.22 -51.80 29.06
CA HIS P 519 -9.42 -51.55 29.84
C HIS P 519 -9.76 -52.75 30.72
N VAL P 520 -9.45 -53.96 30.27
CA VAL P 520 -9.57 -55.14 31.11
C VAL P 520 -8.66 -55.05 32.33
N GLU P 521 -7.36 -54.81 32.08
CA GLU P 521 -6.39 -54.71 33.17
C GLU P 521 -6.84 -53.73 34.23
N THR P 522 -7.15 -52.50 33.82
CA THR P 522 -7.52 -51.48 34.80
C THR P 522 -8.91 -51.72 35.40
N GLU P 523 -9.79 -52.41 34.67
CA GLU P 523 -11.18 -52.51 35.09
C GLU P 523 -11.52 -53.82 35.79
N VAL P 524 -10.94 -54.94 35.38
CA VAL P 524 -11.27 -56.24 35.96
C VAL P 524 -9.97 -56.95 36.32
N ASP P 525 -9.98 -57.61 37.47
CA ASP P 525 -8.79 -58.31 37.95
C ASP P 525 -8.56 -59.58 37.14
N GLY P 526 -7.35 -59.76 36.66
CA GLY P 526 -6.98 -60.99 35.99
C GLY P 526 -6.70 -60.77 34.50
N ARG P 527 -5.81 -61.60 33.97
CA ARG P 527 -5.58 -61.69 32.54
C ARG P 527 -5.08 -63.09 32.19
N ARG P 528 -5.22 -63.46 30.93
CA ARG P 528 -5.01 -64.84 30.48
C ARG P 528 -4.99 -64.93 28.96
N SER P 529 -3.97 -65.57 28.40
CA SER P 529 -3.77 -65.67 26.97
C SER P 529 -3.37 -67.09 26.58
N PRO P 530 -3.70 -67.52 25.37
CA PRO P 530 -3.57 -68.94 25.00
C PRO P 530 -2.12 -69.37 24.84
N PRO P 531 -1.89 -70.67 24.50
CA PRO P 531 -0.53 -71.14 24.20
C PRO P 531 0.27 -70.27 23.26
N TRP P 532 1.37 -69.73 23.83
CA TRP P 532 1.93 -68.44 23.43
C TRP P 532 2.17 -68.30 21.93
N GLU P 533 2.58 -69.37 21.27
CA GLU P 533 3.19 -69.32 19.95
C GLU P 533 2.56 -68.32 18.98
N PRO P 534 1.22 -68.22 18.85
CA PRO P 534 0.75 -67.17 17.95
C PRO P 534 0.58 -65.82 18.65
N SAH Q . 32.05 -6.70 20.83
CA SAH Q . 32.86 -7.30 19.77
CB SAH Q . 32.38 -8.71 19.46
CG SAH Q . 30.87 -8.82 19.26
SD SAH Q . 30.22 -10.44 19.74
C SAH Q . 32.82 -6.45 18.50
O SAH Q . 33.51 -6.74 17.52
OXT SAH Q . 32.10 -5.45 18.43
C5' SAH Q . 29.77 -9.74 21.36
C4' SAH Q . 30.65 -10.30 22.48
O4' SAH Q . 30.73 -9.36 23.54
C3' SAH Q . 30.09 -11.60 23.04
O3' SAH Q . 30.85 -12.69 22.55
C2' SAH Q . 30.25 -11.47 24.54
O2' SAH Q . 31.30 -12.31 24.98
C1' SAH Q . 30.61 -10.02 24.78
N9 SAH Q . 29.55 -9.35 25.57
C8 SAH Q . 28.49 -8.66 25.05
N7 SAH Q . 27.74 -8.20 26.07
C5 SAH Q . 28.31 -8.58 27.24
C6 SAH Q . 27.96 -8.39 28.57
N6 SAH Q . 26.87 -7.69 28.87
N1 SAH Q . 28.75 -8.92 29.56
C2 SAH Q . 29.88 -9.63 29.23
N3 SAH Q . 30.23 -9.83 27.91
C4 SAH Q . 29.45 -9.31 26.92
ZN ZN R . 21.87 -8.20 33.52
N SAH S . 25.91 -6.86 21.02
CA SAH S . 26.38 -8.12 20.45
CB SAH S . 25.20 -8.92 19.90
CG SAH S . 25.50 -10.33 19.42
SD SAH S . 24.14 -11.48 19.73
C SAH S . 27.41 -7.79 19.36
O SAH S . 27.82 -8.62 18.55
OXT SAH S . 27.85 -6.65 19.28
C5' SAH S . 25.15 -12.65 20.67
C4' SAH S . 26.41 -12.10 21.33
O4' SAH S . 26.10 -11.12 22.30
C3' SAH S . 27.20 -13.19 22.04
O3' SAH S . 28.31 -13.58 21.26
C2' SAH S . 27.65 -12.60 23.35
O2' SAH S . 29.05 -12.44 23.36
C1' SAH S . 27.01 -11.22 23.39
N9 SAH S . 26.33 -10.88 24.66
C8 SAH S . 25.19 -10.12 24.75
N7 SAH S . 24.86 -9.99 26.05
C5 SAH S . 25.77 -10.65 26.80
C6 SAH S . 25.87 -10.82 28.18
N6 SAH S . 24.96 -10.28 28.99
N1 SAH S . 26.91 -11.55 28.70
C2 SAH S . 27.84 -12.10 27.84
N3 SAH S . 27.73 -11.93 26.48
C4 SAH S . 26.71 -11.20 25.95
ZN ZN T . 21.96 -7.68 31.56
#